data_1T00
# 
_entry.id   1T00 
# 
_audit_conform.dict_name       mmcif_pdbx.dic 
_audit_conform.dict_version    5.386 
_audit_conform.dict_location   http://mmcif.pdb.org/dictionaries/ascii/mmcif_pdbx.dic 
# 
loop_
_database_2.database_id 
_database_2.database_code 
_database_2.pdbx_database_accession 
_database_2.pdbx_DOI 
PDB   1T00         pdb_00001t00 10.2210/pdb1t00/pdb 
RCSB  RCSB022141   ?            ?                   
WWPDB D_1000022141 ?            ?                   
# 
loop_
_pdbx_audit_revision_history.ordinal 
_pdbx_audit_revision_history.data_content_type 
_pdbx_audit_revision_history.major_revision 
_pdbx_audit_revision_history.minor_revision 
_pdbx_audit_revision_history.revision_date 
1 'Structure model' 1 0 2005-01-25 
2 'Structure model' 1 1 2008-04-30 
3 'Structure model' 1 2 2011-07-13 
4 'Structure model' 1 3 2024-02-14 
# 
_pdbx_audit_revision_details.ordinal             1 
_pdbx_audit_revision_details.revision_ordinal    1 
_pdbx_audit_revision_details.data_content_type   'Structure model' 
_pdbx_audit_revision_details.provider            repository 
_pdbx_audit_revision_details.type                'Initial release' 
_pdbx_audit_revision_details.description         ? 
_pdbx_audit_revision_details.details             ? 
# 
loop_
_pdbx_audit_revision_group.ordinal 
_pdbx_audit_revision_group.revision_ordinal 
_pdbx_audit_revision_group.data_content_type 
_pdbx_audit_revision_group.group 
1 2 'Structure model' 'Version format compliance' 
2 3 'Structure model' 'Source and taxonomy'       
3 3 'Structure model' 'Version format compliance' 
4 4 'Structure model' 'Data collection'           
5 4 'Structure model' 'Database references'       
# 
loop_
_pdbx_audit_revision_category.ordinal 
_pdbx_audit_revision_category.revision_ordinal 
_pdbx_audit_revision_category.data_content_type 
_pdbx_audit_revision_category.category 
1 4 'Structure model' chem_comp_atom     
2 4 'Structure model' chem_comp_bond     
3 4 'Structure model' database_2         
4 4 'Structure model' struct_ref_seq_dif 
# 
loop_
_pdbx_audit_revision_item.ordinal 
_pdbx_audit_revision_item.revision_ordinal 
_pdbx_audit_revision_item.data_content_type 
_pdbx_audit_revision_item.item 
1 4 'Structure model' '_database_2.pdbx_DOI'                
2 4 'Structure model' '_database_2.pdbx_database_accession' 
3 4 'Structure model' '_struct_ref_seq_dif.details'         
# 
_pdbx_database_status.status_code                     REL 
_pdbx_database_status.entry_id                        1T00 
_pdbx_database_status.recvd_initial_deposition_date   2004-04-07 
_pdbx_database_status.deposit_site                    RCSB 
_pdbx_database_status.process_site                    RCSB 
_pdbx_database_status.status_code_sf                  REL 
_pdbx_database_status.status_code_mr                  ? 
_pdbx_database_status.SG_entry                        ? 
_pdbx_database_status.pdb_format_compatible           Y 
_pdbx_database_status.status_code_cs                  ? 
_pdbx_database_status.status_code_nmr_data            ? 
_pdbx_database_status.methods_development_category    ? 
# 
_audit_author.name           'Stefankova, P.' 
_audit_author.pdbx_ordinal   1 
# 
_citation.id                        primary 
_citation.title                     
'Expression, purification and X-ray crystallographic analysis of thioredoxin from Streptomyces coelicolor.' 
_citation.journal_abbrev            'Acta Crystallogr.,Sect.F' 
_citation.journal_volume            61 
_citation.page_first                164 
_citation.page_last                 168 
_citation.year                      2005 
_citation.journal_id_ASTM           ? 
_citation.country                   DK 
_citation.journal_id_ISSN           1744-3091 
_citation.journal_id_CSD            ? 
_citation.book_publisher            ? 
_citation.pdbx_database_id_PubMed   16510983 
_citation.pdbx_database_id_DOI      10.1107/S1744309104032993 
# 
loop_
_citation_author.citation_id 
_citation_author.name 
_citation_author.ordinal 
_citation_author.identifier_ORCID 
primary 'Stefankova, P.' 1 ? 
primary 'Maderova, J.'   2 ? 
primary 'Barak, I.'      3 ? 
primary 'Kollarova, M.'  4 ? 
primary 'Otwinowski, Z.' 5 ? 
# 
loop_
_entity.id 
_entity.type 
_entity.src_method 
_entity.pdbx_description 
_entity.formula_weight 
_entity.pdbx_number_of_molecules 
_entity.pdbx_ec 
_entity.pdbx_mutation 
_entity.pdbx_fragment 
_entity.details 
1 polymer man Thioredoxin 12128.781 1   ? ? ? ? 
2 water   nat water       18.015    150 ? ? ? ? 
# 
_entity_name_com.entity_id   1 
_entity_name_com.name        TRX 
# 
_entity_poly.entity_id                      1 
_entity_poly.type                           'polypeptide(L)' 
_entity_poly.nstd_linkage                   no 
_entity_poly.nstd_monomer                   no 
_entity_poly.pdbx_seq_one_letter_code       
;SHMAGTLKHVTDDSFEQDVLKNDKPVLVDFWAAWCGPCRQIAPSLEAIAAEYGDKIEIVKLNIDENPGTAAKYGVMSIPT
LNVYQGGEVAKTIVGAKPKAAIVRDLEDFIAD
;
_entity_poly.pdbx_seq_one_letter_code_can   
;SHMAGTLKHVTDDSFEQDVLKNDKPVLVDFWAAWCGPCRQIAPSLEAIAAEYGDKIEIVKLNIDENPGTAAKYGVMSIPT
LNVYQGGEVAKTIVGAKPKAAIVRDLEDFIAD
;
_entity_poly.pdbx_strand_id                 A 
_entity_poly.pdbx_target_identifier         ? 
# 
_pdbx_entity_nonpoly.entity_id   2 
_pdbx_entity_nonpoly.name        water 
_pdbx_entity_nonpoly.comp_id     HOH 
# 
loop_
_entity_poly_seq.entity_id 
_entity_poly_seq.num 
_entity_poly_seq.mon_id 
_entity_poly_seq.hetero 
1 1   SER n 
1 2   HIS n 
1 3   MET n 
1 4   ALA n 
1 5   GLY n 
1 6   THR n 
1 7   LEU n 
1 8   LYS n 
1 9   HIS n 
1 10  VAL n 
1 11  THR n 
1 12  ASP n 
1 13  ASP n 
1 14  SER n 
1 15  PHE n 
1 16  GLU n 
1 17  GLN n 
1 18  ASP n 
1 19  VAL n 
1 20  LEU n 
1 21  LYS n 
1 22  ASN n 
1 23  ASP n 
1 24  LYS n 
1 25  PRO n 
1 26  VAL n 
1 27  LEU n 
1 28  VAL n 
1 29  ASP n 
1 30  PHE n 
1 31  TRP n 
1 32  ALA n 
1 33  ALA n 
1 34  TRP n 
1 35  CYS n 
1 36  GLY n 
1 37  PRO n 
1 38  CYS n 
1 39  ARG n 
1 40  GLN n 
1 41  ILE n 
1 42  ALA n 
1 43  PRO n 
1 44  SER n 
1 45  LEU n 
1 46  GLU n 
1 47  ALA n 
1 48  ILE n 
1 49  ALA n 
1 50  ALA n 
1 51  GLU n 
1 52  TYR n 
1 53  GLY n 
1 54  ASP n 
1 55  LYS n 
1 56  ILE n 
1 57  GLU n 
1 58  ILE n 
1 59  VAL n 
1 60  LYS n 
1 61  LEU n 
1 62  ASN n 
1 63  ILE n 
1 64  ASP n 
1 65  GLU n 
1 66  ASN n 
1 67  PRO n 
1 68  GLY n 
1 69  THR n 
1 70  ALA n 
1 71  ALA n 
1 72  LYS n 
1 73  TYR n 
1 74  GLY n 
1 75  VAL n 
1 76  MET n 
1 77  SER n 
1 78  ILE n 
1 79  PRO n 
1 80  THR n 
1 81  LEU n 
1 82  ASN n 
1 83  VAL n 
1 84  TYR n 
1 85  GLN n 
1 86  GLY n 
1 87  GLY n 
1 88  GLU n 
1 89  VAL n 
1 90  ALA n 
1 91  LYS n 
1 92  THR n 
1 93  ILE n 
1 94  VAL n 
1 95  GLY n 
1 96  ALA n 
1 97  LYS n 
1 98  PRO n 
1 99  LYS n 
1 100 ALA n 
1 101 ALA n 
1 102 ILE n 
1 103 VAL n 
1 104 ARG n 
1 105 ASP n 
1 106 LEU n 
1 107 GLU n 
1 108 ASP n 
1 109 PHE n 
1 110 ILE n 
1 111 ALA n 
1 112 ASP n 
# 
_entity_src_gen.entity_id                          1 
_entity_src_gen.pdbx_src_id                        1 
_entity_src_gen.pdbx_alt_source_flag               sample 
_entity_src_gen.pdbx_seq_type                      ? 
_entity_src_gen.pdbx_beg_seq_num                   ? 
_entity_src_gen.pdbx_end_seq_num                   ? 
_entity_src_gen.gene_src_common_name               ? 
_entity_src_gen.gene_src_genus                     Streptomyces 
_entity_src_gen.pdbx_gene_src_gene                 'TRXA, SCO3889, SCH24.11C' 
_entity_src_gen.gene_src_species                   'Streptomyces coelicolor' 
_entity_src_gen.gene_src_strain                    'A3(2)' 
_entity_src_gen.gene_src_tissue                    ? 
_entity_src_gen.gene_src_tissue_fraction           ? 
_entity_src_gen.gene_src_details                   ? 
_entity_src_gen.pdbx_gene_src_fragment             ? 
_entity_src_gen.pdbx_gene_src_scientific_name      'Streptomyces coelicolor' 
_entity_src_gen.pdbx_gene_src_ncbi_taxonomy_id     100226 
_entity_src_gen.pdbx_gene_src_variant              ? 
_entity_src_gen.pdbx_gene_src_cell_line            ? 
_entity_src_gen.pdbx_gene_src_atcc                 ? 
_entity_src_gen.pdbx_gene_src_organ                ? 
_entity_src_gen.pdbx_gene_src_organelle            ? 
_entity_src_gen.pdbx_gene_src_cell                 ? 
_entity_src_gen.pdbx_gene_src_cellular_location    ? 
_entity_src_gen.host_org_common_name               ? 
_entity_src_gen.pdbx_host_org_scientific_name      'Escherichia coli BL21(DE3)' 
_entity_src_gen.pdbx_host_org_ncbi_taxonomy_id     469008 
_entity_src_gen.host_org_genus                     Escherichia 
_entity_src_gen.pdbx_host_org_gene                 ? 
_entity_src_gen.pdbx_host_org_organ                ? 
_entity_src_gen.host_org_species                   'Escherichia coli' 
_entity_src_gen.pdbx_host_org_tissue               ? 
_entity_src_gen.pdbx_host_org_tissue_fraction      ? 
_entity_src_gen.pdbx_host_org_strain               'BL21(DE3)' 
_entity_src_gen.pdbx_host_org_variant              ? 
_entity_src_gen.pdbx_host_org_cell_line            ? 
_entity_src_gen.pdbx_host_org_atcc                 ? 
_entity_src_gen.pdbx_host_org_culture_collection   ? 
_entity_src_gen.pdbx_host_org_cell                 ? 
_entity_src_gen.pdbx_host_org_organelle            ? 
_entity_src_gen.pdbx_host_org_cellular_location    ? 
_entity_src_gen.pdbx_host_org_vector_type          ? 
_entity_src_gen.pdbx_host_org_vector               ? 
_entity_src_gen.host_org_details                   ? 
_entity_src_gen.expression_system_id               ? 
_entity_src_gen.plasmid_name                       pET-15b 
_entity_src_gen.plasmid_details                    ? 
_entity_src_gen.pdbx_description                   ? 
# 
loop_
_chem_comp.id 
_chem_comp.type 
_chem_comp.mon_nstd_flag 
_chem_comp.name 
_chem_comp.pdbx_synonyms 
_chem_comp.formula 
_chem_comp.formula_weight 
ALA 'L-peptide linking' y ALANINE         ? 'C3 H7 N O2'     89.093  
ARG 'L-peptide linking' y ARGININE        ? 'C6 H15 N4 O2 1' 175.209 
ASN 'L-peptide linking' y ASPARAGINE      ? 'C4 H8 N2 O3'    132.118 
ASP 'L-peptide linking' y 'ASPARTIC ACID' ? 'C4 H7 N O4'     133.103 
CYS 'L-peptide linking' y CYSTEINE        ? 'C3 H7 N O2 S'   121.158 
GLN 'L-peptide linking' y GLUTAMINE       ? 'C5 H10 N2 O3'   146.144 
GLU 'L-peptide linking' y 'GLUTAMIC ACID' ? 'C5 H9 N O4'     147.129 
GLY 'peptide linking'   y GLYCINE         ? 'C2 H5 N O2'     75.067  
HIS 'L-peptide linking' y HISTIDINE       ? 'C6 H10 N3 O2 1' 156.162 
HOH non-polymer         . WATER           ? 'H2 O'           18.015  
ILE 'L-peptide linking' y ISOLEUCINE      ? 'C6 H13 N O2'    131.173 
LEU 'L-peptide linking' y LEUCINE         ? 'C6 H13 N O2'    131.173 
LYS 'L-peptide linking' y LYSINE          ? 'C6 H15 N2 O2 1' 147.195 
MET 'L-peptide linking' y METHIONINE      ? 'C5 H11 N O2 S'  149.211 
PHE 'L-peptide linking' y PHENYLALANINE   ? 'C9 H11 N O2'    165.189 
PRO 'L-peptide linking' y PROLINE         ? 'C5 H9 N O2'     115.130 
SER 'L-peptide linking' y SERINE          ? 'C3 H7 N O3'     105.093 
THR 'L-peptide linking' y THREONINE       ? 'C4 H9 N O3'     119.119 
TRP 'L-peptide linking' y TRYPTOPHAN      ? 'C11 H12 N2 O2'  204.225 
TYR 'L-peptide linking' y TYROSINE        ? 'C9 H11 N O3'    181.189 
VAL 'L-peptide linking' y VALINE          ? 'C5 H11 N O2'    117.146 
# 
loop_
_pdbx_poly_seq_scheme.asym_id 
_pdbx_poly_seq_scheme.entity_id 
_pdbx_poly_seq_scheme.seq_id 
_pdbx_poly_seq_scheme.mon_id 
_pdbx_poly_seq_scheme.ndb_seq_num 
_pdbx_poly_seq_scheme.pdb_seq_num 
_pdbx_poly_seq_scheme.auth_seq_num 
_pdbx_poly_seq_scheme.pdb_mon_id 
_pdbx_poly_seq_scheme.auth_mon_id 
_pdbx_poly_seq_scheme.pdb_strand_id 
_pdbx_poly_seq_scheme.pdb_ins_code 
_pdbx_poly_seq_scheme.hetero 
A 1 1   SER 1   -1  1002 SER SER A . n 
A 1 2   HIS 2   0   1001 HIS HIS A . n 
A 1 3   MET 3   1   1    MET MET A . n 
A 1 4   ALA 4   2   2    ALA ALA A . n 
A 1 5   GLY 5   3   3    GLY GLY A . n 
A 1 6   THR 6   4   4    THR THR A . n 
A 1 7   LEU 7   5   5    LEU LEU A . n 
A 1 8   LYS 8   6   6    LYS LYS A . n 
A 1 9   HIS 9   7   7    HIS HIS A . n 
A 1 10  VAL 10  8   8    VAL VAL A . n 
A 1 11  THR 11  9   9    THR THR A . n 
A 1 12  ASP 12  10  10   ASP ASP A . n 
A 1 13  ASP 13  11  11   ASP ASP A . n 
A 1 14  SER 14  12  12   SER SER A . n 
A 1 15  PHE 15  13  13   PHE PHE A . n 
A 1 16  GLU 16  14  14   GLU GLU A . n 
A 1 17  GLN 17  15  15   GLN GLN A . n 
A 1 18  ASP 18  16  16   ASP ASP A . n 
A 1 19  VAL 19  17  17   VAL VAL A . n 
A 1 20  LEU 20  18  18   LEU LEU A . n 
A 1 21  LYS 21  19  19   LYS LYS A . n 
A 1 22  ASN 22  20  20   ASN ASN A . n 
A 1 23  ASP 23  21  21   ASP ASP A . n 
A 1 24  LYS 24  22  22   LYS LYS A . n 
A 1 25  PRO 25  23  23   PRO PRO A . n 
A 1 26  VAL 26  24  24   VAL VAL A . n 
A 1 27  LEU 27  25  25   LEU LEU A . n 
A 1 28  VAL 28  26  26   VAL VAL A . n 
A 1 29  ASP 29  27  27   ASP ASP A . n 
A 1 30  PHE 30  28  28   PHE PHE A . n 
A 1 31  TRP 31  29  29   TRP TRP A . n 
A 1 32  ALA 32  30  30   ALA ALA A . n 
A 1 33  ALA 33  31  31   ALA ALA A . n 
A 1 34  TRP 34  32  32   TRP TRP A . n 
A 1 35  CYS 35  33  33   CYS CYS A . n 
A 1 36  GLY 36  34  34   GLY GLY A . n 
A 1 37  PRO 37  35  35   PRO PRO A . n 
A 1 38  CYS 38  36  36   CYS CYS A . n 
A 1 39  ARG 39  37  37   ARG ARG A . n 
A 1 40  GLN 40  38  38   GLN GLN A . n 
A 1 41  ILE 41  39  39   ILE ILE A . n 
A 1 42  ALA 42  40  40   ALA ALA A . n 
A 1 43  PRO 43  41  41   PRO PRO A . n 
A 1 44  SER 44  42  42   SER SER A . n 
A 1 45  LEU 45  43  43   LEU LEU A . n 
A 1 46  GLU 46  44  44   GLU GLU A . n 
A 1 47  ALA 47  45  45   ALA ALA A . n 
A 1 48  ILE 48  46  46   ILE ILE A . n 
A 1 49  ALA 49  47  47   ALA ALA A . n 
A 1 50  ALA 50  48  48   ALA ALA A . n 
A 1 51  GLU 51  49  49   GLU GLU A . n 
A 1 52  TYR 52  50  50   TYR TYR A . n 
A 1 53  GLY 53  51  51   GLY GLY A . n 
A 1 54  ASP 54  52  52   ASP ASP A . n 
A 1 55  LYS 55  53  53   LYS LYS A . n 
A 1 56  ILE 56  54  54   ILE ILE A . n 
A 1 57  GLU 57  55  55   GLU GLU A . n 
A 1 58  ILE 58  56  56   ILE ILE A . n 
A 1 59  VAL 59  57  57   VAL VAL A . n 
A 1 60  LYS 60  58  58   LYS LYS A . n 
A 1 61  LEU 61  59  59   LEU LEU A . n 
A 1 62  ASN 62  60  60   ASN ASN A . n 
A 1 63  ILE 63  61  61   ILE ILE A . n 
A 1 64  ASP 64  62  62   ASP ASP A . n 
A 1 65  GLU 65  63  63   GLU GLU A . n 
A 1 66  ASN 66  64  64   ASN ASN A . n 
A 1 67  PRO 67  65  65   PRO PRO A . n 
A 1 68  GLY 68  66  66   GLY GLY A . n 
A 1 69  THR 69  67  67   THR THR A . n 
A 1 70  ALA 70  68  68   ALA ALA A . n 
A 1 71  ALA 71  69  69   ALA ALA A . n 
A 1 72  LYS 72  70  70   LYS LYS A . n 
A 1 73  TYR 73  71  71   TYR TYR A . n 
A 1 74  GLY 74  72  72   GLY GLY A . n 
A 1 75  VAL 75  73  73   VAL VAL A . n 
A 1 76  MET 76  74  74   MET MET A . n 
A 1 77  SER 77  75  75   SER SER A . n 
A 1 78  ILE 78  76  76   ILE ILE A . n 
A 1 79  PRO 79  77  77   PRO PRO A . n 
A 1 80  THR 80  78  78   THR THR A . n 
A 1 81  LEU 81  79  79   LEU LEU A . n 
A 1 82  ASN 82  80  80   ASN ASN A . n 
A 1 83  VAL 83  81  81   VAL VAL A . n 
A 1 84  TYR 84  82  82   TYR TYR A . n 
A 1 85  GLN 85  83  83   GLN GLN A . n 
A 1 86  GLY 86  84  84   GLY GLY A . n 
A 1 87  GLY 87  85  85   GLY GLY A . n 
A 1 88  GLU 88  86  86   GLU GLU A . n 
A 1 89  VAL 89  87  87   VAL VAL A . n 
A 1 90  ALA 90  88  88   ALA ALA A . n 
A 1 91  LYS 91  89  89   LYS LYS A . n 
A 1 92  THR 92  90  90   THR THR A . n 
A 1 93  ILE 93  91  91   ILE ILE A . n 
A 1 94  VAL 94  92  92   VAL VAL A . n 
A 1 95  GLY 95  93  93   GLY GLY A . n 
A 1 96  ALA 96  94  94   ALA ALA A . n 
A 1 97  LYS 97  95  95   LYS LYS A . n 
A 1 98  PRO 98  96  96   PRO PRO A . n 
A 1 99  LYS 99  97  97   LYS LYS A . n 
A 1 100 ALA 100 98  98   ALA ALA A . n 
A 1 101 ALA 101 99  99   ALA ALA A . n 
A 1 102 ILE 102 100 100  ILE ILE A . n 
A 1 103 VAL 103 101 101  VAL VAL A . n 
A 1 104 ARG 104 102 102  ARG ARG A . n 
A 1 105 ASP 105 103 103  ASP ASP A . n 
A 1 106 LEU 106 104 104  LEU LEU A . n 
A 1 107 GLU 107 105 105  GLU GLU A . n 
A 1 108 ASP 108 106 106  ASP ASP A . n 
A 1 109 PHE 109 107 107  PHE PHE A . n 
A 1 110 ILE 110 108 108  ILE ILE A . n 
A 1 111 ALA 111 109 109  ALA ALA A . n 
A 1 112 ASP 112 110 110  ASP GLY A . n 
# 
loop_
_pdbx_nonpoly_scheme.asym_id 
_pdbx_nonpoly_scheme.entity_id 
_pdbx_nonpoly_scheme.mon_id 
_pdbx_nonpoly_scheme.ndb_seq_num 
_pdbx_nonpoly_scheme.pdb_seq_num 
_pdbx_nonpoly_scheme.auth_seq_num 
_pdbx_nonpoly_scheme.pdb_mon_id 
_pdbx_nonpoly_scheme.auth_mon_id 
_pdbx_nonpoly_scheme.pdb_strand_id 
_pdbx_nonpoly_scheme.pdb_ins_code 
B 2 HOH 1   111 1   HOH HOH A . 
B 2 HOH 2   112 2   HOH HOH A . 
B 2 HOH 3   113 3   HOH HOH A . 
B 2 HOH 4   114 4   HOH HOH A . 
B 2 HOH 5   115 5   HOH HOH A . 
B 2 HOH 6   116 6   HOH HOH A . 
B 2 HOH 7   117 7   HOH HOH A . 
B 2 HOH 8   118 8   HOH HOH A . 
B 2 HOH 9   119 9   HOH HOH A . 
B 2 HOH 10  120 10  HOH HOH A . 
B 2 HOH 11  121 11  HOH HOH A . 
B 2 HOH 12  122 12  HOH HOH A . 
B 2 HOH 13  123 13  HOH HOH A . 
B 2 HOH 14  124 14  HOH HOH A . 
B 2 HOH 15  125 15  HOH HOH A . 
B 2 HOH 16  126 16  HOH HOH A . 
B 2 HOH 17  127 17  HOH HOH A . 
B 2 HOH 18  128 18  HOH HOH A . 
B 2 HOH 19  129 19  HOH HOH A . 
B 2 HOH 20  130 20  HOH HOH A . 
B 2 HOH 21  131 21  HOH HOH A . 
B 2 HOH 22  132 22  HOH HOH A . 
B 2 HOH 23  133 23  HOH HOH A . 
B 2 HOH 24  134 24  HOH HOH A . 
B 2 HOH 25  135 25  HOH HOH A . 
B 2 HOH 26  136 26  HOH HOH A . 
B 2 HOH 27  137 27  HOH HOH A . 
B 2 HOH 28  138 28  HOH HOH A . 
B 2 HOH 29  139 29  HOH HOH A . 
B 2 HOH 30  140 30  HOH HOH A . 
B 2 HOH 31  141 31  HOH HOH A . 
B 2 HOH 32  142 32  HOH HOH A . 
B 2 HOH 33  143 33  HOH HOH A . 
B 2 HOH 34  144 34  HOH HOH A . 
B 2 HOH 35  145 35  HOH HOH A . 
B 2 HOH 36  146 36  HOH HOH A . 
B 2 HOH 37  147 37  HOH HOH A . 
B 2 HOH 38  148 38  HOH HOH A . 
B 2 HOH 39  149 39  HOH HOH A . 
B 2 HOH 40  150 40  HOH HOH A . 
B 2 HOH 41  151 41  HOH HOH A . 
B 2 HOH 42  152 42  HOH HOH A . 
B 2 HOH 43  153 43  HOH HOH A . 
B 2 HOH 44  154 44  HOH HOH A . 
B 2 HOH 45  155 45  HOH HOH A . 
B 2 HOH 46  156 46  HOH HOH A . 
B 2 HOH 47  157 47  HOH HOH A . 
B 2 HOH 48  158 48  HOH HOH A . 
B 2 HOH 49  159 49  HOH HOH A . 
B 2 HOH 50  160 55  HOH HOH A . 
B 2 HOH 51  161 50  HOH HOH A . 
B 2 HOH 52  162 51  HOH HOH A . 
B 2 HOH 53  163 52  HOH HOH A . 
B 2 HOH 54  164 53  HOH HOH A . 
B 2 HOH 55  165 54  HOH HOH A . 
B 2 HOH 56  166 56  HOH HOH A . 
B 2 HOH 57  167 57  HOH HOH A . 
B 2 HOH 58  168 58  HOH HOH A . 
B 2 HOH 59  169 59  HOH HOH A . 
B 2 HOH 60  170 60  HOH HOH A . 
B 2 HOH 61  171 61  HOH HOH A . 
B 2 HOH 62  172 62  HOH HOH A . 
B 2 HOH 63  173 63  HOH HOH A . 
B 2 HOH 64  174 64  HOH HOH A . 
B 2 HOH 65  175 65  HOH HOH A . 
B 2 HOH 66  176 66  HOH HOH A . 
B 2 HOH 67  177 67  HOH HOH A . 
B 2 HOH 68  178 68  HOH HOH A . 
B 2 HOH 69  179 69  HOH HOH A . 
B 2 HOH 70  180 70  HOH HOH A . 
B 2 HOH 71  181 71  HOH HOH A . 
B 2 HOH 72  182 72  HOH HOH A . 
B 2 HOH 73  183 73  HOH HOH A . 
B 2 HOH 74  184 74  HOH HOH A . 
B 2 HOH 75  185 75  HOH HOH A . 
B 2 HOH 76  186 76  HOH HOH A . 
B 2 HOH 77  187 77  HOH HOH A . 
B 2 HOH 78  188 78  HOH HOH A . 
B 2 HOH 79  189 79  HOH HOH A . 
B 2 HOH 80  190 80  HOH HOH A . 
B 2 HOH 81  191 81  HOH HOH A . 
B 2 HOH 82  192 82  HOH HOH A . 
B 2 HOH 83  193 83  HOH HOH A . 
B 2 HOH 84  194 84  HOH HOH A . 
B 2 HOH 85  195 85  HOH HOH A . 
B 2 HOH 86  196 86  HOH HOH A . 
B 2 HOH 87  197 87  HOH HOH A . 
B 2 HOH 88  198 88  HOH HOH A . 
B 2 HOH 89  199 89  HOH HOH A . 
B 2 HOH 90  200 90  HOH HOH A . 
B 2 HOH 91  201 91  HOH HOH A . 
B 2 HOH 92  202 92  HOH HOH A . 
B 2 HOH 93  203 93  HOH HOH A . 
B 2 HOH 94  204 94  HOH HOH A . 
B 2 HOH 95  205 95  HOH HOH A . 
B 2 HOH 96  206 96  HOH HOH A . 
B 2 HOH 97  207 97  HOH HOH A . 
B 2 HOH 98  208 98  HOH HOH A . 
B 2 HOH 99  209 99  HOH HOH A . 
B 2 HOH 100 210 100 HOH HOH A . 
B 2 HOH 101 211 101 HOH HOH A . 
B 2 HOH 102 212 102 HOH HOH A . 
B 2 HOH 103 213 103 HOH HOH A . 
B 2 HOH 104 214 104 HOH HOH A . 
B 2 HOH 105 215 105 HOH HOH A . 
B 2 HOH 106 216 106 HOH HOH A . 
B 2 HOH 107 217 107 HOH HOH A . 
B 2 HOH 108 218 108 HOH HOH A . 
B 2 HOH 109 219 109 HOH HOH A . 
B 2 HOH 110 220 110 HOH HOH A . 
B 2 HOH 111 221 111 HOH HOH A . 
B 2 HOH 112 222 112 HOH HOH A . 
B 2 HOH 113 223 113 HOH HOH A . 
B 2 HOH 114 224 114 HOH HOH A . 
B 2 HOH 115 225 115 HOH HOH A . 
B 2 HOH 116 226 116 HOH HOH A . 
B 2 HOH 117 227 117 HOH HOH A . 
B 2 HOH 118 228 118 HOH HOH A . 
B 2 HOH 119 229 119 HOH HOH A . 
B 2 HOH 120 230 120 HOH HOH A . 
B 2 HOH 121 231 121 HOH HOH A . 
B 2 HOH 122 232 122 HOH HOH A . 
B 2 HOH 123 233 123 HOH HOH A . 
B 2 HOH 124 234 124 HOH HOH A . 
B 2 HOH 125 235 125 HOH HOH A . 
B 2 HOH 126 236 126 HOH HOH A . 
B 2 HOH 127 237 127 HOH HOH A . 
B 2 HOH 128 238 128 HOH HOH A . 
B 2 HOH 129 239 129 HOH HOH A . 
B 2 HOH 130 240 130 HOH HOH A . 
B 2 HOH 131 241 131 HOH HOH A . 
B 2 HOH 132 242 132 HOH HOH A . 
B 2 HOH 133 243 134 HOH HOH A . 
B 2 HOH 134 244 135 HOH HOH A . 
B 2 HOH 135 245 137 HOH HOH A . 
B 2 HOH 136 246 138 HOH HOH A . 
B 2 HOH 137 247 139 HOH HOH A . 
B 2 HOH 138 248 140 HOH HOH A . 
B 2 HOH 139 249 141 HOH HOH A . 
B 2 HOH 140 250 142 HOH HOH A . 
B 2 HOH 141 251 143 HOH HOH A . 
B 2 HOH 142 252 144 HOH HOH A . 
B 2 HOH 143 253 145 HOH HOH A . 
B 2 HOH 144 254 146 HOH HOH A . 
B 2 HOH 145 255 147 HOH HOH A . 
B 2 HOH 146 256 148 HOH HOH A . 
B 2 HOH 147 257 149 HOH HOH A . 
B 2 HOH 148 258 150 HOH HOH A . 
B 2 HOH 149 259 151 HOH HOH A . 
B 2 HOH 150 260 152 HOH HOH A . 
# 
loop_
_pdbx_unobs_or_zero_occ_atoms.id 
_pdbx_unobs_or_zero_occ_atoms.PDB_model_num 
_pdbx_unobs_or_zero_occ_atoms.polymer_flag 
_pdbx_unobs_or_zero_occ_atoms.occupancy_flag 
_pdbx_unobs_or_zero_occ_atoms.auth_asym_id 
_pdbx_unobs_or_zero_occ_atoms.auth_comp_id 
_pdbx_unobs_or_zero_occ_atoms.auth_seq_id 
_pdbx_unobs_or_zero_occ_atoms.PDB_ins_code 
_pdbx_unobs_or_zero_occ_atoms.auth_atom_id 
_pdbx_unobs_or_zero_occ_atoms.label_alt_id 
_pdbx_unobs_or_zero_occ_atoms.label_asym_id 
_pdbx_unobs_or_zero_occ_atoms.label_comp_id 
_pdbx_unobs_or_zero_occ_atoms.label_seq_id 
_pdbx_unobs_or_zero_occ_atoms.label_atom_id 
1 1 Y 1 A ASP 110 ? CB  ? A ASP 112 CB  
2 1 Y 1 A ASP 110 ? CG  ? A ASP 112 CG  
3 1 Y 1 A ASP 110 ? OD1 ? A ASP 112 OD1 
4 1 Y 1 A ASP 110 ? OD2 ? A ASP 112 OD2 
# 
loop_
_software.name 
_software.classification 
_software.version 
_software.citation_id 
_software.pdbx_ordinal 
REFMAC    refinement       5.1.24 ? 1 
DENZO     'data reduction' .      ? 2 
SCALEPACK 'data scaling'   .      ? 3 
MOLREP    phasing          .      ? 4 
# 
_cell.entry_id           1T00 
_cell.length_a           43.579 
_cell.length_b           71.756 
_cell.length_c           33.187 
_cell.angle_alpha        90.00 
_cell.angle_beta         90.00 
_cell.angle_gamma        90.00 
_cell.Z_PDB              4 
_cell.pdbx_unique_axis   ? 
# 
_symmetry.entry_id                         1T00 
_symmetry.space_group_name_H-M             'P 21 21 2' 
_symmetry.pdbx_full_space_group_name_H-M   ? 
_symmetry.cell_setting                     ? 
_symmetry.Int_Tables_number                18 
_symmetry.space_group_name_Hall            ? 
# 
_exptl.entry_id          1T00 
_exptl.method            'X-RAY DIFFRACTION' 
_exptl.crystals_number   1 
# 
_exptl_crystal.id                    1 
_exptl_crystal.density_meas          ? 
_exptl_crystal.density_percent_sol   42.7 
_exptl_crystal.description           ? 
_exptl_crystal.density_Matthews      2.2 
_exptl_crystal.F_000                 ? 
_exptl_crystal.preparation           ? 
# 
_exptl_crystal_grow.crystal_id      1 
_exptl_crystal_grow.method          'VAPOR DIFFUSION, HANGING DROP' 
_exptl_crystal_grow.temp            295 
_exptl_crystal_grow.temp_details    ? 
_exptl_crystal_grow.pH              5.6 
_exptl_crystal_grow.pdbx_details    'Ammonium acetate, sodium citrate, pH 5.6, VAPOR DIFFUSION, HANGING DROP, temperature 295K' 
_exptl_crystal_grow.pdbx_pH_range   . 
# 
_diffrn.id                     1 
_diffrn.ambient_temp           100 
_diffrn.ambient_temp_details   ? 
_diffrn.crystal_id             1 
# 
_diffrn_detector.diffrn_id              1 
_diffrn_detector.detector               CCD 
_diffrn_detector.type                   CUSTOM-MADE 
_diffrn_detector.pdbx_collection_date   2004-02-05 
_diffrn_detector.details                ? 
# 
_diffrn_radiation.diffrn_id                        1 
_diffrn_radiation.wavelength_id                    1 
_diffrn_radiation.pdbx_monochromatic_or_laue_m_l   M 
_diffrn_radiation.monochromator                    Si111 
_diffrn_radiation.pdbx_diffrn_protocol             'SINGLE WAVELENGTH' 
_diffrn_radiation.pdbx_scattering_type             x-ray 
# 
_diffrn_radiation_wavelength.id           1 
_diffrn_radiation_wavelength.wavelength   0.97918 
_diffrn_radiation_wavelength.wt           1.0 
# 
_diffrn_source.diffrn_id                   1 
_diffrn_source.source                      SYNCHROTRON 
_diffrn_source.type                        'APS BEAMLINE 19-BM' 
_diffrn_source.pdbx_synchrotron_site       APS 
_diffrn_source.pdbx_synchrotron_beamline   19-BM 
_diffrn_source.pdbx_wavelength             ? 
_diffrn_source.pdbx_wavelength_list        0.97918 
# 
_reflns.entry_id                     1T00 
_reflns.number_all                   ? 
_reflns.number_obs                   16654 
_reflns.percent_possible_obs         ? 
_reflns.observed_criterion_sigma_F   ? 
_reflns.observed_criterion_sigma_I   ? 
_reflns.d_resolution_high            1.51 
_reflns.d_resolution_low             25.00 
_reflns.pdbx_Rmerge_I_obs            ? 
_reflns.pdbx_Rsym_value              ? 
_reflns.pdbx_netI_over_sigmaI        ? 
_reflns.B_iso_Wilson_estimate        ? 
_reflns.pdbx_redundancy              ? 
_reflns.R_free_details               ? 
_reflns.limit_h_max                  ? 
_reflns.limit_h_min                  ? 
_reflns.limit_k_max                  ? 
_reflns.limit_k_min                  ? 
_reflns.limit_l_max                  ? 
_reflns.limit_l_min                  ? 
_reflns.observed_criterion_F_max     ? 
_reflns.observed_criterion_F_min     ? 
_reflns.pdbx_chi_squared             ? 
_reflns.pdbx_scaling_rejects         ? 
_reflns.pdbx_ordinal                 1 
_reflns.pdbx_diffrn_id               1 
# 
_refine.entry_id                                 1T00 
_refine.ls_number_reflns_obs                     15784 
_refine.ls_number_reflns_all                     ? 
_refine.pdbx_ls_sigma_I                          ? 
_refine.pdbx_ls_sigma_F                          ? 
_refine.pdbx_data_cutoff_high_absF               ? 
_refine.pdbx_data_cutoff_low_absF                ? 
_refine.pdbx_data_cutoff_high_rms_absF           ? 
_refine.ls_d_res_low                             25.00 
_refine.ls_d_res_high                            1.51 
_refine.ls_percent_reflns_obs                    96.44 
_refine.ls_R_factor_obs                          0.17595 
_refine.ls_R_factor_all                          ? 
_refine.ls_R_factor_R_work                       0.17394 
_refine.ls_R_factor_R_free                       0.21486 
_refine.ls_R_factor_R_free_error                 ? 
_refine.ls_R_factor_R_free_error_details         ? 
_refine.ls_percent_reflns_R_free                 5.1 
_refine.ls_number_reflns_R_free                  843 
_refine.ls_number_parameters                     ? 
_refine.ls_number_restraints                     ? 
_refine.occupancy_min                            ? 
_refine.occupancy_max                            ? 
_refine.correlation_coeff_Fo_to_Fc               0.968 
_refine.correlation_coeff_Fo_to_Fc_free          0.960 
_refine.B_iso_mean                               16.743 
_refine.aniso_B[1][1]                            -0.97 
_refine.aniso_B[2][2]                            0.93 
_refine.aniso_B[3][3]                            0.03 
_refine.aniso_B[1][2]                            0.00 
_refine.aniso_B[1][3]                            0.00 
_refine.aniso_B[2][3]                            0.00 
_refine.solvent_model_details                    'BABINET MODEL WITH MASK' 
_refine.solvent_model_param_ksol                 ? 
_refine.solvent_model_param_bsol                 ? 
_refine.pdbx_solvent_vdw_probe_radii             1.40 
_refine.pdbx_solvent_ion_probe_radii             0.80 
_refine.pdbx_solvent_shrinkage_radii             0.80 
_refine.pdbx_ls_cross_valid_method               THROUGHOUT 
_refine.details                                  'HYDROGENS HAVE BEEN ADDED IN THE RIDING POSITIONS' 
_refine.pdbx_starting_model                      ? 
_refine.pdbx_method_to_determine_struct          'MOLECULAR REPLACEMENT' 
_refine.pdbx_isotropic_thermal_model             ? 
_refine.pdbx_stereochemistry_target_values       'MAXIMUM LIKELIHOOD' 
_refine.pdbx_stereochem_target_val_spec_case     ? 
_refine.pdbx_R_Free_selection_details            RANDOM 
_refine.pdbx_overall_ESU_R                       0.079 
_refine.pdbx_overall_ESU_R_Free                  0.085 
_refine.overall_SU_ML                            0.061 
_refine.overall_SU_B                             1.655 
_refine.ls_redundancy_reflns_obs                 ? 
_refine.B_iso_min                                ? 
_refine.B_iso_max                                ? 
_refine.overall_SU_R_Cruickshank_DPI             ? 
_refine.overall_SU_R_free                        ? 
_refine.ls_wR_factor_R_free                      ? 
_refine.ls_wR_factor_R_work                      ? 
_refine.overall_FOM_free_R_set                   ? 
_refine.overall_FOM_work_R_set                   ? 
_refine.pdbx_refine_id                           'X-RAY DIFFRACTION' 
_refine.pdbx_diffrn_id                           1 
_refine.pdbx_TLS_residual_ADP_flag               ? 
_refine.pdbx_overall_phase_error                 ? 
_refine.pdbx_overall_SU_R_free_Cruickshank_DPI   ? 
_refine.pdbx_overall_SU_R_Blow_DPI               ? 
_refine.pdbx_overall_SU_R_free_Blow_DPI          ? 
# 
_refine_hist.pdbx_refine_id                   'X-RAY DIFFRACTION' 
_refine_hist.cycle_id                         LAST 
_refine_hist.pdbx_number_atoms_protein        847 
_refine_hist.pdbx_number_atoms_nucleic_acid   0 
_refine_hist.pdbx_number_atoms_ligand         0 
_refine_hist.number_atoms_solvent             150 
_refine_hist.number_atoms_total               997 
_refine_hist.d_res_high                       1.51 
_refine_hist.d_res_low                        25.00 
# 
loop_
_refine_ls_restr.type 
_refine_ls_restr.dev_ideal 
_refine_ls_restr.dev_ideal_target 
_refine_ls_restr.weight 
_refine_ls_restr.number 
_refine_ls_restr.pdbx_refine_id 
_refine_ls_restr.pdbx_restraint_function 
r_bond_refined_d         0.014 0.022 ? 892  'X-RAY DIFFRACTION' ? 
r_bond_other_d           0.001 0.020 ? 806  'X-RAY DIFFRACTION' ? 
r_angle_refined_deg      1.469 1.956 ? 1217 'X-RAY DIFFRACTION' ? 
r_angle_other_deg        0.760 3.000 ? 1893 'X-RAY DIFFRACTION' ? 
r_dihedral_angle_1_deg   6.855 5.000 ? 116  'X-RAY DIFFRACTION' ? 
r_chiral_restr           0.099 0.200 ? 139  'X-RAY DIFFRACTION' ? 
r_gen_planes_refined     0.015 0.020 ? 999  'X-RAY DIFFRACTION' ? 
r_gen_planes_other       0.008 0.020 ? 157  'X-RAY DIFFRACTION' ? 
r_nbd_refined            0.487 0.200 ? 200  'X-RAY DIFFRACTION' ? 
r_nbd_other              0.292 0.200 ? 942  'X-RAY DIFFRACTION' ? 
r_nbtor_other            0.089 0.200 ? 498  'X-RAY DIFFRACTION' ? 
r_xyhbond_nbd_refined    0.334 0.200 ? 116  'X-RAY DIFFRACTION' ? 
r_symmetry_vdw_refined   0.329 0.200 ? 11   'X-RAY DIFFRACTION' ? 
r_symmetry_vdw_other     0.431 0.200 ? 47   'X-RAY DIFFRACTION' ? 
r_symmetry_hbond_refined 0.270 0.200 ? 18   'X-RAY DIFFRACTION' ? 
r_mcbond_it              1.777 1.500 ? 575  'X-RAY DIFFRACTION' ? 
r_mcangle_it             2.734 2.000 ? 928  'X-RAY DIFFRACTION' ? 
r_scbond_it              3.817 3.000 ? 317  'X-RAY DIFFRACTION' ? 
r_scangle_it             5.596 4.500 ? 288  'X-RAY DIFFRACTION' ? 
# 
_refine_ls_shell.pdbx_total_number_of_bins_used   20 
_refine_ls_shell.d_res_high                       1.51 
_refine_ls_shell.d_res_low                        1.540 
_refine_ls_shell.number_reflns_R_work             964 
_refine_ls_shell.R_factor_R_work                  0.237 
_refine_ls_shell.percent_reflns_obs               ? 
_refine_ls_shell.R_factor_R_free                  0.27 
_refine_ls_shell.R_factor_R_free_error            ? 
_refine_ls_shell.percent_reflns_R_free            ? 
_refine_ls_shell.number_reflns_R_free             62 
_refine_ls_shell.number_reflns_obs                ? 
_refine_ls_shell.redundancy_reflns_obs            ? 
_refine_ls_shell.number_reflns_all                ? 
_refine_ls_shell.pdbx_refine_id                   'X-RAY DIFFRACTION' 
_refine_ls_shell.R_factor_all                     ? 
# 
_struct.entry_id                  1T00 
_struct.title                     'The structure of thioredoxin from S. coelicolor' 
_struct.pdbx_model_details        ? 
_struct.pdbx_CASP_flag            ? 
_struct.pdbx_model_type_details   ? 
# 
_struct_keywords.entry_id        1T00 
_struct_keywords.pdbx_keywords   'ELECTRON TRANSPORT' 
_struct_keywords.text            'thioredoxin, S. coelicolor, redox regulation, Multifunction macromolecule, ELECTRON TRANSPORT' 
# 
loop_
_struct_asym.id 
_struct_asym.pdbx_blank_PDB_chainid_flag 
_struct_asym.pdbx_modified 
_struct_asym.entity_id 
_struct_asym.details 
A N N 1 ? 
B N N 2 ? 
# 
_struct_ref.id                         1 
_struct_ref.db_name                    UNP 
_struct_ref.db_code                    THIO_STRCO 
_struct_ref.pdbx_db_accession          P52230 
_struct_ref.entity_id                  1 
_struct_ref.pdbx_seq_one_letter_code   
;MAGTLKHVTDDSFEQDVLKNDKPVLVDFWAAWCGPCRQIAPSLEAIAAEYGDKIEIVKLNIDENPGTAAKYGVMSIPTLN
VYQGGEVAKTIVGAKPKAAIVRDLEDFIAD
;
_struct_ref.pdbx_align_begin           1 
_struct_ref.pdbx_db_isoform            ? 
# 
_struct_ref_seq.align_id                      1 
_struct_ref_seq.ref_id                        1 
_struct_ref_seq.pdbx_PDB_id_code              1T00 
_struct_ref_seq.pdbx_strand_id                A 
_struct_ref_seq.seq_align_beg                 3 
_struct_ref_seq.pdbx_seq_align_beg_ins_code   ? 
_struct_ref_seq.seq_align_end                 112 
_struct_ref_seq.pdbx_seq_align_end_ins_code   ? 
_struct_ref_seq.pdbx_db_accession             P52230 
_struct_ref_seq.db_align_beg                  1 
_struct_ref_seq.pdbx_db_align_beg_ins_code    ? 
_struct_ref_seq.db_align_end                  110 
_struct_ref_seq.pdbx_db_align_end_ins_code    ? 
_struct_ref_seq.pdbx_auth_seq_align_beg       1 
_struct_ref_seq.pdbx_auth_seq_align_end       110 
# 
loop_
_struct_ref_seq_dif.align_id 
_struct_ref_seq_dif.pdbx_pdb_id_code 
_struct_ref_seq_dif.mon_id 
_struct_ref_seq_dif.pdbx_pdb_strand_id 
_struct_ref_seq_dif.seq_num 
_struct_ref_seq_dif.pdbx_pdb_ins_code 
_struct_ref_seq_dif.pdbx_seq_db_name 
_struct_ref_seq_dif.pdbx_seq_db_accession_code 
_struct_ref_seq_dif.db_mon_id 
_struct_ref_seq_dif.pdbx_seq_db_seq_num 
_struct_ref_seq_dif.details 
_struct_ref_seq_dif.pdbx_auth_seq_num 
_struct_ref_seq_dif.pdbx_ordinal 
1 1T00 SER A 1 ? UNP P52230 ? ? 'expression tag' -1 1 
1 1T00 HIS A 2 ? UNP P52230 ? ? 'expression tag' 0  2 
# 
_pdbx_struct_assembly.id                   1 
_pdbx_struct_assembly.details              author_defined_assembly 
_pdbx_struct_assembly.method_details       ? 
_pdbx_struct_assembly.oligomeric_details   monomeric 
_pdbx_struct_assembly.oligomeric_count     1 
# 
_pdbx_struct_assembly_gen.assembly_id       1 
_pdbx_struct_assembly_gen.oper_expression   1 
_pdbx_struct_assembly_gen.asym_id_list      A,B 
# 
_pdbx_struct_oper_list.id                   1 
_pdbx_struct_oper_list.type                 'identity operation' 
_pdbx_struct_oper_list.name                 1_555 
_pdbx_struct_oper_list.symmetry_operation   x,y,z 
_pdbx_struct_oper_list.matrix[1][1]         1.0000000000 
_pdbx_struct_oper_list.matrix[1][2]         0.0000000000 
_pdbx_struct_oper_list.matrix[1][3]         0.0000000000 
_pdbx_struct_oper_list.vector[1]            0.0000000000 
_pdbx_struct_oper_list.matrix[2][1]         0.0000000000 
_pdbx_struct_oper_list.matrix[2][2]         1.0000000000 
_pdbx_struct_oper_list.matrix[2][3]         0.0000000000 
_pdbx_struct_oper_list.vector[2]            0.0000000000 
_pdbx_struct_oper_list.matrix[3][1]         0.0000000000 
_pdbx_struct_oper_list.matrix[3][2]         0.0000000000 
_pdbx_struct_oper_list.matrix[3][3]         1.0000000000 
_pdbx_struct_oper_list.vector[3]            0.0000000000 
# 
_struct_biol.id   1 
# 
loop_
_struct_conf.conf_type_id 
_struct_conf.id 
_struct_conf.pdbx_PDB_helix_id 
_struct_conf.beg_label_comp_id 
_struct_conf.beg_label_asym_id 
_struct_conf.beg_label_seq_id 
_struct_conf.pdbx_beg_PDB_ins_code 
_struct_conf.end_label_comp_id 
_struct_conf.end_label_asym_id 
_struct_conf.end_label_seq_id 
_struct_conf.pdbx_end_PDB_ins_code 
_struct_conf.beg_auth_comp_id 
_struct_conf.beg_auth_asym_id 
_struct_conf.beg_auth_seq_id 
_struct_conf.end_auth_comp_id 
_struct_conf.end_auth_asym_id 
_struct_conf.end_auth_seq_id 
_struct_conf.pdbx_PDB_helix_class 
_struct_conf.details 
_struct_conf.pdbx_PDB_helix_length 
HELX_P HELX_P1 1 SER A 14  ? VAL A 19  ? SER A 12  VAL A 17  1 ? 6  
HELX_P HELX_P2 2 CYS A 35  ? TYR A 52  ? CYS A 33  TYR A 50  1 ? 18 
HELX_P HELX_P3 3 ASN A 66  ? TYR A 73  ? ASN A 64  TYR A 71  1 ? 8  
HELX_P HELX_P4 4 PRO A 98  ? LEU A 106 ? PRO A 96  LEU A 104 1 ? 9  
HELX_P HELX_P5 5 LEU A 106 ? ALA A 111 ? LEU A 104 ALA A 109 1 ? 6  
# 
_struct_conf_type.id          HELX_P 
_struct_conf_type.criteria    ? 
_struct_conf_type.reference   ? 
# 
_struct_mon_prot_cis.pdbx_id                1 
_struct_mon_prot_cis.label_comp_id          ILE 
_struct_mon_prot_cis.label_seq_id           78 
_struct_mon_prot_cis.label_asym_id          A 
_struct_mon_prot_cis.label_alt_id           . 
_struct_mon_prot_cis.pdbx_PDB_ins_code      ? 
_struct_mon_prot_cis.auth_comp_id           ILE 
_struct_mon_prot_cis.auth_seq_id            76 
_struct_mon_prot_cis.auth_asym_id           A 
_struct_mon_prot_cis.pdbx_label_comp_id_2   PRO 
_struct_mon_prot_cis.pdbx_label_seq_id_2    79 
_struct_mon_prot_cis.pdbx_label_asym_id_2   A 
_struct_mon_prot_cis.pdbx_PDB_ins_code_2    ? 
_struct_mon_prot_cis.pdbx_auth_comp_id_2    PRO 
_struct_mon_prot_cis.pdbx_auth_seq_id_2     77 
_struct_mon_prot_cis.pdbx_auth_asym_id_2    A 
_struct_mon_prot_cis.pdbx_PDB_model_num     1 
_struct_mon_prot_cis.pdbx_omega_angle       -1.68 
# 
_struct_sheet.id               A 
_struct_sheet.type             ? 
_struct_sheet.number_strands   5 
_struct_sheet.details          ? 
# 
loop_
_struct_sheet_order.sheet_id 
_struct_sheet_order.range_id_1 
_struct_sheet_order.range_id_2 
_struct_sheet_order.offset 
_struct_sheet_order.sense 
A 1 2 ? parallel      
A 2 3 ? parallel      
A 3 4 ? anti-parallel 
A 4 5 ? anti-parallel 
# 
loop_
_struct_sheet_range.sheet_id 
_struct_sheet_range.id 
_struct_sheet_range.beg_label_comp_id 
_struct_sheet_range.beg_label_asym_id 
_struct_sheet_range.beg_label_seq_id 
_struct_sheet_range.pdbx_beg_PDB_ins_code 
_struct_sheet_range.end_label_comp_id 
_struct_sheet_range.end_label_asym_id 
_struct_sheet_range.end_label_seq_id 
_struct_sheet_range.pdbx_end_PDB_ins_code 
_struct_sheet_range.beg_auth_comp_id 
_struct_sheet_range.beg_auth_asym_id 
_struct_sheet_range.beg_auth_seq_id 
_struct_sheet_range.end_auth_comp_id 
_struct_sheet_range.end_auth_asym_id 
_struct_sheet_range.end_auth_seq_id 
A 1 LYS A 8  ? VAL A 10 ? LYS A 6  VAL A 8  
A 2 GLU A 57 ? ASN A 62 ? GLU A 55 ASN A 60 
A 3 VAL A 26 ? TRP A 31 ? VAL A 24 TRP A 29 
A 4 THR A 80 ? GLN A 85 ? THR A 78 GLN A 83 
A 5 GLU A 88 ? VAL A 94 ? GLU A 86 VAL A 92 
# 
loop_
_pdbx_struct_sheet_hbond.sheet_id 
_pdbx_struct_sheet_hbond.range_id_1 
_pdbx_struct_sheet_hbond.range_id_2 
_pdbx_struct_sheet_hbond.range_1_label_atom_id 
_pdbx_struct_sheet_hbond.range_1_label_comp_id 
_pdbx_struct_sheet_hbond.range_1_label_asym_id 
_pdbx_struct_sheet_hbond.range_1_label_seq_id 
_pdbx_struct_sheet_hbond.range_1_PDB_ins_code 
_pdbx_struct_sheet_hbond.range_1_auth_atom_id 
_pdbx_struct_sheet_hbond.range_1_auth_comp_id 
_pdbx_struct_sheet_hbond.range_1_auth_asym_id 
_pdbx_struct_sheet_hbond.range_1_auth_seq_id 
_pdbx_struct_sheet_hbond.range_2_label_atom_id 
_pdbx_struct_sheet_hbond.range_2_label_comp_id 
_pdbx_struct_sheet_hbond.range_2_label_asym_id 
_pdbx_struct_sheet_hbond.range_2_label_seq_id 
_pdbx_struct_sheet_hbond.range_2_PDB_ins_code 
_pdbx_struct_sheet_hbond.range_2_auth_atom_id 
_pdbx_struct_sheet_hbond.range_2_auth_comp_id 
_pdbx_struct_sheet_hbond.range_2_auth_asym_id 
_pdbx_struct_sheet_hbond.range_2_auth_seq_id 
A 1 2 N LYS A 8  ? N LYS A 6  O LYS A 60 ? O LYS A 58 
A 2 3 O GLU A 57 ? O GLU A 55 N LEU A 27 ? N LEU A 25 
A 3 4 N PHE A 30 ? N PHE A 28 O THR A 80 ? O THR A 78 
A 4 5 N VAL A 83 ? N VAL A 81 O ALA A 90 ? O ALA A 88 
# 
loop_
_pdbx_validate_close_contact.id 
_pdbx_validate_close_contact.PDB_model_num 
_pdbx_validate_close_contact.auth_atom_id_1 
_pdbx_validate_close_contact.auth_asym_id_1 
_pdbx_validate_close_contact.auth_comp_id_1 
_pdbx_validate_close_contact.auth_seq_id_1 
_pdbx_validate_close_contact.PDB_ins_code_1 
_pdbx_validate_close_contact.label_alt_id_1 
_pdbx_validate_close_contact.auth_atom_id_2 
_pdbx_validate_close_contact.auth_asym_id_2 
_pdbx_validate_close_contact.auth_comp_id_2 
_pdbx_validate_close_contact.auth_seq_id_2 
_pdbx_validate_close_contact.PDB_ins_code_2 
_pdbx_validate_close_contact.label_alt_id_2 
_pdbx_validate_close_contact.dist 
1 1 OE2 A GLU 55  ? B O A HOH 147 ? ? 0.75 
2 1 O   A HOH 173 ? ? O A HOH 174 ? ? 1.66 
3 1 O   A HOH 154 ? ? O A HOH 156 ? ? 1.70 
4 1 CE  A LYS 97  ? ? O A HOH 231 ? ? 1.90 
5 1 CD  A GLU 55  ? B O A HOH 147 ? ? 1.90 
6 1 O   A HOH 189 ? ? O A HOH 240 ? ? 1.97 
7 1 O   A HOH 131 ? ? O A HOH 235 ? ? 2.03 
8 1 O   A HOH 198 ? ? O A HOH 199 ? ? 2.10 
9 1 NZ  A LYS 97  ? ? O A HOH 231 ? ? 2.17 
# 
_pdbx_validate_symm_contact.id                1 
_pdbx_validate_symm_contact.PDB_model_num     1 
_pdbx_validate_symm_contact.auth_atom_id_1    O 
_pdbx_validate_symm_contact.auth_asym_id_1    A 
_pdbx_validate_symm_contact.auth_comp_id_1    HOH 
_pdbx_validate_symm_contact.auth_seq_id_1     229 
_pdbx_validate_symm_contact.PDB_ins_code_1    ? 
_pdbx_validate_symm_contact.label_alt_id_1    ? 
_pdbx_validate_symm_contact.site_symmetry_1   1_555 
_pdbx_validate_symm_contact.auth_atom_id_2    O 
_pdbx_validate_symm_contact.auth_asym_id_2    A 
_pdbx_validate_symm_contact.auth_comp_id_2    HOH 
_pdbx_validate_symm_contact.auth_seq_id_2     246 
_pdbx_validate_symm_contact.PDB_ins_code_2    ? 
_pdbx_validate_symm_contact.label_alt_id_2    ? 
_pdbx_validate_symm_contact.site_symmetry_2   4_555 
_pdbx_validate_symm_contact.dist              2.11 
# 
_pdbx_struct_special_symmetry.id              1 
_pdbx_struct_special_symmetry.PDB_model_num   1 
_pdbx_struct_special_symmetry.auth_asym_id    A 
_pdbx_struct_special_symmetry.auth_comp_id    HOH 
_pdbx_struct_special_symmetry.auth_seq_id     164 
_pdbx_struct_special_symmetry.PDB_ins_code    ? 
_pdbx_struct_special_symmetry.label_asym_id   B 
_pdbx_struct_special_symmetry.label_comp_id   HOH 
_pdbx_struct_special_symmetry.label_seq_id    . 
# 
loop_
_chem_comp_atom.comp_id 
_chem_comp_atom.atom_id 
_chem_comp_atom.type_symbol 
_chem_comp_atom.pdbx_aromatic_flag 
_chem_comp_atom.pdbx_stereo_config 
_chem_comp_atom.pdbx_ordinal 
ALA N    N N N 1   
ALA CA   C N S 2   
ALA C    C N N 3   
ALA O    O N N 4   
ALA CB   C N N 5   
ALA OXT  O N N 6   
ALA H    H N N 7   
ALA H2   H N N 8   
ALA HA   H N N 9   
ALA HB1  H N N 10  
ALA HB2  H N N 11  
ALA HB3  H N N 12  
ALA HXT  H N N 13  
ARG N    N N N 14  
ARG CA   C N S 15  
ARG C    C N N 16  
ARG O    O N N 17  
ARG CB   C N N 18  
ARG CG   C N N 19  
ARG CD   C N N 20  
ARG NE   N N N 21  
ARG CZ   C N N 22  
ARG NH1  N N N 23  
ARG NH2  N N N 24  
ARG OXT  O N N 25  
ARG H    H N N 26  
ARG H2   H N N 27  
ARG HA   H N N 28  
ARG HB2  H N N 29  
ARG HB3  H N N 30  
ARG HG2  H N N 31  
ARG HG3  H N N 32  
ARG HD2  H N N 33  
ARG HD3  H N N 34  
ARG HE   H N N 35  
ARG HH11 H N N 36  
ARG HH12 H N N 37  
ARG HH21 H N N 38  
ARG HH22 H N N 39  
ARG HXT  H N N 40  
ASN N    N N N 41  
ASN CA   C N S 42  
ASN C    C N N 43  
ASN O    O N N 44  
ASN CB   C N N 45  
ASN CG   C N N 46  
ASN OD1  O N N 47  
ASN ND2  N N N 48  
ASN OXT  O N N 49  
ASN H    H N N 50  
ASN H2   H N N 51  
ASN HA   H N N 52  
ASN HB2  H N N 53  
ASN HB3  H N N 54  
ASN HD21 H N N 55  
ASN HD22 H N N 56  
ASN HXT  H N N 57  
ASP N    N N N 58  
ASP CA   C N S 59  
ASP C    C N N 60  
ASP O    O N N 61  
ASP CB   C N N 62  
ASP CG   C N N 63  
ASP OD1  O N N 64  
ASP OD2  O N N 65  
ASP OXT  O N N 66  
ASP H    H N N 67  
ASP H2   H N N 68  
ASP HA   H N N 69  
ASP HB2  H N N 70  
ASP HB3  H N N 71  
ASP HD2  H N N 72  
ASP HXT  H N N 73  
CYS N    N N N 74  
CYS CA   C N R 75  
CYS C    C N N 76  
CYS O    O N N 77  
CYS CB   C N N 78  
CYS SG   S N N 79  
CYS OXT  O N N 80  
CYS H    H N N 81  
CYS H2   H N N 82  
CYS HA   H N N 83  
CYS HB2  H N N 84  
CYS HB3  H N N 85  
CYS HG   H N N 86  
CYS HXT  H N N 87  
GLN N    N N N 88  
GLN CA   C N S 89  
GLN C    C N N 90  
GLN O    O N N 91  
GLN CB   C N N 92  
GLN CG   C N N 93  
GLN CD   C N N 94  
GLN OE1  O N N 95  
GLN NE2  N N N 96  
GLN OXT  O N N 97  
GLN H    H N N 98  
GLN H2   H N N 99  
GLN HA   H N N 100 
GLN HB2  H N N 101 
GLN HB3  H N N 102 
GLN HG2  H N N 103 
GLN HG3  H N N 104 
GLN HE21 H N N 105 
GLN HE22 H N N 106 
GLN HXT  H N N 107 
GLU N    N N N 108 
GLU CA   C N S 109 
GLU C    C N N 110 
GLU O    O N N 111 
GLU CB   C N N 112 
GLU CG   C N N 113 
GLU CD   C N N 114 
GLU OE1  O N N 115 
GLU OE2  O N N 116 
GLU OXT  O N N 117 
GLU H    H N N 118 
GLU H2   H N N 119 
GLU HA   H N N 120 
GLU HB2  H N N 121 
GLU HB3  H N N 122 
GLU HG2  H N N 123 
GLU HG3  H N N 124 
GLU HE2  H N N 125 
GLU HXT  H N N 126 
GLY N    N N N 127 
GLY CA   C N N 128 
GLY C    C N N 129 
GLY O    O N N 130 
GLY OXT  O N N 131 
GLY H    H N N 132 
GLY H2   H N N 133 
GLY HA2  H N N 134 
GLY HA3  H N N 135 
GLY HXT  H N N 136 
HIS N    N N N 137 
HIS CA   C N S 138 
HIS C    C N N 139 
HIS O    O N N 140 
HIS CB   C N N 141 
HIS CG   C Y N 142 
HIS ND1  N Y N 143 
HIS CD2  C Y N 144 
HIS CE1  C Y N 145 
HIS NE2  N Y N 146 
HIS OXT  O N N 147 
HIS H    H N N 148 
HIS H2   H N N 149 
HIS HA   H N N 150 
HIS HB2  H N N 151 
HIS HB3  H N N 152 
HIS HD1  H N N 153 
HIS HD2  H N N 154 
HIS HE1  H N N 155 
HIS HE2  H N N 156 
HIS HXT  H N N 157 
HOH O    O N N 158 
HOH H1   H N N 159 
HOH H2   H N N 160 
ILE N    N N N 161 
ILE CA   C N S 162 
ILE C    C N N 163 
ILE O    O N N 164 
ILE CB   C N S 165 
ILE CG1  C N N 166 
ILE CG2  C N N 167 
ILE CD1  C N N 168 
ILE OXT  O N N 169 
ILE H    H N N 170 
ILE H2   H N N 171 
ILE HA   H N N 172 
ILE HB   H N N 173 
ILE HG12 H N N 174 
ILE HG13 H N N 175 
ILE HG21 H N N 176 
ILE HG22 H N N 177 
ILE HG23 H N N 178 
ILE HD11 H N N 179 
ILE HD12 H N N 180 
ILE HD13 H N N 181 
ILE HXT  H N N 182 
LEU N    N N N 183 
LEU CA   C N S 184 
LEU C    C N N 185 
LEU O    O N N 186 
LEU CB   C N N 187 
LEU CG   C N N 188 
LEU CD1  C N N 189 
LEU CD2  C N N 190 
LEU OXT  O N N 191 
LEU H    H N N 192 
LEU H2   H N N 193 
LEU HA   H N N 194 
LEU HB2  H N N 195 
LEU HB3  H N N 196 
LEU HG   H N N 197 
LEU HD11 H N N 198 
LEU HD12 H N N 199 
LEU HD13 H N N 200 
LEU HD21 H N N 201 
LEU HD22 H N N 202 
LEU HD23 H N N 203 
LEU HXT  H N N 204 
LYS N    N N N 205 
LYS CA   C N S 206 
LYS C    C N N 207 
LYS O    O N N 208 
LYS CB   C N N 209 
LYS CG   C N N 210 
LYS CD   C N N 211 
LYS CE   C N N 212 
LYS NZ   N N N 213 
LYS OXT  O N N 214 
LYS H    H N N 215 
LYS H2   H N N 216 
LYS HA   H N N 217 
LYS HB2  H N N 218 
LYS HB3  H N N 219 
LYS HG2  H N N 220 
LYS HG3  H N N 221 
LYS HD2  H N N 222 
LYS HD3  H N N 223 
LYS HE2  H N N 224 
LYS HE3  H N N 225 
LYS HZ1  H N N 226 
LYS HZ2  H N N 227 
LYS HZ3  H N N 228 
LYS HXT  H N N 229 
MET N    N N N 230 
MET CA   C N S 231 
MET C    C N N 232 
MET O    O N N 233 
MET CB   C N N 234 
MET CG   C N N 235 
MET SD   S N N 236 
MET CE   C N N 237 
MET OXT  O N N 238 
MET H    H N N 239 
MET H2   H N N 240 
MET HA   H N N 241 
MET HB2  H N N 242 
MET HB3  H N N 243 
MET HG2  H N N 244 
MET HG3  H N N 245 
MET HE1  H N N 246 
MET HE2  H N N 247 
MET HE3  H N N 248 
MET HXT  H N N 249 
PHE N    N N N 250 
PHE CA   C N S 251 
PHE C    C N N 252 
PHE O    O N N 253 
PHE CB   C N N 254 
PHE CG   C Y N 255 
PHE CD1  C Y N 256 
PHE CD2  C Y N 257 
PHE CE1  C Y N 258 
PHE CE2  C Y N 259 
PHE CZ   C Y N 260 
PHE OXT  O N N 261 
PHE H    H N N 262 
PHE H2   H N N 263 
PHE HA   H N N 264 
PHE HB2  H N N 265 
PHE HB3  H N N 266 
PHE HD1  H N N 267 
PHE HD2  H N N 268 
PHE HE1  H N N 269 
PHE HE2  H N N 270 
PHE HZ   H N N 271 
PHE HXT  H N N 272 
PRO N    N N N 273 
PRO CA   C N S 274 
PRO C    C N N 275 
PRO O    O N N 276 
PRO CB   C N N 277 
PRO CG   C N N 278 
PRO CD   C N N 279 
PRO OXT  O N N 280 
PRO H    H N N 281 
PRO HA   H N N 282 
PRO HB2  H N N 283 
PRO HB3  H N N 284 
PRO HG2  H N N 285 
PRO HG3  H N N 286 
PRO HD2  H N N 287 
PRO HD3  H N N 288 
PRO HXT  H N N 289 
SER N    N N N 290 
SER CA   C N S 291 
SER C    C N N 292 
SER O    O N N 293 
SER CB   C N N 294 
SER OG   O N N 295 
SER OXT  O N N 296 
SER H    H N N 297 
SER H2   H N N 298 
SER HA   H N N 299 
SER HB2  H N N 300 
SER HB3  H N N 301 
SER HG   H N N 302 
SER HXT  H N N 303 
THR N    N N N 304 
THR CA   C N S 305 
THR C    C N N 306 
THR O    O N N 307 
THR CB   C N R 308 
THR OG1  O N N 309 
THR CG2  C N N 310 
THR OXT  O N N 311 
THR H    H N N 312 
THR H2   H N N 313 
THR HA   H N N 314 
THR HB   H N N 315 
THR HG1  H N N 316 
THR HG21 H N N 317 
THR HG22 H N N 318 
THR HG23 H N N 319 
THR HXT  H N N 320 
TRP N    N N N 321 
TRP CA   C N S 322 
TRP C    C N N 323 
TRP O    O N N 324 
TRP CB   C N N 325 
TRP CG   C Y N 326 
TRP CD1  C Y N 327 
TRP CD2  C Y N 328 
TRP NE1  N Y N 329 
TRP CE2  C Y N 330 
TRP CE3  C Y N 331 
TRP CZ2  C Y N 332 
TRP CZ3  C Y N 333 
TRP CH2  C Y N 334 
TRP OXT  O N N 335 
TRP H    H N N 336 
TRP H2   H N N 337 
TRP HA   H N N 338 
TRP HB2  H N N 339 
TRP HB3  H N N 340 
TRP HD1  H N N 341 
TRP HE1  H N N 342 
TRP HE3  H N N 343 
TRP HZ2  H N N 344 
TRP HZ3  H N N 345 
TRP HH2  H N N 346 
TRP HXT  H N N 347 
TYR N    N N N 348 
TYR CA   C N S 349 
TYR C    C N N 350 
TYR O    O N N 351 
TYR CB   C N N 352 
TYR CG   C Y N 353 
TYR CD1  C Y N 354 
TYR CD2  C Y N 355 
TYR CE1  C Y N 356 
TYR CE2  C Y N 357 
TYR CZ   C Y N 358 
TYR OH   O N N 359 
TYR OXT  O N N 360 
TYR H    H N N 361 
TYR H2   H N N 362 
TYR HA   H N N 363 
TYR HB2  H N N 364 
TYR HB3  H N N 365 
TYR HD1  H N N 366 
TYR HD2  H N N 367 
TYR HE1  H N N 368 
TYR HE2  H N N 369 
TYR HH   H N N 370 
TYR HXT  H N N 371 
VAL N    N N N 372 
VAL CA   C N S 373 
VAL C    C N N 374 
VAL O    O N N 375 
VAL CB   C N N 376 
VAL CG1  C N N 377 
VAL CG2  C N N 378 
VAL OXT  O N N 379 
VAL H    H N N 380 
VAL H2   H N N 381 
VAL HA   H N N 382 
VAL HB   H N N 383 
VAL HG11 H N N 384 
VAL HG12 H N N 385 
VAL HG13 H N N 386 
VAL HG21 H N N 387 
VAL HG22 H N N 388 
VAL HG23 H N N 389 
VAL HXT  H N N 390 
# 
loop_
_chem_comp_bond.comp_id 
_chem_comp_bond.atom_id_1 
_chem_comp_bond.atom_id_2 
_chem_comp_bond.value_order 
_chem_comp_bond.pdbx_aromatic_flag 
_chem_comp_bond.pdbx_stereo_config 
_chem_comp_bond.pdbx_ordinal 
ALA N   CA   sing N N 1   
ALA N   H    sing N N 2   
ALA N   H2   sing N N 3   
ALA CA  C    sing N N 4   
ALA CA  CB   sing N N 5   
ALA CA  HA   sing N N 6   
ALA C   O    doub N N 7   
ALA C   OXT  sing N N 8   
ALA CB  HB1  sing N N 9   
ALA CB  HB2  sing N N 10  
ALA CB  HB3  sing N N 11  
ALA OXT HXT  sing N N 12  
ARG N   CA   sing N N 13  
ARG N   H    sing N N 14  
ARG N   H2   sing N N 15  
ARG CA  C    sing N N 16  
ARG CA  CB   sing N N 17  
ARG CA  HA   sing N N 18  
ARG C   O    doub N N 19  
ARG C   OXT  sing N N 20  
ARG CB  CG   sing N N 21  
ARG CB  HB2  sing N N 22  
ARG CB  HB3  sing N N 23  
ARG CG  CD   sing N N 24  
ARG CG  HG2  sing N N 25  
ARG CG  HG3  sing N N 26  
ARG CD  NE   sing N N 27  
ARG CD  HD2  sing N N 28  
ARG CD  HD3  sing N N 29  
ARG NE  CZ   sing N N 30  
ARG NE  HE   sing N N 31  
ARG CZ  NH1  sing N N 32  
ARG CZ  NH2  doub N N 33  
ARG NH1 HH11 sing N N 34  
ARG NH1 HH12 sing N N 35  
ARG NH2 HH21 sing N N 36  
ARG NH2 HH22 sing N N 37  
ARG OXT HXT  sing N N 38  
ASN N   CA   sing N N 39  
ASN N   H    sing N N 40  
ASN N   H2   sing N N 41  
ASN CA  C    sing N N 42  
ASN CA  CB   sing N N 43  
ASN CA  HA   sing N N 44  
ASN C   O    doub N N 45  
ASN C   OXT  sing N N 46  
ASN CB  CG   sing N N 47  
ASN CB  HB2  sing N N 48  
ASN CB  HB3  sing N N 49  
ASN CG  OD1  doub N N 50  
ASN CG  ND2  sing N N 51  
ASN ND2 HD21 sing N N 52  
ASN ND2 HD22 sing N N 53  
ASN OXT HXT  sing N N 54  
ASP N   CA   sing N N 55  
ASP N   H    sing N N 56  
ASP N   H2   sing N N 57  
ASP CA  C    sing N N 58  
ASP CA  CB   sing N N 59  
ASP CA  HA   sing N N 60  
ASP C   O    doub N N 61  
ASP C   OXT  sing N N 62  
ASP CB  CG   sing N N 63  
ASP CB  HB2  sing N N 64  
ASP CB  HB3  sing N N 65  
ASP CG  OD1  doub N N 66  
ASP CG  OD2  sing N N 67  
ASP OD2 HD2  sing N N 68  
ASP OXT HXT  sing N N 69  
CYS N   CA   sing N N 70  
CYS N   H    sing N N 71  
CYS N   H2   sing N N 72  
CYS CA  C    sing N N 73  
CYS CA  CB   sing N N 74  
CYS CA  HA   sing N N 75  
CYS C   O    doub N N 76  
CYS C   OXT  sing N N 77  
CYS CB  SG   sing N N 78  
CYS CB  HB2  sing N N 79  
CYS CB  HB3  sing N N 80  
CYS SG  HG   sing N N 81  
CYS OXT HXT  sing N N 82  
GLN N   CA   sing N N 83  
GLN N   H    sing N N 84  
GLN N   H2   sing N N 85  
GLN CA  C    sing N N 86  
GLN CA  CB   sing N N 87  
GLN CA  HA   sing N N 88  
GLN C   O    doub N N 89  
GLN C   OXT  sing N N 90  
GLN CB  CG   sing N N 91  
GLN CB  HB2  sing N N 92  
GLN CB  HB3  sing N N 93  
GLN CG  CD   sing N N 94  
GLN CG  HG2  sing N N 95  
GLN CG  HG3  sing N N 96  
GLN CD  OE1  doub N N 97  
GLN CD  NE2  sing N N 98  
GLN NE2 HE21 sing N N 99  
GLN NE2 HE22 sing N N 100 
GLN OXT HXT  sing N N 101 
GLU N   CA   sing N N 102 
GLU N   H    sing N N 103 
GLU N   H2   sing N N 104 
GLU CA  C    sing N N 105 
GLU CA  CB   sing N N 106 
GLU CA  HA   sing N N 107 
GLU C   O    doub N N 108 
GLU C   OXT  sing N N 109 
GLU CB  CG   sing N N 110 
GLU CB  HB2  sing N N 111 
GLU CB  HB3  sing N N 112 
GLU CG  CD   sing N N 113 
GLU CG  HG2  sing N N 114 
GLU CG  HG3  sing N N 115 
GLU CD  OE1  doub N N 116 
GLU CD  OE2  sing N N 117 
GLU OE2 HE2  sing N N 118 
GLU OXT HXT  sing N N 119 
GLY N   CA   sing N N 120 
GLY N   H    sing N N 121 
GLY N   H2   sing N N 122 
GLY CA  C    sing N N 123 
GLY CA  HA2  sing N N 124 
GLY CA  HA3  sing N N 125 
GLY C   O    doub N N 126 
GLY C   OXT  sing N N 127 
GLY OXT HXT  sing N N 128 
HIS N   CA   sing N N 129 
HIS N   H    sing N N 130 
HIS N   H2   sing N N 131 
HIS CA  C    sing N N 132 
HIS CA  CB   sing N N 133 
HIS CA  HA   sing N N 134 
HIS C   O    doub N N 135 
HIS C   OXT  sing N N 136 
HIS CB  CG   sing N N 137 
HIS CB  HB2  sing N N 138 
HIS CB  HB3  sing N N 139 
HIS CG  ND1  sing Y N 140 
HIS CG  CD2  doub Y N 141 
HIS ND1 CE1  doub Y N 142 
HIS ND1 HD1  sing N N 143 
HIS CD2 NE2  sing Y N 144 
HIS CD2 HD2  sing N N 145 
HIS CE1 NE2  sing Y N 146 
HIS CE1 HE1  sing N N 147 
HIS NE2 HE2  sing N N 148 
HIS OXT HXT  sing N N 149 
HOH O   H1   sing N N 150 
HOH O   H2   sing N N 151 
ILE N   CA   sing N N 152 
ILE N   H    sing N N 153 
ILE N   H2   sing N N 154 
ILE CA  C    sing N N 155 
ILE CA  CB   sing N N 156 
ILE CA  HA   sing N N 157 
ILE C   O    doub N N 158 
ILE C   OXT  sing N N 159 
ILE CB  CG1  sing N N 160 
ILE CB  CG2  sing N N 161 
ILE CB  HB   sing N N 162 
ILE CG1 CD1  sing N N 163 
ILE CG1 HG12 sing N N 164 
ILE CG1 HG13 sing N N 165 
ILE CG2 HG21 sing N N 166 
ILE CG2 HG22 sing N N 167 
ILE CG2 HG23 sing N N 168 
ILE CD1 HD11 sing N N 169 
ILE CD1 HD12 sing N N 170 
ILE CD1 HD13 sing N N 171 
ILE OXT HXT  sing N N 172 
LEU N   CA   sing N N 173 
LEU N   H    sing N N 174 
LEU N   H2   sing N N 175 
LEU CA  C    sing N N 176 
LEU CA  CB   sing N N 177 
LEU CA  HA   sing N N 178 
LEU C   O    doub N N 179 
LEU C   OXT  sing N N 180 
LEU CB  CG   sing N N 181 
LEU CB  HB2  sing N N 182 
LEU CB  HB3  sing N N 183 
LEU CG  CD1  sing N N 184 
LEU CG  CD2  sing N N 185 
LEU CG  HG   sing N N 186 
LEU CD1 HD11 sing N N 187 
LEU CD1 HD12 sing N N 188 
LEU CD1 HD13 sing N N 189 
LEU CD2 HD21 sing N N 190 
LEU CD2 HD22 sing N N 191 
LEU CD2 HD23 sing N N 192 
LEU OXT HXT  sing N N 193 
LYS N   CA   sing N N 194 
LYS N   H    sing N N 195 
LYS N   H2   sing N N 196 
LYS CA  C    sing N N 197 
LYS CA  CB   sing N N 198 
LYS CA  HA   sing N N 199 
LYS C   O    doub N N 200 
LYS C   OXT  sing N N 201 
LYS CB  CG   sing N N 202 
LYS CB  HB2  sing N N 203 
LYS CB  HB3  sing N N 204 
LYS CG  CD   sing N N 205 
LYS CG  HG2  sing N N 206 
LYS CG  HG3  sing N N 207 
LYS CD  CE   sing N N 208 
LYS CD  HD2  sing N N 209 
LYS CD  HD3  sing N N 210 
LYS CE  NZ   sing N N 211 
LYS CE  HE2  sing N N 212 
LYS CE  HE3  sing N N 213 
LYS NZ  HZ1  sing N N 214 
LYS NZ  HZ2  sing N N 215 
LYS NZ  HZ3  sing N N 216 
LYS OXT HXT  sing N N 217 
MET N   CA   sing N N 218 
MET N   H    sing N N 219 
MET N   H2   sing N N 220 
MET CA  C    sing N N 221 
MET CA  CB   sing N N 222 
MET CA  HA   sing N N 223 
MET C   O    doub N N 224 
MET C   OXT  sing N N 225 
MET CB  CG   sing N N 226 
MET CB  HB2  sing N N 227 
MET CB  HB3  sing N N 228 
MET CG  SD   sing N N 229 
MET CG  HG2  sing N N 230 
MET CG  HG3  sing N N 231 
MET SD  CE   sing N N 232 
MET CE  HE1  sing N N 233 
MET CE  HE2  sing N N 234 
MET CE  HE3  sing N N 235 
MET OXT HXT  sing N N 236 
PHE N   CA   sing N N 237 
PHE N   H    sing N N 238 
PHE N   H2   sing N N 239 
PHE CA  C    sing N N 240 
PHE CA  CB   sing N N 241 
PHE CA  HA   sing N N 242 
PHE C   O    doub N N 243 
PHE C   OXT  sing N N 244 
PHE CB  CG   sing N N 245 
PHE CB  HB2  sing N N 246 
PHE CB  HB3  sing N N 247 
PHE CG  CD1  doub Y N 248 
PHE CG  CD2  sing Y N 249 
PHE CD1 CE1  sing Y N 250 
PHE CD1 HD1  sing N N 251 
PHE CD2 CE2  doub Y N 252 
PHE CD2 HD2  sing N N 253 
PHE CE1 CZ   doub Y N 254 
PHE CE1 HE1  sing N N 255 
PHE CE2 CZ   sing Y N 256 
PHE CE2 HE2  sing N N 257 
PHE CZ  HZ   sing N N 258 
PHE OXT HXT  sing N N 259 
PRO N   CA   sing N N 260 
PRO N   CD   sing N N 261 
PRO N   H    sing N N 262 
PRO CA  C    sing N N 263 
PRO CA  CB   sing N N 264 
PRO CA  HA   sing N N 265 
PRO C   O    doub N N 266 
PRO C   OXT  sing N N 267 
PRO CB  CG   sing N N 268 
PRO CB  HB2  sing N N 269 
PRO CB  HB3  sing N N 270 
PRO CG  CD   sing N N 271 
PRO CG  HG2  sing N N 272 
PRO CG  HG3  sing N N 273 
PRO CD  HD2  sing N N 274 
PRO CD  HD3  sing N N 275 
PRO OXT HXT  sing N N 276 
SER N   CA   sing N N 277 
SER N   H    sing N N 278 
SER N   H2   sing N N 279 
SER CA  C    sing N N 280 
SER CA  CB   sing N N 281 
SER CA  HA   sing N N 282 
SER C   O    doub N N 283 
SER C   OXT  sing N N 284 
SER CB  OG   sing N N 285 
SER CB  HB2  sing N N 286 
SER CB  HB3  sing N N 287 
SER OG  HG   sing N N 288 
SER OXT HXT  sing N N 289 
THR N   CA   sing N N 290 
THR N   H    sing N N 291 
THR N   H2   sing N N 292 
THR CA  C    sing N N 293 
THR CA  CB   sing N N 294 
THR CA  HA   sing N N 295 
THR C   O    doub N N 296 
THR C   OXT  sing N N 297 
THR CB  OG1  sing N N 298 
THR CB  CG2  sing N N 299 
THR CB  HB   sing N N 300 
THR OG1 HG1  sing N N 301 
THR CG2 HG21 sing N N 302 
THR CG2 HG22 sing N N 303 
THR CG2 HG23 sing N N 304 
THR OXT HXT  sing N N 305 
TRP N   CA   sing N N 306 
TRP N   H    sing N N 307 
TRP N   H2   sing N N 308 
TRP CA  C    sing N N 309 
TRP CA  CB   sing N N 310 
TRP CA  HA   sing N N 311 
TRP C   O    doub N N 312 
TRP C   OXT  sing N N 313 
TRP CB  CG   sing N N 314 
TRP CB  HB2  sing N N 315 
TRP CB  HB3  sing N N 316 
TRP CG  CD1  doub Y N 317 
TRP CG  CD2  sing Y N 318 
TRP CD1 NE1  sing Y N 319 
TRP CD1 HD1  sing N N 320 
TRP CD2 CE2  doub Y N 321 
TRP CD2 CE3  sing Y N 322 
TRP NE1 CE2  sing Y N 323 
TRP NE1 HE1  sing N N 324 
TRP CE2 CZ2  sing Y N 325 
TRP CE3 CZ3  doub Y N 326 
TRP CE3 HE3  sing N N 327 
TRP CZ2 CH2  doub Y N 328 
TRP CZ2 HZ2  sing N N 329 
TRP CZ3 CH2  sing Y N 330 
TRP CZ3 HZ3  sing N N 331 
TRP CH2 HH2  sing N N 332 
TRP OXT HXT  sing N N 333 
TYR N   CA   sing N N 334 
TYR N   H    sing N N 335 
TYR N   H2   sing N N 336 
TYR CA  C    sing N N 337 
TYR CA  CB   sing N N 338 
TYR CA  HA   sing N N 339 
TYR C   O    doub N N 340 
TYR C   OXT  sing N N 341 
TYR CB  CG   sing N N 342 
TYR CB  HB2  sing N N 343 
TYR CB  HB3  sing N N 344 
TYR CG  CD1  doub Y N 345 
TYR CG  CD2  sing Y N 346 
TYR CD1 CE1  sing Y N 347 
TYR CD1 HD1  sing N N 348 
TYR CD2 CE2  doub Y N 349 
TYR CD2 HD2  sing N N 350 
TYR CE1 CZ   doub Y N 351 
TYR CE1 HE1  sing N N 352 
TYR CE2 CZ   sing Y N 353 
TYR CE2 HE2  sing N N 354 
TYR CZ  OH   sing N N 355 
TYR OH  HH   sing N N 356 
TYR OXT HXT  sing N N 357 
VAL N   CA   sing N N 358 
VAL N   H    sing N N 359 
VAL N   H2   sing N N 360 
VAL CA  C    sing N N 361 
VAL CA  CB   sing N N 362 
VAL CA  HA   sing N N 363 
VAL C   O    doub N N 364 
VAL C   OXT  sing N N 365 
VAL CB  CG1  sing N N 366 
VAL CB  CG2  sing N N 367 
VAL CB  HB   sing N N 368 
VAL CG1 HG11 sing N N 369 
VAL CG1 HG12 sing N N 370 
VAL CG1 HG13 sing N N 371 
VAL CG2 HG21 sing N N 372 
VAL CG2 HG22 sing N N 373 
VAL CG2 HG23 sing N N 374 
VAL OXT HXT  sing N N 375 
# 
_atom_sites.entry_id                    1T00 
_atom_sites.fract_transf_matrix[1][1]   0.02273817 
_atom_sites.fract_transf_matrix[1][2]   0.00138192 
_atom_sites.fract_transf_matrix[1][3]   -0.00276235 
_atom_sites.fract_transf_matrix[2][1]   -0.00163414 
_atom_sites.fract_transf_matrix[2][2]   -0.00073724 
_atom_sites.fract_transf_matrix[2][3]   -0.01382021 
_atom_sites.fract_transf_matrix[3][1]   -0.00199144 
_atom_sites.fract_transf_matrix[3][2]   0.03003504 
_atom_sites.fract_transf_matrix[3][3]   -0.00136675 
_atom_sites.fract_transf_vector[1]      0.065467 
_atom_sites.fract_transf_vector[2]      0.238593 
_atom_sites.fract_transf_vector[3]      0.181673 
# 
loop_
_atom_type.symbol 
C 
N 
O 
S 
# 
loop_
_atom_site.group_PDB 
_atom_site.id 
_atom_site.type_symbol 
_atom_site.label_atom_id 
_atom_site.label_alt_id 
_atom_site.label_comp_id 
_atom_site.label_asym_id 
_atom_site.label_entity_id 
_atom_site.label_seq_id 
_atom_site.pdbx_PDB_ins_code 
_atom_site.Cartn_x 
_atom_site.Cartn_y 
_atom_site.Cartn_z 
_atom_site.occupancy 
_atom_site.B_iso_or_equiv 
_atom_site.pdbx_formal_charge 
_atom_site.auth_seq_id 
_atom_site.auth_comp_id 
_atom_site.auth_asym_id 
_atom_site.auth_atom_id 
_atom_site.pdbx_PDB_model_num 
ATOM   1    N N   . SER A 1 1   ? 11.107  6.255   -16.499 1.00 42.09 ? -1  SER A N   1 
ATOM   2    C CA  . SER A 1 1   ? 10.195  5.121   -16.177 1.00 41.00 ? -1  SER A CA  1 
ATOM   3    C C   . SER A 1 1   ? 10.905  3.794   -16.436 1.00 38.33 ? -1  SER A C   1 
ATOM   4    O O   . SER A 1 1   ? 11.820  3.705   -17.255 1.00 37.84 ? -1  SER A O   1 
ATOM   5    C CB  . SER A 1 1   ? 8.898   5.211   -16.991 1.00 42.54 ? -1  SER A CB  1 
ATOM   6    O OG  . SER A 1 1   ? 8.096   4.045   -16.833 1.00 44.07 ? -1  SER A OG  1 
ATOM   7    N N   . HIS A 1 2   ? 10.534  2.783   -15.664 1.00 34.63 ? 0   HIS A N   1 
ATOM   8    C CA  . HIS A 1 2   ? 11.386  1.625   -15.478 1.00 31.83 ? 0   HIS A CA  1 
ATOM   9    C C   . HIS A 1 2   ? 10.581  0.364   -15.635 1.00 30.75 ? 0   HIS A C   1 
ATOM   10   O O   . HIS A 1 2   ? 9.356   0.382   -15.491 1.00 32.55 ? 0   HIS A O   1 
ATOM   11   C CB  . HIS A 1 2   ? 12.018  1.666   -14.087 1.00 29.69 ? 0   HIS A CB  1 
ATOM   12   C CG  . HIS A 1 2   ? 12.790  2.923   -13.823 1.00 25.92 ? 0   HIS A CG  1 
ATOM   13   N ND1 . HIS A 1 2   ? 14.038  3.147   -14.359 1.00 28.87 ? 0   HIS A ND1 1 
ATOM   14   C CD2 . HIS A 1 2   ? 12.514  3.990   -13.039 1.00 21.00 ? 0   HIS A CD2 1 
ATOM   15   C CE1 . HIS A 1 2   ? 14.487  4.313   -13.939 1.00 21.99 ? 0   HIS A CE1 1 
ATOM   16   N NE2 . HIS A 1 2   ? 13.599  4.831   -13.109 1.00 21.37 ? 0   HIS A NE2 1 
ATOM   17   N N   . MET A 1 3   ? 11.289  -0.755  -15.738 1.00 29.93 ? 1   MET A N   1 
ATOM   18   C CA  . MET A 1 3   ? 10.649  -2.051  -15.897 1.00 30.72 ? 1   MET A CA  1 
ATOM   19   C C   . MET A 1 3   ? 10.380  -2.736  -14.561 1.00 27.39 ? 1   MET A C   1 
ATOM   20   O O   . MET A 1 3   ? 9.609   -3.702  -14.479 1.00 28.84 ? 1   MET A O   1 
ATOM   21   C CB  . MET A 1 3   ? 11.529  -2.942  -16.772 1.00 33.55 ? 1   MET A CB  1 
ATOM   22   C CG  . MET A 1 3   ? 11.597  -2.468  -18.231 1.00 39.29 ? 1   MET A CG  1 
ATOM   23   S SD  . MET A 1 3   ? 12.240  -3.722  -19.345 1.00 45.45 ? 1   MET A SD  1 
ATOM   24   C CE  . MET A 1 3   ? 10.932  -4.910  -19.299 1.00 42.51 ? 1   MET A CE  1 
ATOM   25   N N   . ALA A 1 4   ? 11.051  -2.277  -13.518 1.00 22.05 ? 2   ALA A N   1 
ATOM   26   C CA  . ALA A 1 4   ? 10.704  -2.740  -12.197 1.00 20.77 ? 2   ALA A CA  1 
ATOM   27   C C   . ALA A 1 4   ? 10.268  -1.547  -11.381 1.00 17.35 ? 2   ALA A C   1 
ATOM   28   O O   . ALA A 1 4   ? 10.661  -0.388  -11.648 1.00 20.05 ? 2   ALA A O   1 
ATOM   29   C CB  . ALA A 1 4   ? 11.894  -3.446  -11.530 1.00 20.91 ? 2   ALA A CB  1 
ATOM   30   N N   . GLY A 1 5   ? 9.416   -1.826  -10.407 1.00 15.36 ? 3   GLY A N   1 
ATOM   31   C CA  . GLY A 1 5   ? 9.055   -0.858  -9.399  1.00 14.52 ? 3   GLY A CA  1 
ATOM   32   C C   . GLY A 1 5   ? 9.832   -1.091  -8.118  1.00 14.64 ? 3   GLY A C   1 
ATOM   33   O O   . GLY A 1 5   ? 10.400  -2.160  -7.894  1.00 15.86 ? 3   GLY A O   1 
ATOM   34   N N   . THR A 1 6   ? 9.828   -0.109  -7.249  1.00 13.97 ? 4   THR A N   1 
ATOM   35   C CA  . THR A 1 6   ? 10.484  -0.271  -5.969  1.00 15.09 ? 4   THR A CA  1 
ATOM   36   C C   . THR A 1 6   ? 9.544   -0.948  -4.978  1.00 14.00 ? 4   THR A C   1 
ATOM   37   O O   . THR A 1 6   ? 8.315   -0.810  -5.054  1.00 14.45 ? 4   THR A O   1 
ATOM   38   C CB  . THR A 1 6   ? 10.998  1.064   -5.415  1.00 16.07 ? 4   THR A CB  1 
ATOM   39   O OG1 . THR A 1 6   ? 9.915   1.938   -5.058  1.00 15.75 ? 4   THR A OG1 1 
ATOM   40   C CG2 . THR A 1 6   ? 11.793  1.860   -6.483  1.00 17.73 ? 4   THR A CG2 1 
ATOM   41   N N   . LEU A 1 7   ? 10.131  -1.580  -3.971  1.00 13.66 ? 5   LEU A N   1 
ATOM   42   C CA  . LEU A 1 7   ? 9.334   -2.102  -2.856  1.00 11.99 ? 5   LEU A CA  1 
ATOM   43   C C   . LEU A 1 7   ? 10.104  -2.004  -1.557  1.00 11.20 ? 5   LEU A C   1 
ATOM   44   O O   . LEU A 1 7   ? 11.269  -2.395  -1.461  1.00 13.92 ? 5   LEU A O   1 
ATOM   45   C CB  . LEU A 1 7   ? 8.912   -3.560  -3.135  1.00 12.55 ? 5   LEU A CB  1 
ATOM   46   C CG  . LEU A 1 7   ? 8.037   -4.194  -2.083  1.00 15.89 ? 5   LEU A CG  1 
ATOM   47   C CD1 . LEU A 1 7   ? 6.698   -3.541  -2.053  1.00 13.05 ? 5   LEU A CD1 1 
ATOM   48   C CD2 . LEU A 1 7   ? 7.862   -5.657  -2.352  1.00 19.10 ? 5   LEU A CD2 1 
ATOM   49   N N   . LYS A 1 8   ? 9.403   -1.570  -0.511  1.00 13.24 ? 6   LYS A N   1 
ATOM   50   C CA  . LYS A 1 8   ? 9.931   -1.436  0.840   1.00 12.46 ? 6   LYS A CA  1 
ATOM   51   C C   . LYS A 1 8   ? 8.898   -1.974  1.804   1.00 13.41 ? 6   LYS A C   1 
ATOM   52   O O   . LYS A 1 8   ? 7.699   -1.735  1.629   1.00 13.42 ? 6   LYS A O   1 
ATOM   53   C CB  . LYS A 1 8   ? 10.266  0.015   1.142   1.00 17.14 ? 6   LYS A CB  1 
ATOM   54   C CG  . LYS A 1 8   ? 10.818  0.304   2.500   1.00 19.33 ? 6   LYS A CG  1 
ATOM   55   C CD  . LYS A 1 8   ? 11.128  1.809   2.633   1.00 29.01 ? 6   LYS A CD  1 
ATOM   56   C CE  . LYS A 1 8   ? 10.305  2.690   1.706   1.00 30.85 ? 6   LYS A CE  1 
ATOM   57   N NZ  . LYS A 1 8   ? 10.851  4.071   1.691   1.00 31.29 ? 6   LYS A NZ  1 
ATOM   58   N N   . HIS A 1 9   ? 9.353   -2.826  2.720   1.00 12.92 ? 7   HIS A N   1 
ATOM   59   C CA  . HIS A 1 9   ? 8.553   -3.315  3.836   1.00 12.82 ? 7   HIS A CA  1 
ATOM   60   C C   . HIS A 1 9   ? 8.687   -2.350  4.996   1.00 15.72 ? 7   HIS A C   1 
ATOM   61   O O   . HIS A 1 9   ? 9.715   -2.329  5.656   1.00 20.68 ? 7   HIS A O   1 
ATOM   62   C CB  . HIS A 1 9   ? 9.019   -4.740  4.225   1.00 14.27 ? 7   HIS A CB  1 
ATOM   63   C CG  . HIS A 1 9   ? 8.731   -5.738  3.159   1.00 15.12 ? 7   HIS A CG  1 
ATOM   64   N ND1 . HIS A 1 9   ? 9.650   -6.135  2.199   1.00 16.67 ? 7   HIS A ND1 1 
ATOM   65   C CD2 . HIS A 1 9   ? 7.616   -6.461  2.924   1.00 9.73  ? 7   HIS A CD2 1 
ATOM   66   C CE1 . HIS A 1 9   ? 9.045   -6.960  1.353   1.00 10.39 ? 7   HIS A CE1 1 
ATOM   67   N NE2 . HIS A 1 9   ? 7.802   -7.140  1.758   1.00 17.85 ? 7   HIS A NE2 1 
ATOM   68   N N   . VAL A 1 10  ? 7.638   -1.559  5.233   1.00 14.69 ? 8   VAL A N   1 
ATOM   69   C CA  . VAL A 1 10  ? 7.648   -0.510  6.258   1.00 14.83 ? 8   VAL A CA  1 
ATOM   70   C C   . VAL A 1 10  ? 7.211   -1.083  7.619   1.00 12.43 ? 8   VAL A C   1 
ATOM   71   O O   . VAL A 1 10  ? 6.535   -2.102  7.680   1.00 12.07 ? 8   VAL A O   1 
ATOM   72   C CB  . VAL A 1 10  ? 6.817   0.708   5.824   1.00 14.49 ? 8   VAL A CB  1 
ATOM   73   C CG1 . VAL A 1 10  ? 7.427   1.362   4.627   1.00 15.49 ? 8   VAL A CG1 1 
ATOM   74   C CG2 . VAL A 1 10  ? 5.342   0.320   5.611   1.00 16.34 ? 8   VAL A CG2 1 
ATOM   75   N N   . THR A 1 11  ? 7.646   -0.461  8.709   1.00 14.73 ? 9   THR A N   1 
ATOM   76   C CA  . THR A 1 11  ? 7.395   -0.945  10.061  1.00 14.95 ? 9   THR A CA  1 
ATOM   77   C C   . THR A 1 11  ? 6.727   0.159   10.893  1.00 15.18 ? 9   THR A C   1 
ATOM   78   O O   . THR A 1 11  ? 6.705   1.320   10.486  1.00 16.33 ? 9   THR A O   1 
ATOM   79   C CB  . THR A 1 11  ? 8.704   -1.309  10.718  1.00 16.57 ? 9   THR A CB  1 
ATOM   80   O OG1 . THR A 1 11  ? 9.540   -0.146  10.772  1.00 17.33 ? 9   THR A OG1 1 
ATOM   81   C CG2 . THR A 1 11  ? 9.458   -2.324  9.835   1.00 18.96 ? 9   THR A CG2 1 
ATOM   82   N N   . ASP A 1 12  ? 6.260   -0.191  12.096  1.00 16.75 ? 10  ASP A N   1 
ATOM   83   C CA  . ASP A 1 12  ? 5.774   0.848   13.028  1.00 17.51 ? 10  ASP A CA  1 
ATOM   84   C C   . ASP A 1 12  ? 6.810   1.955   13.197  1.00 17.47 ? 10  ASP A C   1 
ATOM   85   O O   . ASP A 1 12  ? 6.464   3.144   13.180  1.00 19.71 ? 10  ASP A O   1 
ATOM   86   C CB  . ASP A 1 12  ? 5.478   0.217   14.391  1.00 18.67 ? 10  ASP A CB  1 
ATOM   87   C CG  . ASP A 1 12  ? 4.236   -0.654  14.381  1.00 22.63 ? 10  ASP A CG  1 
ATOM   88   O OD1 . ASP A 1 12  ? 3.391   -0.485  13.456  1.00 21.80 ? 10  ASP A OD1 1 
ATOM   89   O OD2 . ASP A 1 12  ? 4.054   -1.510  15.263  1.00 29.57 ? 10  ASP A OD2 1 
ATOM   90   N N   . ASP A 1 13  ? 8.085   1.552   13.271  1.00 20.26 ? 11  ASP A N   1 
ATOM   91   C CA  . ASP A 1 13  ? 9.199   2.476   13.509  1.00 21.43 ? 11  ASP A CA  1 
ATOM   92   C C   . ASP A 1 13  ? 9.539   3.369   12.302  1.00 21.68 ? 11  ASP A C   1 
ATOM   93   O O   . ASP A 1 13  ? 9.901   4.546   12.467  1.00 19.67 ? 11  ASP A O   1 
ATOM   94   C CB  . ASP A 1 13  ? 10.424  1.655   13.927  1.00 24.08 ? 11  ASP A CB  1 
ATOM   95   C CG  . ASP A 1 13  ? 11.547  2.493   14.488  1.00 35.37 ? 11  ASP A CG  1 
ATOM   96   O OD1 . ASP A 1 13  ? 11.303  3.224   15.478  1.00 43.16 ? 11  ASP A OD1 1 
ATOM   97   O OD2 . ASP A 1 13  ? 12.732  2.389   14.080  1.00 39.92 ? 11  ASP A OD2 1 
ATOM   98   N N   . SER A 1 14  ? 9.361   2.856   11.086  1.00 17.53 ? 12  SER A N   1 
ATOM   99   C CA  . SER A 1 14  ? 9.770   3.575   9.876   1.00 17.96 ? 12  SER A CA  1 
ATOM   100  C C   . SER A 1 14  ? 8.616   4.324   9.174   1.00 16.45 ? 12  SER A C   1 
ATOM   101  O O   . SER A 1 14  ? 8.832   5.046   8.191   1.00 16.45 ? 12  SER A O   1 
ATOM   102  C CB  . SER A 1 14  ? 10.431  2.609   8.890   1.00 18.12 ? 12  SER A CB  1 
ATOM   103  O OG  . SER A 1 14  ? 9.435   1.928   8.120   1.00 17.57 ? 12  SER A OG  1 
ATOM   104  N N   . PHE A 1 15  ? 7.402   4.145   9.693   1.00 15.52 ? 13  PHE A N   1 
ATOM   105  C CA  . PHE A 1 15  ? 6.197   4.580   8.978   1.00 14.82 ? 13  PHE A CA  1 
ATOM   106  C C   . PHE A 1 15  ? 6.167   6.094   8.764   1.00 16.30 ? 13  PHE A C   1 
ATOM   107  O O   . PHE A 1 15  ? 5.894   6.556   7.662   1.00 16.68 ? 13  PHE A O   1 
ATOM   108  C CB  . PHE A 1 15  ? 4.934   4.111   9.688   1.00 14.59 ? 13  PHE A CB  1 
ATOM   109  C CG  . PHE A 1 15  ? 3.747   3.929   8.766   1.00 16.26 ? 13  PHE A CG  1 
ATOM   110  C CD1 . PHE A 1 15  ? 3.576   2.759   8.048   1.00 19.44 ? 13  PHE A CD1 1 
ATOM   111  C CD2 . PHE A 1 15  ? 2.749   4.883   8.716   1.00 16.10 ? 13  PHE A CD2 1 
ATOM   112  C CE1 . PHE A 1 15  ? 2.490   2.594   7.186   1.00 15.46 ? 13  PHE A CE1 1 
ATOM   113  C CE2 . PHE A 1 15  ? 1.625   4.712   7.856   1.00 18.61 ? 13  PHE A CE2 1 
ATOM   114  C CZ  . PHE A 1 15  ? 1.514   3.561   7.103   1.00 17.13 ? 13  PHE A CZ  1 
ATOM   115  N N   . GLU A 1 16  ? 6.556   6.861   9.779   1.00 17.13 ? 14  GLU A N   1 
ATOM   116  C CA  . GLU A 1 16  ? 6.572   8.332   9.594   1.00 19.42 ? 14  GLU A CA  1 
ATOM   117  C C   . GLU A 1 16  ? 7.501   8.763   8.455   1.00 19.07 ? 14  GLU A C   1 
ATOM   118  O O   . GLU A 1 16  ? 7.104   9.527   7.597   1.00 19.67 ? 14  GLU A O   1 
ATOM   119  C CB  . GLU A 1 16  ? 6.978   9.043   10.890  1.00 22.42 ? 14  GLU A CB  1 
ATOM   120  C CG  . GLU A 1 16  ? 6.693   10.547  10.903  1.00 25.14 ? 14  GLU A CG  1 
ATOM   121  C CD  . GLU A 1 16  ? 7.286   11.220  12.123  1.00 32.71 ? 14  GLU A CD  1 
ATOM   122  O OE1 . GLU A 1 16  ? 7.047   10.720  13.243  1.00 35.45 ? 14  GLU A OE1 1 
ATOM   123  O OE2 . GLU A 1 16  ? 8.070   12.185  11.951  1.00 38.28 ? 14  GLU A OE2 1 
ATOM   124  N N   . GLN A 1 17  ? 8.746   8.303   8.459   1.00 18.05 ? 15  GLN A N   1 
ATOM   125  C CA  . GLN A 1 17  ? 9.701   8.748   7.455   1.00 20.31 ? 15  GLN A CA  1 
ATOM   126  C C   . GLN A 1 17  ? 9.379   8.218   6.075   1.00 19.04 ? 15  GLN A C   1 
ATOM   127  O O   . GLN A 1 17  ? 9.504   8.922   5.092   1.00 23.32 ? 15  GLN A O   1 
ATOM   128  C CB  . GLN A 1 17  ? 11.136  8.335   7.830   1.00 21.75 ? 15  GLN A CB  1 
ATOM   129  C CG  . GLN A 1 17  ? 11.769  9.101   9.000   1.00 28.92 ? 15  GLN A CG  1 
ATOM   130  C CD  . GLN A 1 17  ? 11.618  10.621  8.913   1.00 34.74 ? 15  GLN A CD  1 
ATOM   131  O OE1 . GLN A 1 17  ? 12.254  11.287  8.079   1.00 34.42 ? 15  GLN A OE1 1 
ATOM   132  N NE2 . GLN A 1 17  ? 10.841  11.178  9.830   1.00 33.15 ? 15  GLN A NE2 1 
ATOM   133  N N   . ASP A 1 18  ? 9.021   6.929   5.996   1.00 14.99 ? 16  ASP A N   1 
ATOM   134  C CA  . ASP A 1 18  ? 8.796   6.276   4.729   1.00 15.76 ? 16  ASP A CA  1 
ATOM   135  C C   . ASP A 1 18  ? 7.483   6.683   4.073   1.00 17.98 ? 16  ASP A C   1 
ATOM   136  O O   . ASP A 1 18  ? 7.414   6.774   2.857   1.00 19.80 ? 16  ASP A O   1 
ATOM   137  C CB  . ASP A 1 18  ? 8.806   4.742   4.903   1.00 13.37 ? 16  ASP A CB  1 
ATOM   138  C CG  . ASP A 1 18  ? 10.149  4.180   5.253   1.00 16.66 ? 16  ASP A CG  1 
ATOM   139  O OD1 . ASP A 1 18  ? 11.162  4.710   4.735   1.00 22.24 ? 16  ASP A OD1 1 
ATOM   140  O OD2 . ASP A 1 18  ? 10.255  3.057   5.831   1.00 21.80 ? 16  ASP A OD2 1 
ATOM   141  N N   . VAL A 1 19  ? 6.429   6.854   4.872   1.00 16.23 ? 17  VAL A N   1 
ATOM   142  C CA  . VAL A 1 19  ? 5.088   7.015   4.338   1.00 14.49 ? 17  VAL A CA  1 
ATOM   143  C C   . VAL A 1 19  ? 4.565   8.427   4.616   1.00 16.51 ? 17  VAL A C   1 
ATOM   144  O O   . VAL A 1 19  ? 4.163   9.110   3.689   1.00 16.41 ? 17  VAL A O   1 
ATOM   145  C CB  . VAL A 1 19  ? 4.121   5.978   4.954   1.00 15.05 ? 17  VAL A CB  1 
ATOM   146  C CG1 . VAL A 1 19  ? 2.714   6.177   4.420   1.00 15.68 ? 17  VAL A CG1 1 
ATOM   147  C CG2 . VAL A 1 19  ? 4.576   4.562   4.657   1.00 17.01 ? 17  VAL A CG2 1 
ATOM   148  N N   . LEU A 1 20  ? 4.587   8.845   5.869   1.00 16.06 ? 18  LEU A N   1 
ATOM   149  C CA  . LEU A 1 20  ? 3.857   10.050  6.221   1.00 18.27 ? 18  LEU A CA  1 
ATOM   150  C C   . LEU A 1 20  ? 4.569   11.303  5.684   1.00 19.38 ? 18  LEU A C   1 
ATOM   151  O O   . LEU A 1 20  ? 3.906   12.310  5.377   1.00 22.41 ? 18  LEU A O   1 
ATOM   152  C CB  . LEU A 1 20  ? 3.601   10.117  7.715   1.00 17.66 ? 18  LEU A CB  1 
ATOM   153  C CG  . LEU A 1 20  ? 2.853   8.932   8.361   1.00 20.23 ? 18  LEU A CG  1 
ATOM   154  C CD1 . LEU A 1 20  ? 2.535   9.228   9.844   1.00 22.90 ? 18  LEU A CD1 1 
ATOM   155  C CD2 . LEU A 1 20  ? 1.600   8.608   7.616   1.00 20.20 ? 18  LEU A CD2 1 
ATOM   156  N N   . LYS A 1 21  ? 5.887   11.213  5.460   1.00 21.33 ? 19  LYS A N   1 
ATOM   157  C CA  . LYS A 1 21  ? 6.655   12.340  4.897   1.00 20.90 ? 19  LYS A CA  1 
ATOM   158  C C   . LYS A 1 21  ? 7.042   12.232  3.406   1.00 22.46 ? 19  LYS A C   1 
ATOM   159  O O   . LYS A 1 21  ? 7.807   13.047  2.886   1.00 25.32 ? 19  LYS A O   1 
ATOM   160  C CB  . LYS A 1 21  ? 7.922   12.562  5.714   1.00 22.79 ? 19  LYS A CB  1 
ATOM   161  C CG  . LYS A 1 21  ? 7.653   12.907  7.135   1.00 23.02 ? 19  LYS A CG  1 
ATOM   162  C CD  . LYS A 1 21  ? 8.936   12.977  7.944   1.00 26.57 ? 19  LYS A CD  1 
ATOM   163  C CE  . LYS A 1 21  ? 8.708   13.610  9.306   1.00 28.64 ? 19  LYS A CE  1 
ATOM   164  N NZ  . LYS A 1 21  ? 9.923   13.587  10.177  1.00 31.93 ? 19  LYS A NZ  1 
ATOM   165  N N   . ASN A 1 22  ? 6.478   11.279  2.694   1.00 21.03 ? 20  ASN A N   1 
ATOM   166  C CA  . ASN A 1 22  ? 6.846   11.076  1.307   1.00 22.36 ? 20  ASN A CA  1 
ATOM   167  C C   . ASN A 1 22  ? 6.316   12.186  0.387   1.00 21.99 ? 20  ASN A C   1 
ATOM   168  O O   . ASN A 1 22  ? 5.223   12.686  0.602   1.00 23.98 ? 20  ASN A O   1 
ATOM   169  C CB  . ASN A 1 22  ? 6.356   9.715   0.837   1.00 22.23 ? 20  ASN A CB  1 
ATOM   170  C CG  . ASN A 1 22  ? 7.232   9.132   -0.224  1.00 24.08 ? 20  ASN A CG  1 
ATOM   171  O OD1 . ASN A 1 22  ? 8.391   8.835   0.039   1.00 29.11 ? 20  ASN A OD1 1 
ATOM   172  N ND2 . ASN A 1 22  ? 6.765   9.164   -1.467  1.00 25.14 ? 20  ASN A ND2 1 
ATOM   173  N N   . ASP A 1 23  ? 7.079   12.518  -0.658  1.00 22.51 ? 21  ASP A N   1 
ATOM   174  C CA  . ASP A 1 23  ? 6.615   13.443  -1.692  1.00 22.31 ? 21  ASP A CA  1 
ATOM   175  C C   . ASP A 1 23  ? 5.483   12.822  -2.522  1.00 21.83 ? 21  ASP A C   1 
ATOM   176  O O   . ASP A 1 23  ? 4.424   13.420  -2.693  1.00 24.35 ? 21  ASP A O   1 
ATOM   177  C CB  . ASP A 1 23  ? 7.772   13.840  -2.634  1.00 23.02 ? 21  ASP A CB  1 
ATOM   178  C CG  . ASP A 1 23  ? 8.762   14.831  -2.008  1.00 23.41 ? 21  ASP A CG  1 
ATOM   179  O OD1 . ASP A 1 23  ? 8.564   15.280  -0.850  1.00 23.68 ? 21  ASP A OD1 1 
ATOM   180  O OD2 . ASP A 1 23  ? 9.847   15.101  -2.600  1.00 19.05 ? 21  ASP A OD2 1 
ATOM   181  N N   . LYS A 1 24  ? 5.736   11.649  -3.080  1.00 22.11 ? 22  LYS A N   1 
ATOM   182  C CA  . LYS A 1 24  ? 4.733   10.955  -3.879  1.00 21.21 ? 22  LYS A CA  1 
ATOM   183  C C   . LYS A 1 24  ? 3.624   10.453  -2.942  1.00 19.33 ? 22  LYS A C   1 
ATOM   184  O O   . LYS A 1 24  ? 3.859   10.164  -1.752  1.00 18.76 ? 22  LYS A O   1 
ATOM   185  C CB  . LYS A 1 24  ? 5.361   9.755   -4.596  1.00 21.43 ? 22  LYS A CB  1 
ATOM   186  C CG  . LYS A 1 24  ? 6.374   10.071  -5.679  1.00 27.64 ? 22  LYS A CG  1 
ATOM   187  C CD  . LYS A 1 24  ? 6.444   8.926   -6.670  1.00 29.56 ? 22  LYS A CD  1 
ATOM   188  C CE  . LYS A 1 24  ? 7.855   8.399   -6.869  1.00 34.84 ? 22  LYS A CE  1 
ATOM   189  N NZ  . LYS A 1 24  ? 8.311   8.572   -8.283  1.00 32.45 ? 22  LYS A NZ  1 
ATOM   190  N N   . PRO A 1 25  ? 2.438   10.243  -3.491  1.00 18.72 ? 23  PRO A N   1 
ATOM   191  C CA  . PRO A 1 25  ? 1.461   9.333   -2.858  1.00 17.49 ? 23  PRO A CA  1 
ATOM   192  C C   . PRO A 1 25  ? 2.079   7.949   -2.634  1.00 17.69 ? 23  PRO A C   1 
ATOM   193  O O   . PRO A 1 25  ? 2.847   7.460   -3.480  1.00 16.07 ? 23  PRO A O   1 
ATOM   194  C CB  . PRO A 1 25  ? 0.328   9.244   -3.885  1.00 18.48 ? 23  PRO A CB  1 
ATOM   195  C CG  . PRO A 1 25  ? 0.610   10.265  -4.907  1.00 22.67 ? 23  PRO A CG  1 
ATOM   196  C CD  . PRO A 1 25  ? 2.023   10.678  -4.830  1.00 18.48 ? 23  PRO A CD  1 
ATOM   197  N N   . VAL A 1 26  ? 1.742   7.340   -1.494  1.00 15.01 ? 24  VAL A N   1 
ATOM   198  C CA  . VAL A 1 26  ? 2.298   6.032   -1.115  1.00 14.16 ? 24  VAL A CA  1 
ATOM   199  C C   . VAL A 1 26  ? 1.108   5.137   -0.894  1.00 13.82 ? 24  VAL A C   1 
ATOM   200  O O   . VAL A 1 26  ? 0.255   5.401   -0.020  1.00 14.23 ? 24  VAL A O   1 
ATOM   201  C CB  . VAL A 1 26  ? 3.131   6.109   0.188   1.00 14.35 ? 24  VAL A CB  1 
ATOM   202  C CG1 . VAL A 1 26  ? 3.633   4.749   0.586   1.00 15.01 ? 24  VAL A CG1 1 
ATOM   203  C CG2 . VAL A 1 26  ? 4.280   7.068   0.034   1.00 15.84 ? 24  VAL A CG2 1 
ATOM   204  N N   . LEU A 1 27  ? 1.096   4.048   -1.653  1.00 12.24 ? 25  LEU A N   1 
ATOM   205  C CA  . LEU A 1 27  ? 0.150   2.960   -1.459  1.00 11.68 ? 25  LEU A CA  1 
ATOM   206  C C   . LEU A 1 27  ? 0.748   1.958   -0.493  1.00 14.34 ? 25  LEU A C   1 
ATOM   207  O O   . LEU A 1 27  ? 1.760   1.378   -0.789  1.00 13.68 ? 25  LEU A O   1 
ATOM   208  C CB  . LEU A 1 27  ? -0.191  2.330   -2.821  1.00 13.99 ? 25  LEU A CB  1 
ATOM   209  C CG  . LEU A 1 27  ? -1.257  1.266   -2.860  1.00 14.55 ? 25  LEU A CG  1 
ATOM   210  C CD1 . LEU A 1 27  ? -1.537  0.986   -4.312  1.00 16.90 ? 25  LEU A CD1 1 
ATOM   211  C CD2 . LEU A 1 27  ? -0.778  0.001   -2.177  1.00 15.81 ? 25  LEU A CD2 1 
ATOM   212  N N   . VAL A 1 28  ? 0.124   1.837   0.679   1.00 12.61 ? 26  VAL A N   1 
ATOM   213  C CA  . VAL A 1 28  ? 0.535   0.943   1.720   1.00 12.01 ? 26  VAL A CA  1 
ATOM   214  C C   . VAL A 1 28  ? -0.394  -0.249  1.631   1.00 11.70 ? 26  VAL A C   1 
ATOM   215  O O   . VAL A 1 28  ? -1.591  -0.140  1.837   1.00 13.52 ? 26  VAL A O   1 
ATOM   216  C CB  . VAL A 1 28  ? 0.465   1.569   3.107   1.00 12.06 ? 26  VAL A CB  1 
ATOM   217  C CG1 . VAL A 1 28  ? 0.913   0.590   4.180   1.00 13.01 ? 26  VAL A CG1 1 
ATOM   218  C CG2 . VAL A 1 28  ? 1.285   2.870   3.144   1.00 13.14 ? 26  VAL A CG2 1 
ATOM   219  N N   . ASP A 1 29  ? 0.184   -1.406  1.393   1.00 10.42 ? 27  ASP A N   1 
ATOM   220  C CA  . ASP A 1 29  ? -0.531  -2.687  1.360   1.00 11.09 ? 27  ASP A CA  1 
ATOM   221  C C   . ASP A 1 29  ? -0.412  -3.315  2.749   1.00 11.13 ? 27  ASP A C   1 
ATOM   222  O O   . ASP A 1 29  ? 0.658   -3.793  3.124   1.00 11.39 ? 27  ASP A O   1 
ATOM   223  C CB  . ASP A 1 29  ? 0.144   -3.565  0.316   1.00 11.97 ? 27  ASP A CB  1 
ATOM   224  C CG  . ASP A 1 29  ? -0.338  -4.983  0.303   1.00 10.43 ? 27  ASP A CG  1 
ATOM   225  O OD1 . ASP A 1 29  ? -1.459  -5.296  0.750   1.00 12.86 ? 27  ASP A OD1 1 
ATOM   226  O OD2 . ASP A 1 29  ? 0.428   -5.835  -0.254  1.00 14.84 ? 27  ASP A OD2 1 
ATOM   227  N N   . PHE A 1 30  ? -1.509  -3.302  3.493   1.00 11.14 ? 28  PHE A N   1 
ATOM   228  C CA  . PHE A 1 30  ? -1.611  -3.933  4.790   1.00 11.24 ? 28  PHE A CA  1 
ATOM   229  C C   . PHE A 1 30  ? -1.992  -5.384  4.556   1.00 10.55 ? 28  PHE A C   1 
ATOM   230  O O   . PHE A 1 30  ? -3.018  -5.663  3.886   1.00 10.69 ? 28  PHE A O   1 
ATOM   231  C CB  . PHE A 1 30  ? -2.716  -3.277  5.631   1.00 12.07 ? 28  PHE A CB  1 
ATOM   232  C CG  . PHE A 1 30  ? -2.367  -1.909  6.159   1.00 11.95 ? 28  PHE A CG  1 
ATOM   233  C CD1 . PHE A 1 30  ? -2.459  -0.800  5.367   1.00 12.07 ? 28  PHE A CD1 1 
ATOM   234  C CD2 . PHE A 1 30  ? -2.027  -1.736  7.508   1.00 12.93 ? 28  PHE A CD2 1 
ATOM   235  C CE1 . PHE A 1 30  ? -2.153  0.477   5.848   1.00 12.08 ? 28  PHE A CE1 1 
ATOM   236  C CE2 . PHE A 1 30  ? -1.732  -0.435  8.002   1.00 14.25 ? 28  PHE A CE2 1 
ATOM   237  C CZ  . PHE A 1 30  ? -1.870  0.656   7.190   1.00 15.98 ? 28  PHE A CZ  1 
ATOM   238  N N   . TRP A 1 31  ? -1.068  -6.284  4.872   1.00 11.27 ? 29  TRP A N   1 
ATOM   239  C CA  . TRP A 1 31  ? -1.140  -7.681  4.464   1.00 13.47 ? 29  TRP A CA  1 
ATOM   240  C C   . TRP A 1 31  ? -0.669  -8.634  5.557   1.00 12.13 ? 29  TRP A C   1 
ATOM   241  O O   . TRP A 1 31  ? -0.092  -8.240  6.575   1.00 12.92 ? 29  TRP A O   1 
ATOM   242  C CB  . TRP A 1 31  ? -0.304  -7.918  3.191   1.00 12.02 ? 29  TRP A CB  1 
ATOM   243  C CG  . TRP A 1 31  ? 1.196   -7.932  3.472   1.00 10.29 ? 29  TRP A CG  1 
ATOM   244  C CD1 . TRP A 1 31  ? 1.966   -6.878  3.867   1.00 12.11 ? 29  TRP A CD1 1 
ATOM   245  C CD2 . TRP A 1 31  ? 2.069   -9.072  3.441   1.00 13.75 ? 29  TRP A CD2 1 
ATOM   246  N NE1 . TRP A 1 31  ? 3.265   -7.278  4.053   1.00 11.77 ? 29  TRP A NE1 1 
ATOM   247  C CE2 . TRP A 1 31  ? 3.345   -8.629  3.848   1.00 14.79 ? 29  TRP A CE2 1 
ATOM   248  C CE3 . TRP A 1 31  ? 1.892   -10.417 3.117   1.00 17.21 ? 29  TRP A CE3 1 
ATOM   249  C CZ2 . TRP A 1 31  ? 4.447   -9.453  3.862   1.00 17.36 ? 29  TRP A CZ2 1 
ATOM   250  C CZ3 . TRP A 1 31  ? 2.987   -11.254 3.187   1.00 17.46 ? 29  TRP A CZ3 1 
ATOM   251  C CH2 . TRP A 1 31  ? 4.239   -10.768 3.551   1.00 17.46 ? 29  TRP A CH2 1 
ATOM   252  N N   . ALA A 1 32  ? -0.809  -9.913  5.261   1.00 13.91 ? 30  ALA A N   1 
ATOM   253  C CA  . ALA A 1 32  ? -0.201  -10.979 6.057   1.00 15.51 ? 30  ALA A CA  1 
ATOM   254  C C   . ALA A 1 32  ? 0.040   -12.174 5.192   1.00 15.23 ? 30  ALA A C   1 
ATOM   255  O O   . ALA A 1 32  ? -0.662  -12.417 4.230   1.00 17.54 ? 30  ALA A O   1 
ATOM   256  C CB  . ALA A 1 32  ? -1.114  -11.365 7.222   1.00 18.16 ? 30  ALA A CB  1 
ATOM   257  N N   . ALA A 1 33  ? 0.955   -13.036 5.624   1.00 17.27 ? 31  ALA A N   1 
ATOM   258  C CA  . ALA A 1 33  ? 1.447   -14.035 4.735   1.00 17.20 ? 31  ALA A CA  1 
ATOM   259  C C   . ALA A 1 33  ? 0.476   -15.215 4.610   1.00 17.55 ? 31  ALA A C   1 
ATOM   260  O O   . ALA A 1 33  ? 0.430   -15.834 3.549   1.00 19.28 ? 31  ALA A O   1 
ATOM   261  C CB  . ALA A 1 33  ? 2.779   -14.534 5.241   1.00 19.71 ? 31  ALA A CB  1 
ATOM   262  N N   . TRP A 1 34  ? -0.383  -15.374 5.617   1.00 17.82 ? 32  TRP A N   1 
ATOM   263  C CA  . TRP A 1 34  ? -1.439  -16.420 5.651   1.00 18.15 ? 32  TRP A CA  1 
ATOM   264  C C   . TRP A 1 34  ? -2.729  -16.040 4.932   1.00 21.00 ? 32  TRP A C   1 
ATOM   265  O O   . TRP A 1 34  ? -3.657  -16.821 4.857   1.00 22.14 ? 32  TRP A O   1 
ATOM   266  C CB  . TRP A 1 34  ? -1.817  -16.779 7.084   1.00 19.45 ? 32  TRP A CB  1 
ATOM   267  C CG  . TRP A 1 34  ? -2.003  -15.621 7.966   1.00 16.91 ? 32  TRP A CG  1 
ATOM   268  C CD1 . TRP A 1 34  ? -1.072  -15.093 8.806   1.00 16.57 ? 32  TRP A CD1 1 
ATOM   269  C CD2 . TRP A 1 34  ? -3.160  -14.755 8.063   1.00 21.48 ? 32  TRP A CD2 1 
ATOM   270  N NE1 . TRP A 1 34  ? -1.557  -13.973 9.429   1.00 16.83 ? 32  TRP A NE1 1 
ATOM   271  C CE2 . TRP A 1 34  ? -2.852  -13.763 9.023   1.00 17.48 ? 32  TRP A CE2 1 
ATOM   272  C CE3 . TRP A 1 34  ? -4.455  -14.789 7.536   1.00 18.70 ? 32  TRP A CE3 1 
ATOM   273  C CZ2 . TRP A 1 34  ? -3.752  -12.757 9.405   1.00 17.78 ? 32  TRP A CZ2 1 
ATOM   274  C CZ3 . TRP A 1 34  ? -5.364  -13.782 7.935   1.00 15.53 ? 32  TRP A CZ3 1 
ATOM   275  C CH2 . TRP A 1 34  ? -5.008  -12.798 8.861   1.00 20.11 ? 32  TRP A CH2 1 
ATOM   276  N N   . CYS A 1 35  ? -2.775  -14.834 4.388   1.00 17.19 ? 33  CYS A N   1 
ATOM   277  C CA  . CYS A 1 35  ? -3.968  -14.327 3.732   1.00 16.85 ? 33  CYS A CA  1 
ATOM   278  C C   . CYS A 1 35  ? -3.896  -14.572 2.223   1.00 16.16 ? 33  CYS A C   1 
ATOM   279  O O   . CYS A 1 35  ? -3.082  -13.997 1.517   1.00 16.49 ? 33  CYS A O   1 
ATOM   280  C CB  . CYS A 1 35  ? -4.081  -12.837 3.999   1.00 17.18 ? 33  CYS A CB  1 
ATOM   281  S SG  . CYS A 1 35  ? -5.433  -12.013 3.161   1.00 19.35 ? 33  CYS A SG  1 
ATOM   282  N N   . GLY A 1 36  ? -4.716  -15.487 1.735   1.00 15.81 ? 34  GLY A N   1 
ATOM   283  C CA  . GLY A 1 36  ? -4.744  -15.830 0.348   1.00 14.78 ? 34  GLY A CA  1 
ATOM   284  C C   . GLY A 1 36  ? -5.095  -14.677 -0.562  1.00 14.38 ? 34  GLY A C   1 
ATOM   285  O O   . GLY A 1 36  ? -4.432  -14.477 -1.569  1.00 17.00 ? 34  GLY A O   1 
ATOM   286  N N   . PRO A 1 37  ? -6.096  -13.870 -0.195  1.00 14.78 ? 35  PRO A N   1 
ATOM   287  C CA  . PRO A 1 37  ? -6.392  -12.680 -0.997  1.00 13.53 ? 35  PRO A CA  1 
ATOM   288  C C   . PRO A 1 37  ? -5.213  -11.692 -1.071  1.00 13.03 ? 35  PRO A C   1 
ATOM   289  O O   . PRO A 1 37  ? -4.974  -11.146 -2.137  1.00 15.00 ? 35  PRO A O   1 
ATOM   290  C CB  . PRO A 1 37  ? -7.624  -12.109 -0.318  1.00 14.90 ? 35  PRO A CB  1 
ATOM   291  C CG  . PRO A 1 37  ? -8.353  -13.332 0.228   1.00 15.47 ? 35  PRO A CG  1 
ATOM   292  C CD  . PRO A 1 37  ? -7.169  -14.135 0.794   1.00 16.19 ? 35  PRO A CD  1 
ATOM   293  N N   . CYS A 1 38  ? -4.424  -11.552 -0.002  1.00 14.41 ? 36  CYS A N   1 
ATOM   294  C CA  . CYS A 1 38  ? -3.201  -10.711 -0.104  1.00 14.69 ? 36  CYS A CA  1 
ATOM   295  C C   . CYS A 1 38  ? -2.228  -11.277 -1.158  1.00 14.81 ? 36  CYS A C   1 
ATOM   296  O O   . CYS A 1 38  ? -1.563  -10.546 -1.878  1.00 16.76 ? 36  CYS A O   1 
ATOM   297  C CB  . CYS A 1 38  ? -2.459  -10.659 1.226   1.00 18.15 ? 36  CYS A CB  1 
ATOM   298  S SG  . CYS A 1 38  ? -3.295  -9.786  2.517   1.00 16.97 ? 36  CYS A SG  1 
ATOM   299  N N   . ARG A 1 39  ? -2.027  -12.587 -1.121  1.00 17.25 ? 37  ARG A N   1 
ATOM   300  C CA  . ARG A 1 39  ? -1.128  -13.248 -2.068  1.00 15.55 ? 37  ARG A CA  1 
ATOM   301  C C   . ARG A 1 39  ? -1.605  -12.990 -3.476  1.00 17.28 ? 37  ARG A C   1 
ATOM   302  O O   . ARG A 1 39  ? -0.803  -12.724 -4.380  1.00 20.41 ? 37  ARG A O   1 
ATOM   303  C CB  . ARG A 1 39  ? -1.032  -14.741 -1.792  1.00 19.69 ? 37  ARG A CB  1 
ATOM   304  C CG  . ARG A 1 39  ? -0.438  -15.072 -0.416  1.00 19.66 ? 37  ARG A CG  1 
ATOM   305  C CD  . ARG A 1 39  ? -0.109  -16.569 -0.195  1.00 19.84 ? 37  ARG A CD  1 
ATOM   306  N NE  . ARG A 1 39  ? -1.278  -17.470 -0.239  1.00 23.84 ? 37  ARG A NE  1 
ATOM   307  C CZ  . ARG A 1 39  ? -1.928  -17.915 0.833   1.00 24.58 ? 37  ARG A CZ  1 
ATOM   308  N NH1 . ARG A 1 39  ? -1.562  -17.548 2.060   1.00 24.66 ? 37  ARG A NH1 1 
ATOM   309  N NH2 . ARG A 1 39  ? -2.940  -18.771 0.675   1.00 24.04 ? 37  ARG A NH2 1 
ATOM   310  N N   . GLN A 1 40  ? -2.918  -13.069 -3.655  1.00 15.38 ? 38  GLN A N   1 
ATOM   311  C CA  . GLN A 1 40  ? -3.533  -12.899 -4.988  1.00 17.43 ? 38  GLN A CA  1 
ATOM   312  C C   . GLN A 1 40  ? -3.154  -11.562 -5.633  1.00 16.74 ? 38  GLN A C   1 
ATOM   313  O O   . GLN A 1 40  ? -2.974  -11.495 -6.852  1.00 18.52 ? 38  GLN A O   1 
ATOM   314  C CB  . GLN A 1 40  ? -5.072  -13.089 -4.968  1.00 19.03 ? 38  GLN A CB  1 
ATOM   315  C CG  . GLN A 1 40  ? -5.570  -14.541 -4.792  1.00 24.88 ? 38  GLN A CG  1 
ATOM   316  C CD  . GLN A 1 40  ? -7.052  -14.684 -5.122  1.00 28.28 ? 38  GLN A CD  1 
ATOM   317  O OE1 . GLN A 1 40  ? -7.779  -13.689 -5.185  1.00 32.75 ? 38  GLN A OE1 1 
ATOM   318  N NE2 . GLN A 1 40  ? -7.506  -15.913 -5.305  1.00 29.66 ? 38  GLN A NE2 1 
ATOM   319  N N   . ILE A 1 41  ? -3.170  -10.480 -4.856  1.00 13.63 ? 39  ILE A N   1 
ATOM   320  C CA  . ILE A 1 41  ? -2.956  -9.125  -5.399  1.00 14.29 ? 39  ILE A CA  1 
ATOM   321  C C   . ILE A 1 41  ? -1.498  -8.778  -5.555  1.00 14.45 ? 39  ILE A C   1 
ATOM   322  O O   . ILE A 1 41  ? -1.177  -7.790  -6.184  1.00 16.55 ? 39  ILE A O   1 
ATOM   323  C CB  . ILE A 1 41  ? -3.682  -8.017  -4.618  1.00 12.87 ? 39  ILE A CB  1 
ATOM   324  C CG1 . ILE A 1 41  ? -3.070  -7.759  -3.220  1.00 14.76 ? 39  ILE A CG1 1 
ATOM   325  C CG2 . ILE A 1 41  ? -5.168  -8.294  -4.516  1.00 14.45 ? 39  ILE A CG2 1 
ATOM   326  C CD1 . ILE A 1 41  ? -3.394  -6.344  -2.658  1.00 16.01 ? 39  ILE A CD1 1 
ATOM   327  N N   . ALA A 1 42  ? -0.605  -9.607  -5.017  1.00 15.57 ? 40  ALA A N   1 
ATOM   328  C CA  . ALA A 1 42  ? 0.798   -9.185  -4.968  1.00 14.60 ? 40  ALA A CA  1 
ATOM   329  C C   . ALA A 1 42  ? 1.359   -8.982  -6.388  1.00 12.73 ? 40  ALA A C   1 
ATOM   330  O O   . ALA A 1 42  ? 2.034   -7.989  -6.613  1.00 14.00 ? 40  ALA A O   1 
ATOM   331  C CB  . ALA A 1 42  ? 1.667   -10.145 -4.182  1.00 16.47 ? 40  ALA A CB  1 
ATOM   332  N N   . PRO A 1 43  ? 1.071   -9.846  -7.363  1.00 14.76 ? 41  PRO A N   1 
ATOM   333  C CA  . PRO A 1 43  ? 1.550   -9.540  -8.722  1.00 15.79 ? 41  PRO A CA  1 
ATOM   334  C C   . PRO A 1 43  ? 0.953   -8.235  -9.322  1.00 15.06 ? 41  PRO A C   1 
ATOM   335  O O   . PRO A 1 43  ? 1.622   -7.600  -10.104 1.00 16.95 ? 41  PRO A O   1 
ATOM   336  C CB  . PRO A 1 43  ? 1.140   -10.763 -9.546  1.00 16.96 ? 41  PRO A CB  1 
ATOM   337  C CG  . PRO A 1 43  ? 0.932   -11.857 -8.536  1.00 19.82 ? 41  PRO A CG  1 
ATOM   338  C CD  . PRO A 1 43  ? 0.391   -11.146 -7.292  1.00 14.30 ? 41  PRO A CD  1 
ATOM   339  N N   . SER A 1 44  ? -0.302  -7.900  -9.001  1.00 14.24 ? 42  SER A N   1 
ATOM   340  C CA  . SER A 1 44  ? -0.931  -6.699  -9.465  1.00 16.10 ? 42  SER A CA  1 
ATOM   341  C C   . SER A 1 44  ? -0.253  -5.479  -8.941  1.00 14.98 ? 42  SER A C   1 
ATOM   342  O O   . SER A 1 44  ? 0.015   -4.564  -9.680  1.00 15.20 ? 42  SER A O   1 
ATOM   343  C CB  . SER A 1 44  ? -2.411  -6.661  -9.055  1.00 17.55 ? 42  SER A CB  1 
ATOM   344  O OG  . SER A 1 44  ? -3.116  -7.757  -9.626  1.00 18.76 ? 42  SER A OG  1 
ATOM   345  N N   . LEU A 1 45  ? 0.067   -5.482  -7.639  1.00 14.66 ? 43  LEU A N   1 
ATOM   346  C CA  . LEU A 1 45  ? 0.770   -4.352  -7.051  1.00 15.40 ? 43  LEU A CA  1 
ATOM   347  C C   . LEU A 1 45  ? 2.171   -4.198  -7.662  1.00 13.11 ? 43  LEU A C   1 
ATOM   348  O O   . LEU A 1 45  ? 2.643   -3.094  -7.867  1.00 15.02 ? 43  LEU A O   1 
ATOM   349  C CB  . LEU A 1 45  ? 0.884   -4.505  -5.528  1.00 13.95 ? 43  LEU A CB  1 
ATOM   350  C CG  . LEU A 1 45  ? -0.453  -4.607  -4.790  1.00 15.68 ? 43  LEU A CG  1 
ATOM   351  C CD1 . LEU A 1 45  ? -0.187  -4.985  -3.310  1.00 16.81 ? 43  LEU A CD1 1 
ATOM   352  C CD2 . LEU A 1 45  ? -1.182  -3.247  -4.894  1.00 23.22 ? 43  LEU A CD2 1 
ATOM   353  N N   . GLU A 1 46  ? 2.836   -5.322  -7.883  1.00 13.25 ? 44  GLU A N   1 
ATOM   354  C CA  . GLU A 1 46  ? 4.140   -5.280  -8.551  1.00 14.71 ? 44  GLU A CA  1 
ATOM   355  C C   . GLU A 1 46  ? 4.066   -4.602  -9.934  1.00 12.23 ? 44  GLU A C   1 
ATOM   356  O O   . GLU A 1 46  ? 4.894   -3.749  -10.286 1.00 13.19 ? 44  GLU A O   1 
ATOM   357  C CB  . GLU A 1 46  ? 4.650   -6.699  -8.709  1.00 14.55 ? 44  GLU A CB  1 
ATOM   358  C CG  . GLU A 1 46  ? 5.912   -6.817  -9.515  1.00 17.24 ? 44  GLU A CG  1 
ATOM   359  C CD  . GLU A 1 46  ? 6.496   -8.204  -9.429  1.00 25.31 ? 44  GLU A CD  1 
ATOM   360  O OE1 . GLU A 1 46  ? 7.419   -8.355  -8.623  1.00 21.35 ? 44  GLU A OE1 1 
ATOM   361  O OE2 . GLU A 1 46  ? 5.924   -9.161  -10.019 1.00 24.57 ? 44  GLU A OE2 1 
ATOM   362  N N   . ALA A 1 47  ? 3.050   -4.975  -10.701 1.00 14.63 ? 45  ALA A N   1 
ATOM   363  C CA  . ALA A 1 47  ? 2.878   -4.451  -12.053 1.00 13.87 ? 45  ALA A CA  1 
ATOM   364  C C   . ALA A 1 47  ? 2.525   -2.987  -11.973 1.00 13.52 ? 45  ALA A C   1 
ATOM   365  O O   . ALA A 1 47  ? 3.064   -2.154  -12.687 1.00 16.74 ? 45  ALA A O   1 
ATOM   366  C CB  . ALA A 1 47  ? 1.779   -5.200  -12.730 1.00 14.96 ? 45  ALA A CB  1 
ATOM   367  N N   . ILE A 1 48  ? 1.632   -2.648  -11.065 1.00 14.19 ? 46  ILE A N   1 
ATOM   368  C CA  . ILE A 1 48  ? 1.284   -1.244  -10.877 1.00 12.98 ? 46  ILE A CA  1 
ATOM   369  C C   . ILE A 1 48  ? 2.483   -0.375  -10.497 1.00 16.37 ? 46  ILE A C   1 
ATOM   370  O O   . ILE A 1 48  ? 2.628   0.758   -10.927 1.00 17.25 ? 46  ILE A O   1 
ATOM   371  C CB  . ILE A 1 48  ? 0.108   -1.121  -9.839  1.00 13.63 ? 46  ILE A CB  1 
ATOM   372  C CG1 . ILE A 1 48  ? -1.169  -1.774  -10.427 1.00 13.52 ? 46  ILE A CG1 1 
ATOM   373  C CG2 . ILE A 1 48  ? -0.100  0.365   -9.475  1.00 16.64 ? 46  ILE A CG2 1 
ATOM   374  C CD1 . ILE A 1 48  ? -2.277  -2.011  -9.408  1.00 15.83 ? 46  ILE A CD1 1 
ATOM   375  N N   . ALA A 1 49  ? 3.313   -0.849  -9.574  1.00 14.73 ? 47  ALA A N   1 
ATOM   376  C CA  . ALA A 1 49  ? 4.423   -0.027  -9.113  1.00 14.45 ? 47  ALA A CA  1 
ATOM   377  C C   . ALA A 1 49  ? 5.462   0.227   -10.225 1.00 15.25 ? 47  ALA A C   1 
ATOM   378  O O   . ALA A 1 49  ? 6.086   1.259   -10.256 1.00 16.82 ? 47  ALA A O   1 
ATOM   379  C CB  . ALA A 1 49  ? 5.116   -0.705  -7.857  1.00 13.72 ? 47  ALA A CB  1 
ATOM   380  N N   . ALA A 1 50  ? 5.618   -0.734  -11.104 1.00 15.65 ? 48  ALA A N   1 
ATOM   381  C CA  . ALA A 1 50  ? 6.515   -0.580  -12.252 1.00 16.72 ? 48  ALA A CA  1 
ATOM   382  C C   . ALA A 1 50  ? 5.908   0.387   -13.267 1.00 17.28 ? 48  ALA A C   1 
ATOM   383  O O   . ALA A 1 50  ? 6.601   1.282   -13.785 1.00 22.00 ? 48  ALA A O   1 
ATOM   384  C CB  . ALA A 1 50  ? 6.748   -1.924  -12.889 1.00 15.64 ? 48  ALA A CB  1 
ATOM   385  N N   . GLU A 1 51  ? 4.628   0.188   -13.568 1.00 18.65 ? 49  GLU A N   1 
ATOM   386  C CA  . GLU A 1 51  ? 3.946   0.898   -14.630 1.00 19.40 ? 49  GLU A CA  1 
ATOM   387  C C   . GLU A 1 51  ? 3.798   2.365   -14.267 1.00 18.74 ? 49  GLU A C   1 
ATOM   388  O O   . GLU A 1 51  ? 3.937   3.229   -15.127 1.00 23.44 ? 49  GLU A O   1 
ATOM   389  C CB  . GLU A 1 51  ? 2.544   0.309   -14.894 1.00 20.70 ? 49  GLU A CB  1 
ATOM   390  C CG  . GLU A 1 51  ? 2.555   -0.988  -15.709 1.00 27.24 ? 49  GLU A CG  1 
ATOM   391  C CD  . GLU A 1 51  ? 1.296   -1.863  -15.561 1.00 22.63 ? 49  GLU A CD  1 
ATOM   392  O OE1 . GLU A 1 51  ? 0.275   -1.412  -14.979 1.00 33.97 ? 49  GLU A OE1 1 
ATOM   393  O OE2 . GLU A 1 51  ? 1.355   -3.046  -15.959 1.00 33.18 ? 49  GLU A OE2 1 
ATOM   394  N N   . TYR A 1 52  ? 3.526   2.646   -12.990 1.00 16.29 ? 50  TYR A N   1 
ATOM   395  C CA  . TYR A 1 52  ? 3.156   3.991   -12.538 1.00 16.75 ? 50  TYR A CA  1 
ATOM   396  C C   . TYR A 1 52  ? 4.104   4.521   -11.488 1.00 17.44 ? 50  TYR A C   1 
ATOM   397  O O   . TYR A 1 52  ? 3.741   5.342   -10.662 1.00 17.25 ? 50  TYR A O   1 
ATOM   398  C CB  . TYR A 1 52  ? 1.718   4.017   -11.978 1.00 16.97 ? 50  TYR A CB  1 
ATOM   399  C CG  . TYR A 1 52  ? 0.652   3.575   -12.939 1.00 17.21 ? 50  TYR A CG  1 
ATOM   400  C CD1 . TYR A 1 52  ? 0.201   4.421   -13.942 1.00 23.00 ? 50  TYR A CD1 1 
ATOM   401  C CD2 . TYR A 1 52  ? 0.150   2.287   -12.901 1.00 20.91 ? 50  TYR A CD2 1 
ATOM   402  C CE1 . TYR A 1 52  ? -0.781  4.017   -14.823 1.00 21.06 ? 50  TYR A CE1 1 
ATOM   403  C CE2 . TYR A 1 52  ? -0.823  1.871   -13.784 1.00 24.17 ? 50  TYR A CE2 1 
ATOM   404  C CZ  . TYR A 1 52  ? -1.241  2.717   -14.775 1.00 24.80 ? 50  TYR A CZ  1 
ATOM   405  O OH  . TYR A 1 52  ? -2.189  2.296   -15.675 1.00 24.23 ? 50  TYR A OH  1 
ATOM   406  N N   . GLY A 1 53  ? 5.352   4.068   -11.526 1.00 16.87 ? 51  GLY A N   1 
ATOM   407  C CA  . GLY A 1 53  ? 6.288   4.398   -10.471 1.00 19.05 ? 51  GLY A CA  1 
ATOM   408  C C   . GLY A 1 53  ? 6.694   5.858   -10.461 1.00 20.22 ? 51  GLY A C   1 
ATOM   409  O O   . GLY A 1 53  ? 7.241   6.337   -9.482  1.00 20.42 ? 51  GLY A O   1 
ATOM   410  N N   . ASP A 1 54  ? 6.498   6.541   -11.586 1.00 20.68 ? 52  ASP A N   1 
ATOM   411  C CA  . ASP A 1 54  ? 6.705   7.993   -11.622 1.00 20.59 ? 52  ASP A CA  1 
ATOM   412  C C   . ASP A 1 54  ? 5.695   8.742   -10.762 1.00 22.67 ? 52  ASP A C   1 
ATOM   413  O O   . ASP A 1 54  ? 5.923   9.889   -10.424 1.00 26.25 ? 52  ASP A O   1 
ATOM   414  C CB  . ASP A 1 54  ? 6.673   8.516   -13.069 1.00 23.29 ? 52  ASP A CB  1 
ATOM   415  C CG  . ASP A 1 54  ? 5.367   8.220   -13.780 1.00 29.08 ? 52  ASP A CG  1 
ATOM   416  O OD1 . ASP A 1 54  ? 4.971   7.032   -13.830 1.00 28.16 ? 52  ASP A OD1 1 
ATOM   417  O OD2 . ASP A 1 54  ? 4.702   9.095   -14.392 1.00 35.74 ? 52  ASP A OD2 1 
ATOM   418  N N   . LYS A 1 55  ? 4.561   8.111   -10.461 1.00 21.94 ? 53  LYS A N   1 
ATOM   419  C CA  . LYS A 1 55  ? 3.428   8.787   -9.847  1.00 21.90 ? 53  LYS A CA  1 
ATOM   420  C C   . LYS A 1 55  ? 3.216   8.379   -8.384  1.00 22.40 ? 53  LYS A C   1 
ATOM   421  O O   . LYS A 1 55  ? 2.625   9.137   -7.615  1.00 23.66 ? 53  LYS A O   1 
ATOM   422  C CB  . LYS A 1 55  ? 2.139   8.431   -10.602 1.00 24.06 ? 53  LYS A CB  1 
ATOM   423  C CG  . LYS A 1 55  ? 2.108   8.852   -12.086 1.00 26.68 ? 53  LYS A CG  1 
ATOM   424  C CD  . LYS A 1 55  ? 2.268   10.343  -12.304 1.00 30.52 ? 53  LYS A CD  1 
ATOM   425  C CE  . LYS A 1 55  ? 1.550   11.191  -11.270 1.00 36.17 ? 53  LYS A CE  1 
ATOM   426  N NZ  . LYS A 1 55  ? 0.275   11.803  -11.777 1.00 40.63 ? 53  LYS A NZ  1 
ATOM   427  N N   . ILE A 1 56  ? 3.511   7.116   -8.089  1.00 18.44 ? 54  ILE A N   1 
ATOM   428  C CA  . ILE A 1 56  ? 3.127   6.484   -6.821  1.00 17.46 ? 54  ILE A CA  1 
ATOM   429  C C   . ILE A 1 56  ? 4.211   5.517   -6.362  1.00 16.49 ? 54  ILE A C   1 
ATOM   430  O O   . ILE A 1 56  ? 4.928   4.929   -7.180  1.00 18.09 ? 54  ILE A O   1 
ATOM   431  C CB  . ILE A 1 56  ? 1.757   5.776   -6.991  1.00 16.70 ? 54  ILE A CB  1 
ATOM   432  C CG1 . ILE A 1 56  ? 1.108   5.482   -5.640  1.00 18.13 ? 54  ILE A CG1 1 
ATOM   433  C CG2 . ILE A 1 56  ? 1.859   4.526   -7.798  1.00 21.23 ? 54  ILE A CG2 1 
ATOM   434  C CD1 . ILE A 1 56  ? -0.402  5.177   -5.756  1.00 24.45 ? 54  ILE A CD1 1 
ATOM   435  N N   . GLU A 1 57  ? 4.348   5.376   -5.046  1.00 13.58 ? 55  GLU A N   1 
ATOM   436  C CA  . GLU A 1 57  ? 5.223   4.369   -4.471  1.00 15.13 ? 55  GLU A CA  1 
ATOM   437  C C   . GLU A 1 57  ? 4.360   3.315   -3.758  1.00 13.32 ? 55  GLU A C   1 
ATOM   438  O O   . GLU A 1 57  ? 3.429   3.688   -3.035  1.00 14.88 ? 55  GLU A O   1 
ATOM   439  C CB  A GLU A 1 57  ? 6.166   5.066   -3.479  0.50 15.52 ? 55  GLU A CB  1 
ATOM   440  C CB  B GLU A 1 57  ? 6.204   4.989   -3.478  0.50 14.98 ? 55  GLU A CB  1 
ATOM   441  C CG  A GLU A 1 57  ? 7.171   6.002   -4.138  0.50 19.95 ? 55  GLU A CG  1 
ATOM   442  C CG  B GLU A 1 57  ? 7.161   3.924   -2.953  0.50 13.64 ? 55  GLU A CG  1 
ATOM   443  C CD  A GLU A 1 57  ? 8.074   6.694   -3.132  0.50 21.08 ? 55  GLU A CD  1 
ATOM   444  C CD  B GLU A 1 57  ? 8.136   4.436   -1.910  0.50 11.91 ? 55  GLU A CD  1 
ATOM   445  O OE1 A GLU A 1 57  ? 8.671   7.752   -3.463  0.50 18.01 ? 55  GLU A OE1 1 
ATOM   446  O OE1 B GLU A 1 57  ? 8.095   5.616   -1.534  0.50 16.97 ? 55  GLU A OE1 1 
ATOM   447  O OE2 A GLU A 1 57  ? 8.152   6.211   -1.979  0.50 22.95 ? 55  GLU A OE2 1 
ATOM   448  O OE2 B GLU A 1 57  ? 8.978   3.625   -1.492  0.50 12.24 ? 55  GLU A OE2 1 
ATOM   449  N N   . ILE A 1 58  ? 4.741   2.035   -3.889  1.00 13.33 ? 56  ILE A N   1 
ATOM   450  C CA  . ILE A 1 58  ? 4.099   0.918   -3.200  1.00 13.50 ? 56  ILE A CA  1 
ATOM   451  C C   . ILE A 1 58  ? 5.040   0.483   -2.084  1.00 12.22 ? 56  ILE A C   1 
ATOM   452  O O   . ILE A 1 58  ? 6.220   0.181   -2.328  1.00 11.57 ? 56  ILE A O   1 
ATOM   453  C CB  . ILE A 1 58  ? 3.846   -0.279  -4.181  1.00 13.05 ? 56  ILE A CB  1 
ATOM   454  C CG1 . ILE A 1 58  ? 2.626   -0.070  -5.109  1.00 12.57 ? 56  ILE A CG1 1 
ATOM   455  C CG2 . ILE A 1 58  ? 3.575   -1.582  -3.401  1.00 18.30 ? 56  ILE A CG2 1 
ATOM   456  C CD1 . ILE A 1 58  ? 2.565   1.294   -5.785  1.00 16.31 ? 56  ILE A CD1 1 
ATOM   457  N N   . VAL A 1 59  ? 4.476   0.293   -0.900  1.00 12.55 ? 57  VAL A N   1 
ATOM   458  C CA  . VAL A 1 59  ? 5.161   -0.305  0.236   1.00 12.74 ? 57  VAL A CA  1 
ATOM   459  C C   . VAL A 1 59  ? 4.228   -1.339  0.918   1.00 10.89 ? 57  VAL A C   1 
ATOM   460  O O   . VAL A 1 59  ? 3.016   -1.379  0.656   1.00 11.67 ? 57  VAL A O   1 
ATOM   461  C CB  . VAL A 1 59  ? 5.624   0.739   1.293   1.00 13.39 ? 57  VAL A CB  1 
ATOM   462  C CG1 . VAL A 1 59  ? 6.532   1.765   0.683   1.00 13.88 ? 57  VAL A CG1 1 
ATOM   463  C CG2 . VAL A 1 59  ? 4.462   1.380   2.012   1.00 12.60 ? 57  VAL A CG2 1 
ATOM   464  N N   . LYS A 1 60  ? 4.800   -2.246  1.709   1.00 11.00 ? 58  LYS A N   1 
ATOM   465  C CA  . LYS A 1 60  ? 4.005   -3.213  2.411   1.00 10.23 ? 58  LYS A CA  1 
ATOM   466  C C   . LYS A 1 60  ? 4.153   -3.066  3.937   1.00 10.21 ? 58  LYS A C   1 
ATOM   467  O O   . LYS A 1 60  ? 5.264   -2.913  4.449   1.00 10.69 ? 58  LYS A O   1 
ATOM   468  C CB  . LYS A 1 60  ? 4.410   -4.638  1.967   1.00 10.87 ? 58  LYS A CB  1 
ATOM   469  C CG  . LYS A 1 60  ? 3.955   -4.934  0.545   1.00 11.90 ? 58  LYS A CG  1 
ATOM   470  C CD  . LYS A 1 60  ? 4.431   -6.271  0.002   1.00 16.16 ? 58  LYS A CD  1 
ATOM   471  C CE  . LYS A 1 60  ? 3.918   -6.484  -1.458  1.00 18.80 ? 58  LYS A CE  1 
ATOM   472  N NZ  . LYS A 1 60  ? 4.299   -7.811  -2.071  1.00 20.26 ? 58  LYS A NZ  1 
ATOM   473  N N   . LEU A 1 61  ? 3.024   -3.216  4.638   1.00 9.35  ? 59  LEU A N   1 
ATOM   474  C CA  . LEU A 1 61  ? 2.973   -3.188  6.099   1.00 11.00 ? 59  LEU A CA  1 
ATOM   475  C C   . LEU A 1 61  ? 2.412   -4.541  6.549   1.00 11.09 ? 59  LEU A C   1 
ATOM   476  O O   . LEU A 1 61  ? 1.218   -4.856  6.379   1.00 10.51 ? 59  LEU A O   1 
ATOM   477  C CB  . LEU A 1 61  ? 2.077   -2.027  6.579   1.00 11.83 ? 59  LEU A CB  1 
ATOM   478  C CG  . LEU A 1 61  ? 1.954   -1.686  8.066   1.00 15.67 ? 59  LEU A CG  1 
ATOM   479  C CD1 . LEU A 1 61  ? 1.334   -2.834  8.848   1.00 14.34 ? 59  LEU A CD1 1 
ATOM   480  C CD2 . LEU A 1 61  ? 3.320   -1.280  8.661   1.00 18.05 ? 59  LEU A CD2 1 
ATOM   481  N N   . ASN A 1 62  ? 3.277   -5.402  7.064   1.00 12.46 ? 60  ASN A N   1 
ATOM   482  C CA  . ASN A 1 62  ? 2.799   -6.683  7.522   1.00 12.38 ? 60  ASN A CA  1 
ATOM   483  C C   . ASN A 1 62  ? 2.101   -6.490  8.851   1.00 14.27 ? 60  ASN A C   1 
ATOM   484  O O   . ASN A 1 62  ? 2.712   -6.008  9.798   1.00 12.74 ? 60  ASN A O   1 
ATOM   485  C CB  . ASN A 1 62  ? 3.956   -7.652  7.641   1.00 13.78 ? 60  ASN A CB  1 
ATOM   486  C CG  . ASN A 1 62  ? 3.513   -9.015  8.110   1.00 14.08 ? 60  ASN A CG  1 
ATOM   487  O OD1 . ASN A 1 62  ? 3.105   -9.150  9.268   1.00 19.56 ? 60  ASN A OD1 1 
ATOM   488  N ND2 . ASN A 1 62  ? 3.584   -10.031 7.236   1.00 22.15 ? 60  ASN A ND2 1 
ATOM   489  N N   . ILE A 1 63  ? 0.830   -6.878  8.948   1.00 14.81 ? 61  ILE A N   1 
ATOM   490  C CA  . ILE A 1 63  ? 0.060   -6.645  10.164  1.00 18.06 ? 61  ILE A CA  1 
ATOM   491  C C   . ILE A 1 63  ? 0.415   -7.586  11.340  1.00 20.53 ? 61  ILE A C   1 
ATOM   492  O O   . ILE A 1 63  ? 0.172   -7.187  12.485  1.00 25.74 ? 61  ILE A O   1 
ATOM   493  C CB  . ILE A 1 63  ? -1.478  -6.670  9.844   1.00 17.12 ? 61  ILE A CB  1 
ATOM   494  C CG1 . ILE A 1 63  ? -1.989  -8.100  9.591   1.00 20.63 ? 61  ILE A CG1 1 
ATOM   495  C CG2 . ILE A 1 63  ? -1.760  -5.778  8.659   1.00 17.22 ? 61  ILE A CG2 1 
ATOM   496  C CD1 . ILE A 1 63  ? -3.543  -8.217  9.732   1.00 18.02 ? 61  ILE A CD1 1 
ATOM   497  N N   . ASP A 1 64  ? 0.963   -8.782  11.063  1.00 20.54 ? 62  ASP A N   1 
ATOM   498  C CA  . ASP A 1 64  ? 1.442   -9.698  12.143  1.00 20.09 ? 62  ASP A CA  1 
ATOM   499  C C   . ASP A 1 64  ? 2.643   -9.037  12.817  1.00 20.19 ? 62  ASP A C   1 
ATOM   500  O O   . ASP A 1 64  ? 2.769   -9.058  14.035  1.00 22.98 ? 62  ASP A O   1 
ATOM   501  C CB  . ASP A 1 64  ? 1.843   -11.087 11.609  1.00 22.23 ? 62  ASP A CB  1 
ATOM   502  C CG  . ASP A 1 64  ? 0.651   -11.942 11.183  1.00 22.18 ? 62  ASP A CG  1 
ATOM   503  O OD1 . ASP A 1 64  ? -0.447  -11.749 11.730  1.00 27.98 ? 62  ASP A OD1 1 
ATOM   504  O OD2 . ASP A 1 64  ? 0.771   -12.862 10.343  1.00 30.65 ? 62  ASP A OD2 1 
ATOM   505  N N   . GLU A 1 65  ? 3.505   -8.401  12.030  1.00 18.83 ? 63  GLU A N   1 
ATOM   506  C CA  . GLU A 1 65  ? 4.772   -7.840  12.530  1.00 18.64 ? 63  GLU A CA  1 
ATOM   507  C C   . GLU A 1 65  ? 4.632   -6.410  13.082  1.00 18.99 ? 63  GLU A C   1 
ATOM   508  O O   . GLU A 1 65  ? 5.474   -5.918  13.867  1.00 19.98 ? 63  GLU A O   1 
ATOM   509  C CB  . GLU A 1 65  ? 5.797   -7.891  11.388  1.00 17.85 ? 63  GLU A CB  1 
ATOM   510  C CG  . GLU A 1 65  ? 6.249   -9.317  11.017  1.00 18.95 ? 63  GLU A CG  1 
ATOM   511  C CD  . GLU A 1 65  ? 7.081   -9.422  9.740   1.00 24.80 ? 63  GLU A CD  1 
ATOM   512  O OE1 . GLU A 1 65  ? 7.129   -8.440  8.948   1.00 22.87 ? 63  GLU A OE1 1 
ATOM   513  O OE2 . GLU A 1 65  ? 7.652   -10.528 9.482   1.00 25.99 ? 63  GLU A OE2 1 
ATOM   514  N N   . ASN A 1 66  ? 3.617   -5.704  12.583  1.00 16.37 ? 64  ASN A N   1 
ATOM   515  C CA  A ASN A 1 66  ? 3.220   -4.428  13.075  0.30 11.13 ? 64  ASN A CA  1 
ATOM   516  C CA  B ASN A 1 66  ? 3.455   -4.263  12.850  0.70 16.54 ? 64  ASN A CA  1 
ATOM   517  C C   A ASN A 1 66  ? 1.712   -4.491  13.242  0.30 8.10  ? 64  ASN A C   1 
ATOM   518  C C   B ASN A 1 66  ? 2.088   -3.745  13.356  0.70 19.67 ? 64  ASN A C   1 
ATOM   519  O O   A ASN A 1 66  ? 0.960   -3.823  12.525  0.30 6.76  ? 64  ASN A O   1 
ATOM   520  O O   B ASN A 1 66  ? 1.403   -2.966  12.681  0.70 16.45 ? 64  ASN A O   1 
ATOM   521  C CB  A ASN A 1 66  ? 3.614   -3.357  12.069  0.30 10.95 ? 64  ASN A CB  1 
ATOM   522  C CB  B ASN A 1 66  ? 3.789   -3.468  11.600  0.70 16.61 ? 64  ASN A CB  1 
ATOM   523  C CG  A ASN A 1 66  ? 4.921   -3.682  11.380  0.30 11.65 ? 64  ASN A CG  1 
ATOM   524  C CG  B ASN A 1 66  ? 5.217   -3.636  11.186  0.70 18.78 ? 64  ASN A CG  1 
ATOM   525  O OD1 A ASN A 1 66  ? 4.948   -4.424  10.381  0.30 14.31 ? 64  ASN A OD1 1 
ATOM   526  O OD1 B ASN A 1 66  ? 5.507   -4.356  10.216  0.70 17.01 ? 64  ASN A OD1 1 
ATOM   527  N ND2 A ASN A 1 66  ? 6.019   -3.254  11.979  0.30 9.75  ? 64  ASN A ND2 1 
ATOM   528  N ND2 B ASN A 1 66  ? 6.130   -3.055  11.951  0.70 14.22 ? 64  ASN A ND2 1 
ATOM   529  N N   A PRO A 1 67  ? 1.261   -5.240  14.234  0.30 7.52  ? 65  PRO A N   1 
ATOM   530  N N   B PRO A 1 67  ? 1.795   -3.999  14.623  0.70 20.59 ? 65  PRO A N   1 
ATOM   531  C CA  A PRO A 1 67  ? -0.138  -5.185  14.615  0.30 7.73  ? 65  PRO A CA  1 
ATOM   532  C CA  B PRO A 1 67  ? 0.428   -3.832  15.133  0.70 21.51 ? 65  PRO A CA  1 
ATOM   533  C C   A PRO A 1 67  ? -0.540  -3.779  15.096  0.30 7.38  ? 65  PRO A C   1 
ATOM   534  C C   B PRO A 1 67  ? 0.041   -2.376  15.422  0.70 20.54 ? 65  PRO A C   1 
ATOM   535  O O   A PRO A 1 67  ? -1.715  -3.469  14.923  0.30 7.55  ? 65  PRO A O   1 
ATOM   536  O O   B PRO A 1 67  ? -1.147  -2.032  15.375  0.70 17.29 ? 65  PRO A O   1 
ATOM   537  C CB  A PRO A 1 67  ? -0.230  -6.235  15.735  0.30 8.70  ? 65  PRO A CB  1 
ATOM   538  C CB  B PRO A 1 67  ? 0.479   -4.613  16.436  0.70 22.14 ? 65  PRO A CB  1 
ATOM   539  C CG  A PRO A 1 67  ? 1.132   -6.368  16.282  0.30 5.96  ? 65  PRO A CG  1 
ATOM   540  C CG  B PRO A 1 67  ? 1.900   -4.476  16.877  0.70 21.38 ? 65  PRO A CG  1 
ATOM   541  C CD  A PRO A 1 67  ? 2.035   -6.124  15.116  0.30 6.72  ? 65  PRO A CD  1 
ATOM   542  C CD  B PRO A 1 67  ? 2.693   -4.596  15.623  0.70 22.12 ? 65  PRO A CD  1 
ATOM   543  N N   A GLY A 1 68  ? 0.423   -2.928  15.501  0.50 11.28 ? 66  GLY A N   1 
ATOM   544  N N   B GLY A 1 68  ? 1.039   -1.538  15.723  0.50 16.34 ? 66  GLY A N   1 
ATOM   545  C CA  A GLY A 1 68  ? 0.157   -1.565  15.964  0.50 12.82 ? 66  GLY A CA  1 
ATOM   546  C CA  B GLY A 1 68  ? 0.786   -0.156  16.099  0.50 16.27 ? 66  GLY A CA  1 
ATOM   547  C C   A GLY A 1 68  ? -0.272  -0.571  14.885  0.50 14.12 ? 66  GLY A C   1 
ATOM   548  C C   B GLY A 1 68  ? 0.168   0.568   14.931  0.50 15.99 ? 66  GLY A C   1 
ATOM   549  O O   A GLY A 1 68  ? -1.237  0.134   15.136  0.50 15.86 ? 66  GLY A O   1 
ATOM   550  O O   B GLY A 1 68  ? -0.771  1.347   15.029  0.50 15.14 ? 66  GLY A O   1 
ATOM   551  N N   A THR A 1 69  ? 0.451   -0.457  13.746  0.50 17.86 ? 67  THR A N   1 
ATOM   552  N N   B THR A 1 69  ? 0.666   0.195   13.767  0.50 17.06 ? 67  THR A N   1 
ATOM   553  C CA  A THR A 1 69  ? 0.134   0.536   12.672  0.50 19.30 ? 67  THR A CA  1 
ATOM   554  C CA  B THR A 1 69  ? 0.156   0.696   12.544  0.50 19.60 ? 67  THR A CA  1 
ATOM   555  C C   . THR A 1 69  ? -1.207  0.135   12.072  1.00 15.26 ? 67  THR A C   1 
ATOM   556  O O   . THR A 1 69  ? -2.042  0.938   11.719  1.00 17.32 ? 67  THR A O   1 
ATOM   557  C CB  . THR A 1 69  ? 1.233   0.579   11.496  1.00 19.30 ? 67  THR A CB  1 
ATOM   558  O OG1 . THR A 1 69  ? 2.402   1.307   11.935  1.00 23.73 ? 67  THR A OG1 1 
ATOM   559  C CG2 . THR A 1 69  ? 0.803   1.349   10.285  1.00 22.46 ? 67  THR A CG2 1 
ATOM   560  N N   . ALA A 1 70  ? -1.387  -1.176  12.007  1.00 17.63 ? 68  ALA A N   1 
ATOM   561  C CA  . ALA A 1 70  ? -2.671  -1.738  11.621  1.00 18.06 ? 68  ALA A CA  1 
ATOM   562  C C   . ALA A 1 70  ? -3.776  -1.175  12.491  1.00 17.64 ? 68  ALA A C   1 
ATOM   563  O O   . ALA A 1 70  ? -4.804  -0.697  12.002  1.00 17.67 ? 68  ALA A O   1 
ATOM   564  C CB  . ALA A 1 70  ? -2.669  -3.224  11.672  1.00 18.61 ? 68  ALA A CB  1 
ATOM   565  N N   . ALA A 1 71  ? -3.614  -1.326  13.801  1.00 17.78 ? 69  ALA A N   1 
ATOM   566  C CA  . ALA A 1 71  ? -4.665  -0.938  14.706  1.00 18.43 ? 69  ALA A CA  1 
ATOM   567  C C   . ALA A 1 71  ? -4.827  0.598   14.660  1.00 14.91 ? 69  ALA A C   1 
ATOM   568  O O   . ALA A 1 71  ? -5.973  1.088   14.677  1.00 19.03 ? 69  ALA A O   1 
ATOM   569  C CB  . ALA A 1 71  ? -4.334  -1.401  16.105  1.00 18.62 ? 69  ALA A CB  1 
ATOM   570  N N   . LYS A 1 72  ? -3.750  1.345   14.497  1.00 19.64 ? 70  LYS A N   1 
ATOM   571  C CA  . LYS A 1 72  ? -3.838  2.804   14.318  1.00 16.54 ? 70  LYS A CA  1 
ATOM   572  C C   . LYS A 1 72  ? -4.800  3.235   13.190  1.00 20.33 ? 70  LYS A C   1 
ATOM   573  O O   . LYS A 1 72  ? -5.418  4.334   13.229  1.00 19.38 ? 70  LYS A O   1 
ATOM   574  C CB  . LYS A 1 72  ? -2.464  3.403   14.055  1.00 21.56 ? 70  LYS A CB  1 
ATOM   575  C CG  . LYS A 1 72  ? -2.457  4.835   13.693  1.00 24.36 ? 70  LYS A CG  1 
ATOM   576  C CD  . LYS A 1 72  ? -1.083  5.442   13.890  1.00 26.31 ? 70  LYS A CD  1 
ATOM   577  C CE  . LYS A 1 72  ? -1.055  6.879   13.412  1.00 28.00 ? 70  LYS A CE  1 
ATOM   578  N NZ  . LYS A 1 72  ? 0.304   7.470   13.524  1.00 33.51 ? 70  LYS A NZ  1 
ATOM   579  N N   . TYR A 1 73  ? -4.743  2.534   12.073  1.00 15.92 ? 71  TYR A N   1 
ATOM   580  C CA  . TYR A 1 73  ? -5.573  2.916   10.928  1.00 16.49 ? 71  TYR A CA  1 
ATOM   581  C C   . TYR A 1 73  ? -6.847  2.084   10.828  1.00 14.96 ? 71  TYR A C   1 
ATOM   582  O O   . TYR A 1 73  ? -7.544  2.101   9.822   1.00 16.67 ? 71  TYR A O   1 
ATOM   583  C CB  . TYR A 1 73  ? -4.747  2.893   9.625   1.00 16.78 ? 71  TYR A CB  1 
ATOM   584  C CG  . TYR A 1 73  ? -3.674  3.952   9.612   1.00 16.57 ? 71  TYR A CG  1 
ATOM   585  C CD1 . TYR A 1 73  ? -4.009  5.271   9.352   1.00 15.04 ? 71  TYR A CD1 1 
ATOM   586  C CD2 . TYR A 1 73  ? -2.352  3.638   9.953   1.00 16.94 ? 71  TYR A CD2 1 
ATOM   587  C CE1 . TYR A 1 73  ? -3.062  6.269   9.477   1.00 19.67 ? 71  TYR A CE1 1 
ATOM   588  C CE2 . TYR A 1 73  ? -1.387  4.614   10.044  1.00 17.81 ? 71  TYR A CE2 1 
ATOM   589  C CZ  . TYR A 1 73  ? -1.764  5.919   9.797   1.00 14.83 ? 71  TYR A CZ  1 
ATOM   590  O OH  . TYR A 1 73  ? -0.833  6.948   9.826   1.00 20.82 ? 71  TYR A OH  1 
ATOM   591  N N   . GLY A 1 74  ? -7.164  1.382   11.912  1.00 15.55 ? 72  GLY A N   1 
ATOM   592  C CA  . GLY A 1 74  ? -8.386  0.603   12.019  1.00 14.70 ? 72  GLY A CA  1 
ATOM   593  C C   . GLY A 1 74  ? -8.470  -0.513  11.010  1.00 16.18 ? 72  GLY A C   1 
ATOM   594  O O   . GLY A 1 74  ? -9.557  -0.897  10.581  1.00 18.27 ? 72  GLY A O   1 
ATOM   595  N N   . VAL A 1 75  ? -7.336  -1.097  10.652  1.00 14.86 ? 73  VAL A N   1 
ATOM   596  C CA  . VAL A 1 75  ? -7.334  -2.131  9.616   1.00 16.37 ? 73  VAL A CA  1 
ATOM   597  C C   . VAL A 1 75  ? -7.687  -3.510  10.184  1.00 16.51 ? 73  VAL A C   1 
ATOM   598  O O   . VAL A 1 75  ? -6.888  -4.149  10.883  1.00 19.66 ? 73  VAL A O   1 
ATOM   599  C CB  . VAL A 1 75  ? -5.969  -2.207  8.877   1.00 16.84 ? 73  VAL A CB  1 
ATOM   600  C CG1 . VAL A 1 75  ? -5.938  -3.417  7.852   1.00 14.58 ? 73  VAL A CG1 1 
ATOM   601  C CG2 . VAL A 1 75  ? -5.697  -0.920  8.182   1.00 18.03 ? 73  VAL A CG2 1 
ATOM   602  N N   . MET A 1 76  ? -8.884  -3.978  9.847   1.00 15.43 ? 74  MET A N   1 
ATOM   603  C CA  . MET A 1 76  ? -9.416  -5.258  10.340  1.00 14.26 ? 74  MET A CA  1 
ATOM   604  C C   . MET A 1 76  ? -9.889  -6.205  9.246   1.00 15.32 ? 74  MET A C   1 
ATOM   605  O O   . MET A 1 76  ? -10.375 -7.301  9.547   1.00 15.69 ? 74  MET A O   1 
ATOM   606  C CB  . MET A 1 76  ? -10.559 -4.977  11.335  1.00 20.35 ? 74  MET A CB  1 
ATOM   607  C CG  . MET A 1 76  ? -10.125 -3.998  12.454  1.00 24.87 ? 74  MET A CG  1 
ATOM   608  S SD  . MET A 1 76  ? -11.452 -3.632  13.596  1.00 40.57 ? 74  MET A SD  1 
ATOM   609  C CE  . MET A 1 76  ? -11.390 -5.150  14.576  1.00 39.93 ? 74  MET A CE  1 
ATOM   610  N N   . SER A 1 77  ? -9.634  -5.853  7.985   1.00 15.67 ? 75  SER A N   1 
ATOM   611  C CA  . SER A 1 77  ? -9.816  -6.734  6.835   1.00 14.94 ? 75  SER A CA  1 
ATOM   612  C C   . SER A 1 77  ? -8.585  -6.519  5.979   1.00 13.81 ? 75  SER A C   1 
ATOM   613  O O   . SER A 1 77  ? -8.168  -5.354  5.787   1.00 15.71 ? 75  SER A O   1 
ATOM   614  C CB  . SER A 1 77  ? -11.025 -6.329  5.987   1.00 17.94 ? 75  SER A CB  1 
ATOM   615  O OG  . SER A 1 77  ? -12.250 -6.447  6.709   1.00 21.71 ? 75  SER A OG  1 
ATOM   616  N N   . ILE A 1 78  ? -8.017  -7.606  5.476   1.00 13.13 ? 76  ILE A N   1 
ATOM   617  C CA  . ILE A 1 78  ? -6.856  -7.523  4.588   1.00 12.45 ? 76  ILE A CA  1 
ATOM   618  C C   . ILE A 1 78  ? -7.094  -8.348  3.316   1.00 12.42 ? 76  ILE A C   1 
ATOM   619  O O   . ILE A 1 78  ? -7.917  -9.278  3.319   1.00 12.17 ? 76  ILE A O   1 
ATOM   620  C CB  . ILE A 1 78  ? -5.562  -7.984  5.330   1.00 9.57  ? 76  ILE A CB  1 
ATOM   621  C CG1 . ILE A 1 78  ? -5.767  -9.366  5.953   1.00 13.09 ? 76  ILE A CG1 1 
ATOM   622  C CG2 . ILE A 1 78  ? -5.180  -6.957  6.357   1.00 14.18 ? 76  ILE A CG2 1 
ATOM   623  C CD1 . ILE A 1 78  ? -4.455  -10.061 6.388   1.00 17.75 ? 76  ILE A CD1 1 
ATOM   624  N N   . PRO A 1 79  ? -6.465  -7.960  2.197   1.00 10.83 ? 77  PRO A N   1 
ATOM   625  C CA  . PRO A 1 79  ? -5.598  -6.780  2.118   1.00 10.61 ? 77  PRO A CA  1 
ATOM   626  C C   . PRO A 1 79  ? -6.381  -5.471  2.192   1.00 10.31 ? 77  PRO A C   1 
ATOM   627  O O   . PRO A 1 79  ? -7.503  -5.396  1.718   1.00 12.94 ? 77  PRO A O   1 
ATOM   628  C CB  . PRO A 1 79  ? -4.981  -6.890  0.725   1.00 10.16 ? 77  PRO A CB  1 
ATOM   629  C CG  . PRO A 1 79  ? -5.976  -7.674  -0.031  1.00 10.65 ? 77  PRO A CG  1 
ATOM   630  C CD  . PRO A 1 79  ? -6.675  -8.579  0.876   1.00 11.24 ? 77  PRO A CD  1 
ATOM   631  N N   . THR A 1 80  ? -5.778  -4.461  2.789   1.00 10.94 ? 78  THR A N   1 
ATOM   632  C CA  . THR A 1 80  ? -6.267  -3.096  2.710   1.00 9.60  ? 78  THR A CA  1 
ATOM   633  C C   . THR A 1 80  ? -5.146  -2.242  2.113   1.00 10.70 ? 78  THR A C   1 
ATOM   634  O O   . THR A 1 80  ? -3.977  -2.337  2.527   1.00 12.30 ? 78  THR A O   1 
ATOM   635  C CB  . THR A 1 80  ? -6.660  -2.555  4.081   1.00 11.53 ? 78  THR A CB  1 
ATOM   636  O OG1 . THR A 1 80  ? -7.961  -3.056  4.437   1.00 14.35 ? 78  THR A OG1 1 
ATOM   637  C CG2 . THR A 1 80  ? -6.845  -1.015  4.000   1.00 13.42 ? 78  THR A CG2 1 
ATOM   638  N N   . LEU A 1 81  ? -5.467  -1.564  1.031   1.00 11.42 ? 79  LEU A N   1 
ATOM   639  C CA  . LEU A 1 81  ? -4.527  -0.635  0.409   1.00 10.71 ? 79  LEU A CA  1 
ATOM   640  C C   . LEU A 1 81  ? -4.930  0.820   0.761   1.00 12.77 ? 79  LEU A C   1 
ATOM   641  O O   . LEU A 1 81  ? -5.998  1.323   0.327   1.00 13.13 ? 79  LEU A O   1 
ATOM   642  C CB  . LEU A 1 81  ? -4.519  -0.802  -1.132  1.00 11.15 ? 79  LEU A CB  1 
ATOM   643  C CG  . LEU A 1 81  ? -4.564  -2.242  -1.663  1.00 10.87 ? 79  LEU A CG  1 
ATOM   644  C CD1 . LEU A 1 81  ? -4.585  -2.318  -3.174  1.00 12.66 ? 79  LEU A CD1 1 
ATOM   645  C CD2 . LEU A 1 81  ? -3.424  -3.062  -1.045  1.00 13.11 ? 79  LEU A CD2 1 
ATOM   646  N N   . ASN A 1 82  ? -4.130  1.463   1.596   1.00 11.24 ? 80  ASN A N   1 
ATOM   647  C CA  . ASN A 1 82  ? -4.339  2.893   1.899   1.00 12.40 ? 80  ASN A CA  1 
ATOM   648  C C   . ASN A 1 82  ? -3.344  3.729   1.124   1.00 13.11 ? 80  ASN A C   1 
ATOM   649  O O   . ASN A 1 82  ? -2.122  3.507   1.199   1.00 11.87 ? 80  ASN A O   1 
ATOM   650  C CB  . ASN A 1 82  ? -4.158  3.122   3.412   1.00 13.21 ? 80  ASN A CB  1 
ATOM   651  C CG  . ASN A 1 82  ? -5.349  2.653   4.253   1.00 12.52 ? 80  ASN A CG  1 
ATOM   652  O OD1 . ASN A 1 82  ? -6.434  2.409   3.728   1.00 16.09 ? 80  ASN A OD1 1 
ATOM   653  N ND2 . ASN A 1 82  ? -5.152  2.561   5.579   1.00 16.81 ? 80  ASN A ND2 1 
ATOM   654  N N   . VAL A 1 83  ? -3.834  4.753   0.447   1.00 13.13 ? 81  VAL A N   1 
ATOM   655  C CA  . VAL A 1 83  ? -2.939  5.659   -0.201  1.00 13.40 ? 81  VAL A CA  1 
ATOM   656  C C   . VAL A 1 83  ? -2.832  6.896   0.649   1.00 15.08 ? 81  VAL A C   1 
ATOM   657  O O   . VAL A 1 83  ? -3.847  7.489   0.989   1.00 16.41 ? 81  VAL A O   1 
ATOM   658  C CB  . VAL A 1 83  ? -3.479  6.009   -1.605  1.00 14.38 ? 81  VAL A CB  1 
ATOM   659  C CG1 . VAL A 1 83  ? -2.526  6.975   -2.268  1.00 15.56 ? 81  VAL A CG1 1 
ATOM   660  C CG2 . VAL A 1 83  ? -3.750  4.751   -2.474  1.00 16.67 ? 81  VAL A CG2 1 
ATOM   661  N N   . TYR A 1 84  ? -1.606  7.255   1.031   1.00 13.43 ? 82  TYR A N   1 
ATOM   662  C CA  . TYR A 1 84  ? -1.316  8.393   1.880   1.00 17.86 ? 82  TYR A CA  1 
ATOM   663  C C   . TYR A 1 84  ? -0.823  9.547   1.012   1.00 17.34 ? 82  TYR A C   1 
ATOM   664  O O   . TYR A 1 84  ? 0.004   9.352   0.112   1.00 17.46 ? 82  TYR A O   1 
ATOM   665  C CB  . TYR A 1 84  ? -0.228  8.001   2.880   1.00 15.37 ? 82  TYR A CB  1 
ATOM   666  C CG  . TYR A 1 84  ? -0.690  6.986   3.898   1.00 15.67 ? 82  TYR A CG  1 
ATOM   667  C CD1 . TYR A 1 84  ? -1.017  7.363   5.177   1.00 17.21 ? 82  TYR A CD1 1 
ATOM   668  C CD2 . TYR A 1 84  ? -0.786  5.650   3.569   1.00 14.06 ? 82  TYR A CD2 1 
ATOM   669  C CE1 . TYR A 1 84  ? -1.538  6.457   6.064   1.00 16.35 ? 82  TYR A CE1 1 
ATOM   670  C CE2 . TYR A 1 84  ? -1.237  4.722   4.460   1.00 12.72 ? 82  TYR A CE2 1 
ATOM   671  C CZ  . TYR A 1 84  ? -1.568  5.104   5.729   1.00 14.08 ? 82  TYR A CZ  1 
ATOM   672  O OH  . TYR A 1 84  ? -2.091  4.174   6.599   1.00 15.22 ? 82  TYR A OH  1 
ATOM   673  N N   . GLN A 1 85  ? -1.394  10.730  1.240   1.00 18.40 ? 83  GLN A N   1 
ATOM   674  C CA  . GLN A 1 85  ? -0.841  11.966  0.708   1.00 21.69 ? 83  GLN A CA  1 
ATOM   675  C C   . GLN A 1 85  ? -0.833  13.028  1.832   1.00 20.29 ? 83  GLN A C   1 
ATOM   676  O O   . GLN A 1 85  ? -1.728  13.080  2.662   1.00 18.18 ? 83  GLN A O   1 
ATOM   677  C CB  . GLN A 1 85  ? -1.642  12.403  -0.534  1.00 24.35 ? 83  GLN A CB  1 
ATOM   678  C CG  . GLN A 1 85  ? -0.770  12.825  -1.723  1.00 29.09 ? 83  GLN A CG  1 
ATOM   679  C CD  . GLN A 1 85  ? -1.555  13.002  -3.013  1.00 31.42 ? 83  GLN A CD  1 
ATOM   680  O OE1 . GLN A 1 85  ? -0.987  13.353  -4.042  1.00 42.35 ? 83  GLN A OE1 1 
ATOM   681  N NE2 . GLN A 1 85  ? -2.861  12.748  -2.962  1.00 38.85 ? 83  GLN A NE2 1 
ATOM   682  N N   . GLY A 1 86  ? 0.310   13.693  2.005   1.00 21.13 ? 84  GLY A N   1 
ATOM   683  C CA  . GLY A 1 86  ? 0.411   14.742  3.000   1.00 21.99 ? 84  GLY A CA  1 
ATOM   684  C C   . GLY A 1 86  ? 0.268   14.229  4.409   1.00 21.08 ? 84  GLY A C   1 
ATOM   685  O O   . GLY A 1 86  ? -0.188  14.922  5.316   1.00 23.39 ? 84  GLY A O   1 
ATOM   686  N N   . GLY A 1 87  ? 0.593   12.948  4.592   1.00 19.39 ? 85  GLY A N   1 
ATOM   687  C CA  . GLY A 1 87  ? 0.617   12.313  5.894   1.00 20.12 ? 85  GLY A CA  1 
ATOM   688  C C   . GLY A 1 87  ? -0.713  11.759  6.394   1.00 20.40 ? 85  GLY A C   1 
ATOM   689  O O   . GLY A 1 87  ? -0.790  11.375  7.545   1.00 21.02 ? 85  GLY A O   1 
ATOM   690  N N   . GLU A 1 88  ? -1.735  11.727  5.550   1.00 19.60 ? 86  GLU A N   1 
ATOM   691  C CA  . GLU A 1 88  ? -3.043  11.155  5.937   1.00 19.50 ? 86  GLU A CA  1 
ATOM   692  C C   . GLU A 1 88  ? -3.616  10.277  4.829   1.00 17.04 ? 86  GLU A C   1 
ATOM   693  O O   . GLU A 1 88  ? -3.239  10.373  3.644   1.00 16.32 ? 86  GLU A O   1 
ATOM   694  C CB  . GLU A 1 88  ? -4.042  12.263  6.305   1.00 20.99 ? 86  GLU A CB  1 
ATOM   695  C CG  . GLU A 1 88  ? -3.486  13.204  7.367   1.00 24.39 ? 86  GLU A CG  1 
ATOM   696  C CD  . GLU A 1 88  ? -4.552  13.979  8.133   1.00 29.66 ? 86  GLU A CD  1 
ATOM   697  O OE1 . GLU A 1 88  ? -4.172  14.739  9.068   1.00 32.02 ? 86  GLU A OE1 1 
ATOM   698  O OE2 . GLU A 1 88  ? -5.743  13.891  7.765   1.00 26.56 ? 86  GLU A OE2 1 
ATOM   699  N N   . VAL A 1 89  ? -4.515  9.371   5.211   1.00 18.78 ? 87  VAL A N   1 
ATOM   700  C CA  . VAL A 1 89  ? -5.129  8.526   4.201   1.00 18.90 ? 87  VAL A CA  1 
ATOM   701  C C   . VAL A 1 89  ? -6.045  9.350   3.275   1.00 16.10 ? 87  VAL A C   1 
ATOM   702  O O   . VAL A 1 89  ? -7.015  9.995   3.737   1.00 18.92 ? 87  VAL A O   1 
ATOM   703  C CB  . VAL A 1 89  ? -5.857  7.330   4.831   1.00 17.79 ? 87  VAL A CB  1 
ATOM   704  C CG1 . VAL A 1 89  ? -6.426  6.415   3.747   1.00 18.44 ? 87  VAL A CG1 1 
ATOM   705  C CG2 . VAL A 1 89  ? -4.941  6.579   5.758   1.00 18.59 ? 87  VAL A CG2 1 
ATOM   706  N N   . ALA A 1 90  ? -5.771  9.265   1.982   1.00 15.69 ? 88  ALA A N   1 
ATOM   707  C CA  . ALA A 1 90  ? -6.550  9.941   0.926   1.00 17.34 ? 88  ALA A CA  1 
ATOM   708  C C   . ALA A 1 90  ? -7.515  8.995   0.205   1.00 18.33 ? 88  ALA A C   1 
ATOM   709  O O   . ALA A 1 90  ? -8.459  9.444   -0.463  1.00 21.48 ? 88  ALA A O   1 
ATOM   710  C CB  . ALA A 1 90  ? -5.611  10.619  -0.091  1.00 17.80 ? 88  ALA A CB  1 
ATOM   711  N N   . LYS A 1 91  ? -7.200  7.702   0.215   1.00 16.10 ? 89  LYS A N   1 
ATOM   712  C CA  . LYS A 1 91  ? -8.008  6.708   -0.485  1.00 17.88 ? 89  LYS A CA  1 
ATOM   713  C C   . LYS A 1 91  ? -7.786  5.368   0.179   1.00 17.12 ? 89  LYS A C   1 
ATOM   714  O O   . LYS A 1 91  ? -6.668  5.059   0.548   1.00 16.68 ? 89  LYS A O   1 
ATOM   715  C CB  . LYS A 1 91  ? -7.615  6.620   -1.969  1.00 18.23 ? 89  LYS A CB  1 
ATOM   716  C CG  . LYS A 1 91  ? -8.397  5.616   -2.830  1.00 21.85 ? 89  LYS A CG  1 
ATOM   717  C CD  . LYS A 1 91  ? -9.755  6.197   -3.242  1.00 25.33 ? 89  LYS A CD  1 
ATOM   718  C CE  . LYS A 1 91  ? -10.655 5.179   -3.859  1.00 29.20 ? 89  LYS A CE  1 
ATOM   719  N NZ  . LYS A 1 91  ? -12.029 5.718   -4.006  1.00 36.90 ? 89  LYS A NZ  1 
ATOM   720  N N   . THR A 1 92  ? -8.838  4.567   0.335   1.00 16.50 ? 90  THR A N   1 
ATOM   721  C CA  . THR A 1 92  ? -8.715  3.254   0.919   1.00 16.85 ? 90  THR A CA  1 
ATOM   722  C C   . THR A 1 92  ? -9.448  2.227   0.051   1.00 17.03 ? 90  THR A C   1 
ATOM   723  O O   . THR A 1 92  ? -10.514 2.513   -0.493  1.00 20.08 ? 90  THR A O   1 
ATOM   724  C CB  . THR A 1 92  ? -9.183  3.248   2.407   1.00 19.18 ? 90  THR A CB  1 
ATOM   725  O OG1 . THR A 1 92  ? -8.936  1.955   2.975   1.00 23.94 ? 90  THR A OG1 1 
ATOM   726  C CG2 . THR A 1 92  ? -10.692 3.450   2.530   1.00 19.68 ? 90  THR A CG2 1 
ATOM   727  N N   . ILE A 1 93  ? -8.751  1.150   -0.257  1.00 15.26 ? 91  ILE A N   1 
ATOM   728  C CA  . ILE A 1 93  ? -9.275  0.023   -0.997  1.00 15.76 ? 91  ILE A CA  1 
ATOM   729  C C   . ILE A 1 93  ? -9.248  -1.171  -0.038  1.00 15.10 ? 91  ILE A C   1 
ATOM   730  O O   . ILE A 1 93  ? -8.165  -1.653  0.324   1.00 12.32 ? 91  ILE A O   1 
ATOM   731  C CB  . ILE A 1 93  ? -8.394  -0.273  -2.227  1.00 18.45 ? 91  ILE A CB  1 
ATOM   732  C CG1 . ILE A 1 93  ? -8.144  0.995   -3.040  1.00 16.72 ? 91  ILE A CG1 1 
ATOM   733  C CG2 . ILE A 1 93  ? -8.988  -1.349  -3.083  1.00 17.46 ? 91  ILE A CG2 1 
ATOM   734  C CD1 . ILE A 1 93  ? -7.145  0.813   -4.179  1.00 20.29 ? 91  ILE A CD1 1 
ATOM   735  N N   . VAL A 1 94  ? -10.443 -1.655  0.338   1.00 14.13 ? 92  VAL A N   1 
ATOM   736  C CA  . VAL A 1 94  ? -10.577 -2.716  1.352   1.00 15.89 ? 92  VAL A CA  1 
ATOM   737  C C   . VAL A 1 94  ? -10.984 -3.999  0.672   1.00 16.82 ? 92  VAL A C   1 
ATOM   738  O O   . VAL A 1 94  ? -12.091 -4.121  0.135   1.00 16.36 ? 92  VAL A O   1 
ATOM   739  C CB  . VAL A 1 94  ? -11.537 -2.342  2.478   1.00 16.66 ? 92  VAL A CB  1 
ATOM   740  C CG1 . VAL A 1 94  ? -11.597 -3.471  3.506   1.00 17.74 ? 92  VAL A CG1 1 
ATOM   741  C CG2 . VAL A 1 94  ? -11.074 -1.043  3.166   1.00 18.82 ? 92  VAL A CG2 1 
ATOM   742  N N   . GLY A 1 95  ? -10.051 -4.923  0.634   1.00 15.87 ? 93  GLY A N   1 
ATOM   743  C CA  . GLY A 1 95  ? -10.286 -6.239  0.078   1.00 15.41 ? 93  GLY A CA  1 
ATOM   744  C C   . GLY A 1 95  ? -9.615  -6.361  -1.285  1.00 13.93 ? 93  GLY A C   1 
ATOM   745  O O   . GLY A 1 95  ? -9.285  -5.373  -1.944  1.00 14.50 ? 93  GLY A O   1 
ATOM   746  N N   . ALA A 1 96  ? -9.236  -7.587  -1.604  1.00 14.31 ? 94  ALA A N   1 
ATOM   747  C CA  . ALA A 1 96  ? -8.555  -7.891  -2.844  1.00 13.96 ? 94  ALA A CA  1 
ATOM   748  C C   . ALA A 1 96  ? -9.449  -7.662  -4.054  1.00 14.41 ? 94  ALA A C   1 
ATOM   749  O O   . ALA A 1 96  ? -10.588 -8.174  -4.122  1.00 14.94 ? 94  ALA A O   1 
ATOM   750  C CB  . ALA A 1 96  ? -8.098  -9.360  -2.764  1.00 13.49 ? 94  ALA A CB  1 
ATOM   751  N N   . LYS A 1 97  ? -8.858  -7.075  -5.087  1.00 13.55 ? 95  LYS A N   1 
ATOM   752  C CA  . LYS A 1 97  ? -9.548  -6.727  -6.327  1.00 15.97 ? 95  LYS A CA  1 
ATOM   753  C C   . LYS A 1 97  ? -8.606  -7.046  -7.474  1.00 15.68 ? 95  LYS A C   1 
ATOM   754  O O   . LYS A 1 97  ? -7.401  -6.988  -7.320  1.00 16.22 ? 95  LYS A O   1 
ATOM   755  C CB  . LYS A 1 97  ? -9.900  -5.231  -6.339  1.00 14.91 ? 95  LYS A CB  1 
ATOM   756  C CG  . LYS A 1 97  ? -10.856 -4.718  -5.277  1.00 17.02 ? 95  LYS A CG  1 
ATOM   757  C CD  . LYS A 1 97  ? -11.242 -3.261  -5.595  1.00 18.55 ? 95  LYS A CD  1 
ATOM   758  C CE  . LYS A 1 97  ? -12.147 -2.642  -4.549  1.00 19.25 ? 95  LYS A CE  1 
ATOM   759  N NZ  . LYS A 1 97  ? -12.686 -1.286  -4.925  1.00 26.36 ? 95  LYS A NZ  1 
ATOM   760  N N   . PRO A 1 98  ? -9.132  -7.306  -8.655  1.00 16.45 ? 96  PRO A N   1 
ATOM   761  C CA  . PRO A 1 98  ? -8.285  -7.447  -9.845  1.00 17.26 ? 96  PRO A CA  1 
ATOM   762  C C   . PRO A 1 98  ? -7.455  -6.200  -10.142 1.00 15.09 ? 96  PRO A C   1 
ATOM   763  O O   . PRO A 1 98  ? -7.829  -5.072  -9.796  1.00 15.19 ? 96  PRO A O   1 
ATOM   764  C CB  . PRO A 1 98  ? -9.296  -7.674  -10.978 1.00 17.32 ? 96  PRO A CB  1 
ATOM   765  C CG  . PRO A 1 98  ? -10.532 -8.062  -10.342 1.00 19.65 ? 96  PRO A CG  1 
ATOM   766  C CD  . PRO A 1 98  ? -10.547 -7.590  -8.921  1.00 17.05 ? 96  PRO A CD  1 
ATOM   767  N N   . LYS A 1 99  ? -6.356  -6.391  -10.848 1.00 14.75 ? 97  LYS A N   1 
ATOM   768  C CA  . LYS A 1 99  ? -5.494  -5.264  -11.191 1.00 15.20 ? 97  LYS A CA  1 
ATOM   769  C C   . LYS A 1 99  ? -6.230  -4.054  -11.781 1.00 15.92 ? 97  LYS A C   1 
ATOM   770  O O   . LYS A 1 99  ? -5.983  -2.897  -11.420 1.00 16.89 ? 97  LYS A O   1 
ATOM   771  C CB  . LYS A 1 99  ? -4.434  -5.757  -12.168 1.00 16.46 ? 97  LYS A CB  1 
ATOM   772  C CG  . LYS A 1 99  ? -3.439  -4.696  -12.537 1.00 16.02 ? 97  LYS A CG  1 
ATOM   773  C CD  . LYS A 1 99  ? -2.620  -5.073  -13.740 1.00 20.37 ? 97  LYS A CD  1 
ATOM   774  C CE  . LYS A 1 99  ? -1.468  -4.178  -13.832 1.00 24.09 ? 97  LYS A CE  1 
ATOM   775  N NZ  . LYS A 1 99  ? -1.871  -2.917  -14.455 1.00 30.12 ? 97  LYS A NZ  1 
ATOM   776  N N   . ALA A 1 100 ? -7.087  -4.297  -12.774 1.00 16.17 ? 98  ALA A N   1 
ATOM   777  C CA  . ALA A 1 100 ? -7.765  -3.214  -13.441 1.00 17.45 ? 98  ALA A CA  1 
ATOM   778  C C   . ALA A 1 100 ? -8.699  -2.439  -12.506 1.00 17.76 ? 98  ALA A C   1 
ATOM   779  O O   . ALA A 1 100 ? -8.782  -1.229  -12.573 1.00 15.69 ? 98  ALA A O   1 
ATOM   780  C CB  . ALA A 1 100 ? -8.495  -3.722  -14.641 1.00 18.98 ? 98  ALA A CB  1 
ATOM   781  N N   . ALA A 1 101 ? -9.236  -3.109  -11.494 1.00 17.38 ? 99  ALA A N   1 
ATOM   782  C CA  . ALA A 1 101 ? -10.077 -2.460  -10.506 1.00 15.03 ? 99  ALA A CA  1 
ATOM   783  C C   . ALA A 1 101 ? -9.270  -1.584  -9.519  1.00 15.28 ? 99  ALA A C   1 
ATOM   784  O O   . ALA A 1 101 ? -9.668  -0.461  -9.143  1.00 15.86 ? 99  ALA A O   1 
ATOM   785  C CB  . ALA A 1 101 ? -10.916 -3.476  -9.784  1.00 11.32 ? 99  ALA A CB  1 
ATOM   786  N N   . ILE A 1 102 ? -8.087  -2.069  -9.162  1.00 16.42 ? 100 ILE A N   1 
ATOM   787  C CA  . ILE A 1 102 ? -7.194  -1.292  -8.296  1.00 15.21 ? 100 ILE A CA  1 
ATOM   788  C C   . ILE A 1 102 ? -6.767  -0.015  -9.048  1.00 14.62 ? 100 ILE A C   1 
ATOM   789  O O   . ILE A 1 102 ? -6.748  1.081   -8.508  1.00 15.20 ? 100 ILE A O   1 
ATOM   790  C CB  . ILE A 1 102 ? -5.951  -2.117  -7.883  1.00 16.15 ? 100 ILE A CB  1 
ATOM   791  C CG1 . ILE A 1 102 ? -6.381  -3.287  -7.024  1.00 15.16 ? 100 ILE A CG1 1 
ATOM   792  C CG2 . ILE A 1 102 ? -4.958  -1.230  -7.142  1.00 14.83 ? 100 ILE A CG2 1 
ATOM   793  C CD1 . ILE A 1 102 ? -5.292  -4.338  -6.805  1.00 13.62 ? 100 ILE A CD1 1 
ATOM   794  N N   . VAL A 1 103 ? -6.429  -0.187  -10.334 1.00 15.99 ? 101 VAL A N   1 
ATOM   795  C CA  . VAL A 1 103 ? -5.946  0.930   -11.146 1.00 16.23 ? 101 VAL A CA  1 
ATOM   796  C C   . VAL A 1 103 ? -7.041  1.981   -11.264 1.00 18.30 ? 101 VAL A C   1 
ATOM   797  O O   . VAL A 1 103 ? -6.777  3.153   -11.066 1.00 17.20 ? 101 VAL A O   1 
ATOM   798  C CB  . VAL A 1 103 ? -5.490  0.455   -12.557 1.00 18.57 ? 101 VAL A CB  1 
ATOM   799  C CG1 . VAL A 1 103 ? -5.326  1.638   -13.499 1.00 22.09 ? 101 VAL A CG1 1 
ATOM   800  C CG2 . VAL A 1 103 ? -4.190  -0.358  -12.475 1.00 19.02 ? 101 VAL A CG2 1 
ATOM   801  N N   . ARG A 1 104 ? -8.294  1.550   -11.439 1.00 19.13 ? 102 ARG A N   1 
ATOM   802  C CA  . ARG A 1 104 ? -9.404  2.522   -11.434 1.00 19.66 ? 102 ARG A CA  1 
ATOM   803  C C   . ARG A 1 104 ? -9.513  3.235   -10.094 1.00 19.20 ? 102 ARG A C   1 
ATOM   804  O O   . ARG A 1 104 ? -9.763  4.438   -10.035 1.00 19.62 ? 102 ARG A O   1 
ATOM   805  C CB  . ARG A 1 104 ? -10.748 1.817   -11.675 1.00 21.57 ? 102 ARG A CB  1 
ATOM   806  C CG  . ARG A 1 104 ? -11.050 1.375   -13.089 1.00 29.77 ? 102 ARG A CG  1 
ATOM   807  C CD  . ARG A 1 104 ? -12.473 0.770   -13.270 1.00 37.32 ? 102 ARG A CD  1 
ATOM   808  N NE  . ARG A 1 104 ? -12.381 -0.638  -13.668 1.00 41.75 ? 102 ARG A NE  1 
ATOM   809  C CZ  . ARG A 1 104 ? -12.773 -1.681  -12.930 1.00 46.76 ? 102 ARG A CZ  1 
ATOM   810  N NH1 . ARG A 1 104 ? -13.435 -1.498  -11.783 1.00 47.94 ? 102 ARG A NH1 1 
ATOM   811  N NH2 . ARG A 1 104 ? -12.536 -2.922  -13.369 1.00 42.13 ? 102 ARG A NH2 1 
ATOM   812  N N   . ASP A 1 105 ? -9.448  2.485   -9.006  1.00 18.38 ? 103 ASP A N   1 
ATOM   813  C CA  . ASP A 1 105 ? -9.488  3.094   -7.665  1.00 19.25 ? 103 ASP A CA  1 
ATOM   814  C C   . ASP A 1 105 ? -8.341  4.082   -7.440  1.00 19.03 ? 103 ASP A C   1 
ATOM   815  O O   . ASP A 1 105 ? -8.490  5.006   -6.649  1.00 18.41 ? 103 ASP A O   1 
ATOM   816  C CB  . ASP A 1 105 ? -9.423  2.017   -6.565  1.00 19.22 ? 103 ASP A CB  1 
ATOM   817  C CG  . ASP A 1 105 ? -10.735 1.295   -6.350  1.00 26.07 ? 103 ASP A CG  1 
ATOM   818  O OD1 . ASP A 1 105 ? -11.786 1.813   -6.782  1.00 25.99 ? 103 ASP A OD1 1 
ATOM   819  O OD2 . ASP A 1 105 ? -10.788 0.197   -5.748  1.00 31.63 ? 103 ASP A OD2 1 
ATOM   820  N N   . LEU A 1 106 ? -7.213  3.907   -8.144  1.00 16.16 ? 104 LEU A N   1 
ATOM   821  C CA  . LEU A 1 106 ? -6.061  4.801   -7.998  1.00 18.24 ? 104 LEU A CA  1 
ATOM   822  C C   . LEU A 1 106 ? -6.048  5.932   -9.008  1.00 19.84 ? 104 LEU A C   1 
ATOM   823  O O   . LEU A 1 106 ? -5.071  6.639   -9.098  1.00 17.39 ? 104 LEU A O   1 
ATOM   824  C CB  . LEU A 1 106 ? -4.739  4.058   -8.087  1.00 16.58 ? 104 LEU A CB  1 
ATOM   825  C CG  . LEU A 1 106 ? -4.526  2.938   -7.087  1.00 17.57 ? 104 LEU A CG  1 
ATOM   826  C CD1 . LEU A 1 106 ? -3.266  2.135   -7.455  1.00 18.85 ? 104 LEU A CD1 1 
ATOM   827  C CD2 . LEU A 1 106 ? -4.458  3.536   -5.700  1.00 16.51 ? 104 LEU A CD2 1 
ATOM   828  N N   . GLU A 1 107 ? -7.114  6.107   -9.775  1.00 20.06 ? 105 GLU A N   1 
ATOM   829  C CA  . GLU A 1 107 ? -7.103  7.043   -10.898 1.00 26.12 ? 105 GLU A CA  1 
ATOM   830  C C   . GLU A 1 107 ? -6.661  8.493   -10.526 1.00 25.28 ? 105 GLU A C   1 
ATOM   831  O O   . GLU A 1 107 ? -5.857  9.113   -11.236 1.00 27.60 ? 105 GLU A O   1 
ATOM   832  C CB  . GLU A 1 107 ? -8.503  7.063   -11.507 1.00 29.07 ? 105 GLU A CB  1 
ATOM   833  C CG  . GLU A 1 107 ? -8.586  7.589   -12.924 1.00 37.63 ? 105 GLU A CG  1 
ATOM   834  C CD  . GLU A 1 107 ? -10.028 7.793   -13.348 1.00 44.10 ? 105 GLU A CD  1 
ATOM   835  O OE1 . GLU A 1 107 ? -10.880 6.962   -12.933 1.00 45.31 ? 105 GLU A OE1 1 
ATOM   836  O OE2 . GLU A 1 107 ? -10.314 8.833   -13.993 1.00 53.28 ? 105 GLU A OE2 1 
ATOM   837  N N   . ASP A 1 108 ? -7.101  9.013   -9.386  1.00 25.42 ? 106 ASP A N   1 
ATOM   838  C CA  . ASP A 1 108 ? -6.753  10.384  -9.024  1.00 26.35 ? 106 ASP A CA  1 
ATOM   839  C C   . ASP A 1 108 ? -5.271  10.577  -8.733  1.00 26.41 ? 106 ASP A C   1 
ATOM   840  O O   . ASP A 1 108 ? -4.794  11.716  -8.687  1.00 29.31 ? 106 ASP A O   1 
ATOM   841  C CB  . ASP A 1 108 ? -7.542  10.853  -7.814  1.00 27.80 ? 106 ASP A CB  1 
ATOM   842  C CG  . ASP A 1 108 ? -9.044  10.989  -8.088  1.00 34.94 ? 106 ASP A CG  1 
ATOM   843  O OD1 . ASP A 1 108 ? -9.462  11.242  -9.250  1.00 42.17 ? 106 ASP A OD1 1 
ATOM   844  O OD2 . ASP A 1 108 ? -9.880  10.848  -7.176  1.00 38.62 ? 106 ASP A OD2 1 
ATOM   845  N N   . PHE A 1 109 ? -4.558  9.497   -8.444  1.00 24.99 ? 107 PHE A N   1 
ATOM   846  C CA  . PHE A 1 109 ? -3.141  9.599   -8.151  1.00 22.75 ? 107 PHE A CA  1 
ATOM   847  C C   . PHE A 1 109 ? -2.264  9.296   -9.346  1.00 24.50 ? 107 PHE A C   1 
ATOM   848  O O   . PHE A 1 109 ? -1.120  9.747   -9.389  1.00 27.06 ? 107 PHE A O   1 
ATOM   849  C CB  . PHE A 1 109 ? -2.755  8.665   -7.005  1.00 21.51 ? 107 PHE A CB  1 
ATOM   850  C CG  . PHE A 1 109 ? -3.638  8.783   -5.834  1.00 20.14 ? 107 PHE A CG  1 
ATOM   851  C CD1 . PHE A 1 109 ? -3.485  9.815   -4.935  1.00 20.97 ? 107 PHE A CD1 1 
ATOM   852  C CD2 . PHE A 1 109 ? -4.710  7.904   -5.682  1.00 18.14 ? 107 PHE A CD2 1 
ATOM   853  C CE1 . PHE A 1 109 ? -4.310  9.923   -3.847  1.00 21.58 ? 107 PHE A CE1 1 
ATOM   854  C CE2 . PHE A 1 109 ? -5.569  8.027   -4.598  1.00 21.20 ? 107 PHE A CE2 1 
ATOM   855  C CZ  . PHE A 1 109 ? -5.369  9.037   -3.679  1.00 23.08 ? 107 PHE A CZ  1 
ATOM   856  N N   . ILE A 1 110 ? -2.718  8.421   -10.237 1.00 26.15 ? 108 ILE A N   1 
ATOM   857  C CA  . ILE A 1 110 ? -1.845  7.910   -11.284 1.00 27.16 ? 108 ILE A CA  1 
ATOM   858  C C   . ILE A 1 110 ? -2.267  8.269   -12.698 1.00 32.48 ? 108 ILE A C   1 
ATOM   859  O O   . ILE A 1 110 ? -1.528  7.980   -13.647 1.00 32.63 ? 108 ILE A O   1 
ATOM   860  C CB  . ILE A 1 110 ? -1.673  6.404   -11.168 1.00 26.90 ? 108 ILE A CB  1 
ATOM   861  C CG1 . ILE A 1 110 ? -2.933  5.670   -11.655 1.00 27.32 ? 108 ILE A CG1 1 
ATOM   862  C CG2 . ILE A 1 110 ? -1.295  6.048   -9.763  1.00 25.17 ? 108 ILE A CG2 1 
ATOM   863  C CD1 . ILE A 1 110 ? -2.991  4.187   -11.320 1.00 26.85 ? 108 ILE A CD1 1 
ATOM   864  N N   . ALA A 1 111 ? -3.374  8.997   -12.832 1.00 36.63 ? 109 ALA A N   1 
ATOM   865  C CA  . ALA A 1 111 ? -3.780  9.555   -14.121 1.00 42.04 ? 109 ALA A CA  1 
ATOM   866  C C   . ALA A 1 111 ? -2.886  10.731  -14.525 1.00 45.08 ? 109 ALA A C   1 
ATOM   867  O O   . ALA A 1 111 ? -2.563  10.895  -15.709 1.00 47.03 ? 109 ALA A O   1 
ATOM   868  C CB  . ALA A 1 111 ? -5.234  9.991   -14.075 1.00 42.42 ? 109 ALA A CB  1 
ATOM   869  N N   . ASP A 1 112 ? -2.483  11.542  -13.546 1.00 48.39 ? 110 ASP A N   1 
ATOM   870  C CA  . ASP A 1 112 ? -1.619  12.689  -13.804 1.00 49.47 ? 110 ASP A CA  1 
ATOM   871  C C   . ASP A 1 112 ? -0.382  12.339  -14.627 1.00 50.48 ? 110 ASP A C   1 
ATOM   872  O O   . ASP A 1 112 ? -0.286  12.668  -15.814 1.00 49.68 ? 110 ASP A O   1 
HETATM 873  O O   . HOH B 2 .   ? 6.856   1.373   -5.614  1.00 13.99 ? 111 HOH A O   1 
HETATM 874  O O   . HOH B 2 .   ? 7.203   -3.443  -8.706  1.00 15.13 ? 112 HOH A O   1 
HETATM 875  O O   . HOH B 2 .   ? 5.818   -6.375  4.945   1.00 11.90 ? 113 HOH A O   1 
HETATM 876  O O   . HOH B 2 .   ? 6.059   -4.665  7.045   1.00 12.79 ? 114 HOH A O   1 
HETATM 877  O O   . HOH B 2 .   ? 8.865   1.124   -2.589  1.00 13.83 ? 115 HOH A O   1 
HETATM 878  O O   . HOH B 2 .   ? 7.615   -5.775  9.113   1.00 16.28 ? 116 HOH A O   1 
HETATM 879  O O   . HOH B 2 .   ? 1.447   -14.032 -4.939  1.00 39.15 ? 117 HOH A O   1 
HETATM 880  O O   . HOH B 2 .   ? -5.193  -8.402  -8.142  1.00 18.85 ? 118 HOH A O   1 
HETATM 881  O O   . HOH B 2 .   ? 3.853   -7.080  -4.633  1.00 19.78 ? 119 HOH A O   1 
HETATM 882  O O   . HOH B 2 .   ? 1.888   10.942  2.971   1.00 20.28 ? 120 HOH A O   1 
HETATM 883  O O   . HOH B 2 .   ? 8.035   1.969   -8.280  1.00 19.28 ? 121 HOH A O   1 
HETATM 884  O O   . HOH B 2 .   ? -7.176  -4.741  -3.657  1.00 16.58 ? 122 HOH A O   1 
HETATM 885  O O   . HOH B 2 .   ? 6.726   -3.029  -5.927  1.00 23.36 ? 123 HOH A O   1 
HETATM 886  O O   . HOH B 2 .   ? 9.915   7.059   10.797  1.00 20.49 ? 124 HOH A O   1 
HETATM 887  O O   . HOH B 2 .   ? 5.519   -10.828 -6.172  1.00 53.88 ? 125 HOH A O   1 
HETATM 888  O O   . HOH B 2 .   ? -7.545  2.606   7.159   1.00 18.23 ? 126 HOH A O   1 
HETATM 889  O O   . HOH B 2 .   ? -2.180  -12.196 -11.164 1.00 34.27 ? 127 HOH A O   1 
HETATM 890  O O   . HOH B 2 .   ? 9.037   -1.245  14.095  1.00 21.58 ? 128 HOH A O   1 
HETATM 891  O O   . HOH B 2 .   ? 6.808   5.616   12.515  1.00 21.06 ? 129 HOH A O   1 
HETATM 892  O O   . HOH B 2 .   ? -9.318  -1.423  6.297   1.00 18.98 ? 130 HOH A O   1 
HETATM 893  O O   . HOH B 2 .   ? 0.683   11.279  -8.181  1.00 30.68 ? 131 HOH A O   1 
HETATM 894  O O   . HOH B 2 .   ? -8.587  7.499   -7.199  1.00 25.33 ? 132 HOH A O   1 
HETATM 895  O O   . HOH B 2 .   ? 8.655   10.413  -3.289  1.00 29.20 ? 133 HOH A O   1 
HETATM 896  O O   . HOH B 2 .   ? -5.485  9.168   7.910   1.00 31.47 ? 134 HOH A O   1 
HETATM 897  O O   . HOH B 2 .   ? -13.819 -7.293  -8.357  1.00 23.41 ? 135 HOH A O   1 
HETATM 898  O O   . HOH B 2 .   ? -15.627 -2.029  -4.299  1.00 28.27 ? 136 HOH A O   1 
HETATM 899  O O   . HOH B 2 .   ? 3.699   -8.541  -11.632 1.00 23.49 ? 137 HOH A O   1 
HETATM 900  O O   . HOH B 2 .   ? -6.673  -17.085 3.162   1.00 23.68 ? 138 HOH A O   1 
HETATM 901  O O   . HOH B 2 .   ? -7.465  -6.939  -13.948 1.00 24.94 ? 139 HOH A O   1 
HETATM 902  O O   . HOH B 2 .   ? 2.518   -12.443 8.063   1.00 31.88 ? 140 HOH A O   1 
HETATM 903  O O   . HOH B 2 .   ? 10.512  14.173  -4.968  1.00 28.15 ? 141 HOH A O   1 
HETATM 904  O O   . HOH B 2 .   ? 9.462   -9.827  -9.187  1.00 18.75 ? 142 HOH A O   1 
HETATM 905  O O   . HOH B 2 .   ? -9.575  1.192   5.582   1.00 21.06 ? 143 HOH A O   1 
HETATM 906  O O   . HOH B 2 .   ? 10.043  2.276   -11.021 1.00 22.82 ? 144 HOH A O   1 
HETATM 907  O O   . HOH B 2 .   ? -7.835  -11.261 -5.767  1.00 37.81 ? 145 HOH A O   1 
HETATM 908  O O   . HOH B 2 .   ? 8.350   2.591   -13.014 1.00 38.45 ? 146 HOH A O   1 
HETATM 909  O O   . HOH B 2 .   ? 9.671   3.561   -1.219  1.00 43.99 ? 147 HOH A O   1 
HETATM 910  O O   . HOH B 2 .   ? -1.837  9.334   9.211   1.00 31.18 ? 148 HOH A O   1 
HETATM 911  O O   . HOH B 2 .   ? 2.644   11.329  0.274   1.00 24.27 ? 149 HOH A O   1 
HETATM 912  O O   . HOH B 2 .   ? 10.245  -9.911  7.833   1.00 34.93 ? 150 HOH A O   1 
HETATM 913  O O   . HOH B 2 .   ? 7.699   4.244   -7.199  1.00 25.93 ? 151 HOH A O   1 
HETATM 914  O O   . HOH B 2 .   ? 9.968   11.680  -1.300  1.00 24.81 ? 152 HOH A O   1 
HETATM 915  O O   . HOH B 2 .   ? 10.165  11.849  -5.383  1.00 45.34 ? 153 HOH A O   1 
HETATM 916  O O   . HOH B 2 .   ? 10.656  4.476   -4.215  1.00 28.14 ? 154 HOH A O   1 
HETATM 917  O O   . HOH B 2 .   ? -5.988  -8.898  -12.075 1.00 29.53 ? 155 HOH A O   1 
HETATM 918  O O   . HOH B 2 .   ? 9.556   4.401   -5.513  1.00 41.15 ? 156 HOH A O   1 
HETATM 919  O O   . HOH B 2 .   ? -4.370  -19.807 5.294   1.00 38.27 ? 157 HOH A O   1 
HETATM 920  O O   . HOH B 2 .   ? -6.709  -17.014 6.225   1.00 36.36 ? 158 HOH A O   1 
HETATM 921  O O   . HOH B 2 .   ? 1.816   -11.771 -0.262  1.00 32.53 ? 159 HOH A O   1 
HETATM 922  O O   . HOH B 2 .   ? 2.520   -9.624  -0.679  1.00 20.47 ? 160 HOH A O   1 
HETATM 923  O O   . HOH B 2 .   ? -2.566  -9.281  -11.464 1.00 36.87 ? 161 HOH A O   1 
HETATM 924  O O   . HOH B 2 .   ? -13.784 -4.902  -7.247  1.00 22.25 ? 162 HOH A O   1 
HETATM 925  O O   . HOH B 2 .   ? 5.801   -5.506  -5.464  1.00 21.87 ? 163 HOH A O   1 
HETATM 926  O O   . HOH B 2 .   ? -0.969  2.990   17.219  0.50 30.33 ? 164 HOH A O   1 
HETATM 927  O O   . HOH B 2 .   ? -5.224  -19.280 2.594   1.00 25.27 ? 165 HOH A O   1 
HETATM 928  O O   . HOH B 2 .   ? 9.304   5.869   0.889   1.00 29.00 ? 166 HOH A O   1 
HETATM 929  O O   . HOH B 2 .   ? -8.565  -0.003  -14.920 1.00 29.14 ? 167 HOH A O   1 
HETATM 930  O O   . HOH B 2 .   ? -12.747 -0.682  -1.378  1.00 26.05 ? 168 HOH A O   1 
HETATM 931  O O   . HOH B 2 .   ? -4.999  -2.239  -15.435 1.00 30.77 ? 169 HOH A O   1 
HETATM 932  O O   . HOH B 2 .   ? 0.087   -7.147  -15.115 1.00 27.10 ? 170 HOH A O   1 
HETATM 933  O O   . HOH B 2 .   ? 7.486   -8.476  5.944   1.00 27.60 ? 171 HOH A O   1 
HETATM 934  O O   . HOH B 2 .   ? 11.378  5.098   -1.898  1.00 26.21 ? 172 HOH A O   1 
HETATM 935  O O   . HOH B 2 .   ? 12.660  1.793   6.202   1.00 31.39 ? 173 HOH A O   1 
HETATM 936  O O   . HOH B 2 .   ? 12.182  1.072   4.779   1.00 43.70 ? 174 HOH A O   1 
HETATM 937  O O   . HOH B 2 .   ? 3.985   13.609  9.513   1.00 45.80 ? 175 HOH A O   1 
HETATM 938  O O   . HOH B 2 .   ? 3.806   13.579  2.863   1.00 29.63 ? 176 HOH A O   1 
HETATM 939  O O   . HOH B 2 .   ? 13.319  4.397   0.262   1.00 30.19 ? 177 HOH A O   1 
HETATM 940  O O   . HOH B 2 .   ? -3.775  -9.339  -13.600 1.00 45.85 ? 178 HOH A O   1 
HETATM 941  O O   . HOH B 2 .   ? -8.158  -0.008  15.765  1.00 35.72 ? 179 HOH A O   1 
HETATM 942  O O   . HOH B 2 .   ? -12.341 -0.209  -9.063  1.00 28.63 ? 180 HOH A O   1 
HETATM 943  O O   . HOH B 2 .   ? -14.806 -3.849  1.054   1.00 25.17 ? 181 HOH A O   1 
HETATM 944  O O   . HOH B 2 .   ? -2.122  -0.869  -15.826 1.00 33.40 ? 182 HOH A O   1 
HETATM 945  O O   . HOH B 2 .   ? -8.344  5.097   6.877   1.00 35.82 ? 183 HOH A O   1 
HETATM 946  O O   . HOH B 2 .   ? 13.309  2.951   10.932  1.00 33.02 ? 184 HOH A O   1 
HETATM 947  O O   . HOH B 2 .   ? -0.353  16.299  7.483   1.00 38.20 ? 185 HOH A O   1 
HETATM 948  O O   . HOH B 2 .   ? -9.193  12.025  -0.287  1.00 28.40 ? 186 HOH A O   1 
HETATM 949  O O   . HOH B 2 .   ? -10.023 -7.243  -14.375 1.00 30.87 ? 187 HOH A O   1 
HETATM 950  O O   . HOH B 2 .   ? 11.196  10.942  4.934   1.00 28.30 ? 188 HOH A O   1 
HETATM 951  O O   . HOH B 2 .   ? -4.469  14.339  -4.429  1.00 42.46 ? 189 HOH A O   1 
HETATM 952  O O   . HOH B 2 .   ? 1.714   13.455  -2.509  1.00 40.77 ? 190 HOH A O   1 
HETATM 953  O O   . HOH B 2 .   ? 10.915  11.646  1.513   1.00 26.29 ? 191 HOH A O   1 
HETATM 954  O O   . HOH B 2 .   ? -4.358  2.830   18.519  1.00 38.14 ? 192 HOH A O   1 
HETATM 955  O O   . HOH B 2 .   ? -7.535  -10.720 -10.954 1.00 44.34 ? 193 HOH A O   1 
HETATM 956  O O   . HOH B 2 .   ? -13.549 -6.615  -10.954 1.00 35.71 ? 194 HOH A O   1 
HETATM 957  O O   . HOH B 2 .   ? -2.979  4.671   -17.818 1.00 39.02 ? 195 HOH A O   1 
HETATM 958  O O   . HOH B 2 .   ? 6.985   15.629  1.075   1.00 48.30 ? 196 HOH A O   1 
HETATM 959  O O   . HOH B 2 .   ? -1.387  14.793  9.399   1.00 43.10 ? 197 HOH A O   1 
HETATM 960  O O   . HOH B 2 .   ? 0.983   -2.681  -18.765 1.00 31.67 ? 198 HOH A O   1 
HETATM 961  O O   . HOH B 2 .   ? 0.685   -4.752  -18.918 1.00 38.02 ? 199 HOH A O   1 
HETATM 962  O O   . HOH B 2 .   ? 2.424   -15.392 1.845   1.00 39.58 ? 200 HOH A O   1 
HETATM 963  O O   . HOH B 2 .   ? 12.456  -1.944  5.805   1.00 31.19 ? 201 HOH A O   1 
HETATM 964  O O   . HOH B 2 .   ? -1.680  -2.046  -18.255 1.00 40.47 ? 202 HOH A O   1 
HETATM 965  O O   . HOH B 2 .   ? -2.392  -19.848 3.681   1.00 24.14 ? 203 HOH A O   1 
HETATM 966  O O   . HOH B 2 .   ? -8.254  -16.432 8.063   1.00 35.48 ? 204 HOH A O   1 
HETATM 967  O O   . HOH B 2 .   ? -9.148  9.625   -5.099  1.00 38.08 ? 205 HOH A O   1 
HETATM 968  O O   . HOH B 2 .   ? -2.554  -4.147  -17.737 1.00 39.26 ? 206 HOH A O   1 
HETATM 969  O O   . HOH B 2 .   ? 12.275  6.457   10.344  1.00 40.15 ? 207 HOH A O   1 
HETATM 970  O O   . HOH B 2 .   ? -8.590  10.950  -14.588 1.00 49.81 ? 208 HOH A O   1 
HETATM 971  O O   . HOH B 2 .   ? 13.140  4.778   9.154   1.00 44.24 ? 209 HOH A O   1 
HETATM 972  O O   . HOH B 2 .   ? 7.171   -3.283  14.725  1.00 40.97 ? 210 HOH A O   1 
HETATM 973  O O   . HOH B 2 .   ? -11.482 -5.476  -12.733 1.00 29.78 ? 211 HOH A O   1 
HETATM 974  O O   . HOH B 2 .   ? 3.888   -3.941  -15.680 1.00 48.16 ? 212 HOH A O   1 
HETATM 975  O O   . HOH B 2 .   ? 5.666   -2.326  16.633  1.00 32.01 ? 213 HOH A O   1 
HETATM 976  O O   . HOH B 2 .   ? -2.304  -7.411  -15.008 1.00 47.52 ? 214 HOH A O   1 
HETATM 977  O O   . HOH B 2 .   ? 6.109   17.179  -0.394  1.00 47.82 ? 215 HOH A O   1 
HETATM 978  O O   . HOH B 2 .   ? 0.133   2.708   -18.343 1.00 43.63 ? 216 HOH A O   1 
HETATM 979  O O   . HOH B 2 .   ? -6.888  -1.122  -16.412 1.00 44.11 ? 217 HOH A O   1 
HETATM 980  O O   . HOH B 2 .   ? 9.812   9.325   2.334   1.00 28.98 ? 218 HOH A O   1 
HETATM 981  O O   . HOH B 2 .   ? 10.833  7.680   -1.348  1.00 29.86 ? 219 HOH A O   1 
HETATM 982  O O   . HOH B 2 .   ? -9.664  11.334  2.811   1.00 31.99 ? 220 HOH A O   1 
HETATM 983  O O   . HOH B 2 .   ? 2.223   13.856  -0.126  1.00 34.30 ? 221 HOH A O   1 
HETATM 984  O O   . HOH B 2 .   ? 0.835   16.528  -1.841  1.00 47.57 ? 222 HOH A O   1 
HETATM 985  O O   . HOH B 2 .   ? 4.188   15.345  0.529   1.00 47.92 ? 223 HOH A O   1 
HETATM 986  O O   . HOH B 2 .   ? 12.502  -7.717  -15.583 1.00 51.69 ? 224 HOH A O   1 
HETATM 987  O O   . HOH B 2 .   ? 3.322   -12.035 -12.887 1.00 44.48 ? 225 HOH A O   1 
HETATM 988  O O   . HOH B 2 .   ? -15.471 -1.794  -1.676  1.00 31.16 ? 226 HOH A O   1 
HETATM 989  O O   . HOH B 2 .   ? 1.674   6.403   11.239  0.50 27.65 ? 227 HOH A O   1 
HETATM 990  O O   . HOH B 2 .   ? 6.888   -0.530  -16.562 1.00 38.55 ? 228 HOH A O   1 
HETATM 991  O O   . HOH B 2 .   ? 14.635  -6.669  -17.259 1.00 42.59 ? 229 HOH A O   1 
HETATM 992  O O   . HOH B 2 .   ? -0.149  -8.234  -12.868 1.00 43.10 ? 230 HOH A O   1 
HETATM 993  O O   . HOH B 2 .   ? -0.723  -4.382  -15.563 1.00 28.52 ? 231 HOH A O   1 
HETATM 994  O O   . HOH B 2 .   ? -2.234  -10.298 -8.947  1.00 36.79 ? 232 HOH A O   1 
HETATM 995  O O   . HOH B 2 .   ? -10.304 6.220   4.763   1.00 40.81 ? 233 HOH A O   1 
HETATM 996  O O   . HOH B 2 .   ? -12.311 1.559   -3.130  1.00 43.66 ? 234 HOH A O   1 
HETATM 997  O O   . HOH B 2 .   ? 2.648   11.774  -8.304  1.00 32.23 ? 235 HOH A O   1 
HETATM 998  O O   . HOH B 2 .   ? -0.538  9.530   12.170  1.00 43.39 ? 236 HOH A O   1 
HETATM 999  O O   . HOH B 2 .   ? -12.336 0.561   11.988  1.00 34.76 ? 237 HOH A O   1 
HETATM 1000 O O   . HOH B 2 .   ? -0.053  -8.402  -0.718  1.00 21.64 ? 238 HOH A O   1 
HETATM 1001 O O   . HOH B 2 .   ? 11.808  13.427  5.280   1.00 45.70 ? 239 HOH A O   1 
HETATM 1002 O O   . HOH B 2 .   ? -5.784  13.266  -3.420  1.00 38.24 ? 240 HOH A O   1 
HETATM 1003 O O   . HOH B 2 .   ? -5.698  -5.001  -16.267 1.00 41.80 ? 241 HOH A O   1 
HETATM 1004 O O   . HOH B 2 .   ? 9.867   4.343   -19.697 1.00 51.02 ? 242 HOH A O   1 
HETATM 1005 O O   . HOH B 2 .   ? -1.892  17.710  11.028  1.00 40.84 ? 243 HOH A O   1 
HETATM 1006 O O   . HOH B 2 .   ? -11.551 0.004   9.434   1.00 38.52 ? 244 HOH A O   1 
HETATM 1007 O O   . HOH B 2 .   ? -7.755  10.305  6.325   1.00 49.51 ? 245 HOH A O   1 
HETATM 1008 O O   . HOH B 2 .   ? -2.255  -6.307  14.214  1.00 33.97 ? 246 HOH A O   1 
HETATM 1009 O O   . HOH B 2 .   ? 2.754   6.094   -15.288 1.00 43.76 ? 247 HOH A O   1 
HETATM 1010 O O   . HOH B 2 .   ? -11.400 -9.793  -13.420 1.00 44.17 ? 248 HOH A O   1 
HETATM 1011 O O   . HOH B 2 .   ? 4.062   -13.505 13.390  1.00 41.50 ? 249 HOH A O   1 
HETATM 1012 O O   . HOH B 2 .   ? 12.134  -0.448  10.838  1.00 36.27 ? 250 HOH A O   1 
HETATM 1013 O O   . HOH B 2 .   ? -6.459  -10.816 -8.224  1.00 36.59 ? 251 HOH A O   1 
HETATM 1014 O O   . HOH B 2 .   ? -2.270  -13.025 13.297  1.00 37.99 ? 252 HOH A O   1 
HETATM 1015 O O   . HOH B 2 .   ? -13.949 1.009   -5.627  1.00 39.31 ? 253 HOH A O   1 
HETATM 1016 O O   . HOH B 2 .   ? -4.017  -10.541 12.673  1.00 38.90 ? 254 HOH A O   1 
HETATM 1017 O O   . HOH B 2 .   ? -6.956  13.971  5.893   1.00 38.47 ? 255 HOH A O   1 
HETATM 1018 O O   . HOH B 2 .   ? 5.784   -5.488  -14.039 1.00 42.03 ? 256 HOH A O   1 
HETATM 1019 O O   . HOH B 2 .   ? -11.536 -1.658  -15.832 1.00 44.59 ? 257 HOH A O   1 
HETATM 1020 O O   . HOH B 2 .   ? 10.339  9.545   12.066  1.00 41.00 ? 258 HOH A O   1 
HETATM 1021 O O   . HOH B 2 .   ? 0.461   12.534  9.545   1.00 35.85 ? 259 HOH A O   1 
HETATM 1022 O O   . HOH B 2 .   ? -14.653 -3.832  -11.460 1.00 42.00 ? 260 HOH A O   1 
# 
